data_2Y6Q
#
_entry.id   2Y6Q
#
_cell.length_a   68.700
_cell.length_b   79.960
_cell.length_c   88.000
_cell.angle_alpha   111.10
_cell.angle_beta   90.41
_cell.angle_gamma   92.96
#
_symmetry.space_group_name_H-M   'P 1'
#
loop_
_entity.id
_entity.type
_entity.pdbx_description
1 polymer 'TETX2 PROTEIN'
2 non-polymer 'FLAVIN-ADENINE DINUCLEOTIDE'
3 non-polymer 7-IODOTETRACYCLINE
4 non-polymer 'SULFATE ION'
5 water water
#
_entity_poly.entity_id   1
_entity_poly.type   'polypeptide(L)'
_entity_poly.pdbx_seq_one_letter_code
;MGSSHHHHHHSSGLVPRGSHMNLLSDKNVAIIGGGPVGLTMAKLLQQNGIDVSVYERDNDREARIFGGTLDLHKGSGQEA
MKKAGLLQTYYDLALPMGVNIADEKGNILSTKNVKPENRFDNPEINRNDLRAILLNSLENDTVIWDRKLVMLEPGKKKWT
LTFENKPSETADLVILANGGMSKVRKFVTDTEVEETGTFNIQADIHQPEINCPGFFQLCNGNRLMASHQGNLLFANPNNN
GALHFGISFKTPDEWKNQTQVDFQNRNSVVDFLLKEFSDWDERYKELIHTTLSFVGLATRIFPLEKPWKSKRPLPITMIG
DAAHLMPPFAGQGVNSGLVDALILSDNLADGKFNSIEEAVKNYEQQMFIYGKEAQEESTQNEIEMFKPDFTFQQLLNV
;
_entity_poly.pdbx_strand_id   A,B,C,D
#
loop_
_chem_comp.id
_chem_comp.type
_chem_comp.name
_chem_comp.formula
FAD non-polymer 'FLAVIN-ADENINE DINUCLEOTIDE' 'C27 H33 N9 O15 P2'
I7T non-polymer 7-IODOTETRACYCLINE 'C21 H21 I N2 O7'
SO4 non-polymer 'SULFATE ION' 'O4 S -2'
#
# COMPACT_ATOMS: atom_id res chain seq x y z
N LEU A 23 -34.84 -23.12 5.67
CA LEU A 23 -35.15 -22.99 4.19
C LEU A 23 -34.27 -23.95 3.35
N LEU A 24 -33.04 -24.13 3.82
CA LEU A 24 -32.17 -25.25 3.48
C LEU A 24 -32.15 -26.27 4.64
N SER A 25 -33.20 -26.20 5.46
CA SER A 25 -33.26 -26.86 6.75
C SER A 25 -32.77 -28.32 6.77
N ASP A 26 -33.26 -29.18 5.90
CA ASP A 26 -32.77 -30.57 5.92
C ASP A 26 -31.76 -30.90 4.82
N LYS A 27 -31.01 -29.90 4.38
CA LYS A 27 -30.31 -30.02 3.13
C LYS A 27 -28.87 -29.57 3.25
N ASN A 28 -28.05 -29.89 2.25
CA ASN A 28 -26.65 -29.51 2.28
C ASN A 28 -26.28 -28.78 1.02
N VAL A 29 -25.27 -27.92 1.11
CA VAL A 29 -24.89 -27.08 -0.02
C VAL A 29 -23.44 -27.35 -0.44
N ALA A 30 -23.18 -27.43 -1.74
CA ALA A 30 -21.83 -27.68 -2.19
C ALA A 30 -21.37 -26.48 -2.97
N ILE A 31 -20.28 -25.85 -2.46
CA ILE A 31 -19.69 -24.73 -3.11
C ILE A 31 -18.49 -25.29 -3.85
N ILE A 32 -18.43 -25.07 -5.16
CA ILE A 32 -17.31 -25.53 -5.96
C ILE A 32 -16.36 -24.41 -6.09
N GLY A 33 -15.20 -24.55 -5.49
CA GLY A 33 -14.23 -23.47 -5.46
C GLY A 33 -14.06 -22.68 -4.18
N GLY A 34 -12.84 -22.63 -3.69
CA GLY A 34 -12.44 -21.96 -2.45
C GLY A 34 -11.55 -20.74 -2.65
N GLY A 35 -12.01 -19.87 -3.57
CA GLY A 35 -11.43 -18.58 -3.71
C GLY A 35 -12.01 -17.66 -2.62
N PRO A 36 -11.78 -16.35 -2.73
CA PRO A 36 -12.31 -15.38 -1.85
C PRO A 36 -13.79 -15.42 -1.90
N VAL A 37 -14.37 -15.52 -3.10
CA VAL A 37 -15.84 -15.51 -3.23
C VAL A 37 -16.53 -16.73 -2.60
N GLY A 38 -15.98 -17.90 -2.85
CA GLY A 38 -16.49 -19.16 -2.37
C GLY A 38 -16.32 -19.31 -0.90
N LEU A 39 -15.18 -18.94 -0.38
CA LEU A 39 -14.99 -19.05 1.07
C LEU A 39 -15.91 -18.09 1.83
N THR A 40 -16.12 -16.92 1.27
CA THR A 40 -16.94 -15.97 1.93
C THR A 40 -18.37 -16.48 1.94
N MET A 41 -18.81 -16.97 0.78
CA MET A 41 -20.12 -17.63 0.68
C MET A 41 -20.23 -18.65 1.80
N ALA A 42 -19.26 -19.55 1.89
CA ALA A 42 -19.25 -20.56 2.95
C ALA A 42 -19.46 -19.97 4.31
N LYS A 43 -18.80 -18.84 4.60
CA LYS A 43 -18.87 -18.26 5.96
C LYS A 43 -20.27 -17.73 6.27
N LEU A 44 -20.82 -16.97 5.31
CA LEU A 44 -22.13 -16.32 5.50
C LEU A 44 -23.21 -17.35 5.65
N LEU A 45 -23.09 -18.45 4.93
CA LEU A 45 -24.02 -19.56 5.07
C LEU A 45 -23.80 -20.32 6.39
N GLN A 46 -22.57 -20.58 6.75
CA GLN A 46 -22.29 -21.39 7.93
C GLN A 46 -22.71 -20.70 9.19
N GLN A 47 -22.57 -19.38 9.22
CA GLN A 47 -23.01 -18.61 10.41
C GLN A 47 -24.53 -18.54 10.62
N ASN A 48 -25.32 -18.90 9.61
CA ASN A 48 -26.76 -19.09 9.73
C ASN A 48 -27.18 -20.54 9.94
N GLY A 49 -26.22 -21.40 10.29
CA GLY A 49 -26.51 -22.79 10.59
C GLY A 49 -26.72 -23.70 9.39
N ILE A 50 -26.26 -23.28 8.22
CA ILE A 50 -26.45 -24.06 7.03
C ILE A 50 -25.23 -24.98 6.81
N ASP A 51 -25.52 -26.25 6.54
CA ASP A 51 -24.55 -27.30 6.28
C ASP A 51 -23.92 -27.08 4.91
N VAL A 52 -22.65 -26.75 4.88
CA VAL A 52 -22.03 -26.44 3.64
C VAL A 52 -20.65 -27.03 3.57
N SER A 53 -20.23 -27.40 2.39
CA SER A 53 -18.84 -27.83 2.17
C SER A 53 -18.29 -27.07 0.99
N VAL A 54 -17.02 -26.76 1.04
CA VAL A 54 -16.33 -26.16 -0.08
C VAL A 54 -15.39 -27.22 -0.64
N TYR A 55 -15.53 -27.50 -1.92
CA TYR A 55 -14.61 -28.42 -2.58
C TYR A 55 -13.61 -27.59 -3.41
N GLU A 56 -12.34 -27.79 -3.09
CA GLU A 56 -11.27 -27.00 -3.67
C GLU A 56 -10.18 -27.85 -4.30
N ARG A 57 -9.94 -27.56 -5.58
CA ARG A 57 -8.92 -28.16 -6.42
C ARG A 57 -7.54 -28.20 -5.78
N ASP A 58 -7.09 -27.06 -5.25
CA ASP A 58 -5.78 -26.96 -4.63
C ASP A 58 -5.53 -28.07 -3.63
N ASN A 59 -4.26 -28.41 -3.57
CA ASN A 59 -3.81 -29.54 -2.79
C ASN A 59 -3.97 -29.35 -1.27
N ASP A 60 -3.84 -28.13 -0.78
CA ASP A 60 -3.91 -27.88 0.66
C ASP A 60 -3.87 -26.40 0.98
N ARG A 61 -4.18 -26.06 2.23
CA ARG A 61 -4.21 -24.64 2.73
C ARG A 61 -3.06 -23.78 2.30
N GLU A 62 -1.87 -24.37 2.19
CA GLU A 62 -0.67 -23.58 1.93
C GLU A 62 -0.24 -23.42 0.46
N ALA A 63 -1.06 -23.84 -0.50
CA ALA A 63 -0.77 -23.62 -1.95
C ALA A 63 -0.65 -22.14 -2.18
N ARG A 64 0.43 -21.72 -2.81
CA ARG A 64 0.65 -20.30 -3.15
C ARG A 64 -0.36 -19.84 -4.17
N ILE A 65 -1.02 -18.73 -3.90
CA ILE A 65 -1.92 -18.17 -4.86
C ILE A 65 -1.10 -17.15 -5.60
N PHE A 66 -1.04 -17.23 -6.90
CA PHE A 66 -0.31 -16.27 -7.66
C PHE A 66 -1.21 -15.07 -8.03
N GLY A 67 -0.59 -13.91 -8.11
CA GLY A 67 -1.32 -12.66 -8.39
C GLY A 67 -0.91 -11.52 -7.46
N GLY A 68 -1.28 -10.31 -7.84
CA GLY A 68 -1.21 -9.16 -6.98
C GLY A 68 -2.27 -9.15 -5.84
N THR A 69 -2.50 -7.98 -5.25
CA THR A 69 -3.28 -7.84 -4.06
C THR A 69 -4.68 -7.45 -4.50
N LEU A 70 -5.61 -7.59 -3.58
CA LEU A 70 -7.04 -7.24 -3.73
C LEU A 70 -7.36 -6.11 -2.79
N ASP A 71 -8.30 -5.25 -3.14
CA ASP A 71 -8.68 -4.18 -2.24
C ASP A 71 -10.17 -4.26 -2.11
N LEU A 72 -10.69 -4.29 -0.91
CA LEU A 72 -12.15 -4.37 -0.66
C LEU A 72 -12.73 -2.97 -0.48
N HIS A 73 -13.80 -2.68 -1.17
CA HIS A 73 -14.41 -1.35 -1.13
C HIS A 73 -15.50 -1.14 -0.02
N LYS A 74 -15.60 0.07 0.49
CA LYS A 74 -16.51 0.38 1.58
C LYS A 74 -17.97 0.02 1.35
N GLY A 75 -18.46 0.11 0.12
CA GLY A 75 -19.88 -0.26 -0.07
C GLY A 75 -20.19 -1.73 -0.40
N SER A 76 -19.16 -2.52 -0.66
CA SER A 76 -19.36 -3.79 -1.27
C SER A 76 -18.59 -4.81 -0.50
N GLY A 77 -17.35 -5.01 -0.93
CA GLY A 77 -16.48 -5.99 -0.31
C GLY A 77 -16.43 -5.91 1.20
N GLN A 78 -16.29 -4.69 1.73
CA GLN A 78 -16.18 -4.48 3.19
C GLN A 78 -17.46 -4.84 3.90
N GLU A 79 -18.58 -4.75 3.17
CA GLU A 79 -19.86 -5.09 3.73
C GLU A 79 -19.96 -6.62 3.94
N ALA A 80 -19.37 -7.40 3.04
CA ALA A 80 -19.41 -8.86 3.17
C ALA A 80 -18.62 -9.26 4.38
N MET A 81 -17.42 -8.67 4.52
CA MET A 81 -16.51 -8.94 5.63
C MET A 81 -17.15 -8.50 6.94
N LYS A 82 -17.78 -7.33 6.92
CA LYS A 82 -18.51 -6.84 8.04
C LYS A 82 -19.59 -7.81 8.48
N LYS A 83 -20.35 -8.36 7.54
CA LYS A 83 -21.43 -9.31 7.86
C LYS A 83 -20.80 -10.61 8.34
N ALA A 84 -19.55 -10.84 7.95
CA ALA A 84 -18.85 -12.04 8.37
C ALA A 84 -18.17 -11.88 9.73
N GLY A 85 -18.14 -10.64 10.27
CA GLY A 85 -17.37 -10.34 11.49
C GLY A 85 -15.85 -10.32 11.26
N LEU A 86 -15.44 -10.08 10.01
CA LEU A 86 -14.04 -10.07 9.59
C LEU A 86 -13.40 -8.70 9.09
N LEU A 87 -14.11 -7.60 9.20
CA LEU A 87 -13.63 -6.35 8.70
C LEU A 87 -12.35 -5.94 9.44
N GLN A 88 -12.39 -6.01 10.73
CA GLN A 88 -11.24 -5.54 11.51
C GLN A 88 -10.02 -6.36 11.16
N THR A 89 -10.20 -7.67 10.97
CA THR A 89 -9.10 -8.53 10.67
C THR A 89 -8.57 -8.18 9.30
N TYR A 90 -9.47 -7.93 8.36
CA TYR A 90 -9.08 -7.39 7.03
C TYR A 90 -8.32 -6.02 7.21
N TYR A 91 -8.81 -5.11 8.03
CA TYR A 91 -8.02 -3.95 8.24
C TYR A 91 -6.63 -4.26 8.83
N ASP A 92 -6.54 -5.18 9.78
CA ASP A 92 -5.30 -5.50 10.46
C ASP A 92 -4.30 -6.03 9.50
N LEU A 93 -4.71 -6.80 8.53
CA LEU A 93 -3.71 -7.42 7.67
C LEU A 93 -3.45 -6.55 6.38
N ALA A 94 -4.35 -5.62 6.10
CA ALA A 94 -4.38 -4.86 4.82
C ALA A 94 -3.48 -3.64 4.98
N LEU A 95 -2.96 -3.19 3.87
CA LEU A 95 -1.92 -2.16 3.83
C LEU A 95 -2.49 -1.09 2.89
N PRO A 96 -2.82 0.06 3.42
CA PRO A 96 -3.20 1.11 2.49
C PRO A 96 -2.04 1.60 1.66
N MET A 97 -2.30 1.99 0.41
CA MET A 97 -1.23 2.45 -0.45
C MET A 97 -1.50 3.67 -1.28
N GLY A 98 -0.45 4.44 -1.44
CA GLY A 98 -0.43 5.52 -2.37
C GLY A 98 -0.28 5.03 -3.75
N VAL A 99 -0.38 5.95 -4.71
CA VAL A 99 -0.23 5.67 -6.11
C VAL A 99 0.60 6.75 -6.78
N ASN A 100 1.56 6.30 -7.55
CA ASN A 100 2.39 7.15 -8.34
C ASN A 100 2.04 6.85 -9.77
N ILE A 101 1.90 7.89 -10.57
CA ILE A 101 1.80 7.73 -12.00
C ILE A 101 3.09 8.26 -12.57
N ALA A 102 3.78 7.45 -13.35
CA ALA A 102 5.03 7.78 -14.00
C ALA A 102 4.92 7.67 -15.54
N ASP A 103 5.74 8.39 -16.27
CA ASP A 103 5.90 8.18 -17.72
C ASP A 103 7.04 7.18 -17.99
N GLU A 104 7.26 6.86 -19.25
CA GLU A 104 8.31 5.93 -19.61
C GLU A 104 9.73 6.37 -19.22
N LYS A 105 9.90 7.54 -18.52
CA LYS A 105 10.97 7.75 -17.46
C LYS A 105 10.50 8.30 -16.02
N GLY A 106 10.02 9.58 -15.86
CA GLY A 106 9.75 10.35 -14.56
C GLY A 106 8.36 10.34 -13.83
N ASN A 107 8.24 10.96 -12.63
CA ASN A 107 6.93 10.95 -11.88
C ASN A 107 5.98 12.06 -12.17
N ILE A 108 4.75 11.73 -12.46
CA ILE A 108 3.84 12.70 -12.93
C ILE A 108 2.82 13.10 -11.86
N LEU A 109 2.43 12.15 -11.01
CA LEU A 109 1.49 12.44 -9.91
C LEU A 109 1.80 11.50 -8.81
N SER A 110 1.65 11.96 -7.58
CA SER A 110 1.89 11.18 -6.39
C SER A 110 0.68 11.37 -5.46
N THR A 111 -0.17 10.37 -5.30
CA THR A 111 -1.31 10.45 -4.37
C THR A 111 -0.99 9.62 -3.17
N LYS A 112 -0.46 10.22 -2.13
CA LYS A 112 -0.23 9.49 -0.88
C LYS A 112 -1.59 9.32 -0.20
N ASN A 113 -1.71 8.39 0.74
CA ASN A 113 -3.00 8.22 1.42
C ASN A 113 -3.11 9.11 2.64
N VAL A 114 -4.21 9.85 2.68
CA VAL A 114 -4.53 10.70 3.79
C VAL A 114 -5.18 9.87 4.90
N LYS A 115 -4.90 10.25 6.12
CA LYS A 115 -5.28 9.44 7.26
C LYS A 115 -6.80 9.15 7.38
N PRO A 116 -7.68 10.09 6.94
CA PRO A 116 -9.11 9.75 6.90
C PRO A 116 -9.53 8.88 5.71
N GLU A 117 -8.61 8.56 4.79
CA GLU A 117 -8.91 7.68 3.67
C GLU A 117 -8.30 6.29 3.80
N ASN A 118 -7.61 5.97 4.88
CA ASN A 118 -6.77 4.76 4.95
C ASN A 118 -7.51 3.43 5.19
N ARG A 119 -8.74 3.51 5.69
CA ARG A 119 -9.61 2.35 5.89
C ARG A 119 -10.56 2.23 4.68
N PHE A 120 -10.39 3.15 3.76
CA PHE A 120 -11.51 3.56 2.96
C PHE A 120 -11.22 2.98 1.64
N ASP A 121 -11.90 1.89 1.25
CA ASP A 121 -11.96 1.46 -0.15
C ASP A 121 -10.50 1.50 -0.79
N ASN A 122 -9.59 1.07 0.07
CA ASN A 122 -8.20 1.17 -0.26
C ASN A 122 -7.53 -0.10 0.07
N PRO A 123 -7.60 -0.56 1.33
CA PRO A 123 -6.44 -1.27 1.88
C PRO A 123 -6.17 -2.54 1.09
N GLU A 124 -4.96 -2.64 0.54
CA GLU A 124 -4.49 -3.76 -0.22
C GLU A 124 -4.23 -4.92 0.69
N ILE A 125 -4.75 -6.08 0.30
CA ILE A 125 -4.46 -7.31 1.03
C ILE A 125 -3.94 -8.40 0.11
N ASN A 126 -3.02 -9.18 0.64
CA ASN A 126 -2.43 -10.27 -0.06
C ASN A 126 -3.47 -11.41 -0.11
N ARG A 127 -3.46 -12.19 -1.17
CA ARG A 127 -4.46 -13.19 -1.42
C ARG A 127 -4.36 -14.36 -0.49
N ASN A 128 -3.16 -14.77 -0.13
CA ASN A 128 -3.07 -15.86 0.81
C ASN A 128 -3.55 -15.38 2.16
N ASP A 129 -3.17 -14.14 2.53
CA ASP A 129 -3.64 -13.54 3.74
C ASP A 129 -5.18 -13.53 3.83
N LEU A 130 -5.82 -13.09 2.76
CA LEU A 130 -7.30 -13.05 2.69
C LEU A 130 -7.84 -14.46 2.88
N ARG A 131 -7.30 -15.42 2.16
CA ARG A 131 -7.71 -16.85 2.27
C ARG A 131 -7.55 -17.34 3.65
N ALA A 132 -6.46 -16.96 4.30
CA ALA A 132 -6.21 -17.44 5.66
C ALA A 132 -7.27 -16.84 6.65
N ILE A 133 -7.68 -15.59 6.40
CA ILE A 133 -8.75 -14.97 7.21
C ILE A 133 -10.02 -15.74 7.00
N LEU A 134 -10.40 -15.92 5.75
CA LEU A 134 -11.66 -16.63 5.52
C LEU A 134 -11.58 -18.01 6.10
N LEU A 135 -10.60 -18.81 5.72
CA LEU A 135 -10.54 -20.23 6.22
C LEU A 135 -10.61 -20.34 7.72
N ASN A 136 -10.03 -19.37 8.40
CA ASN A 136 -9.90 -19.47 9.86
C ASN A 136 -11.28 -19.23 10.51
N SER A 137 -12.15 -18.51 9.78
CA SER A 137 -13.43 -18.10 10.27
C SER A 137 -14.41 -19.26 10.18
N LEU A 138 -14.03 -20.30 9.44
CA LEU A 138 -14.91 -21.43 9.19
C LEU A 138 -14.74 -22.59 10.17
N GLU A 139 -15.77 -23.39 10.32
CA GLU A 139 -15.61 -24.61 11.09
C GLU A 139 -14.59 -25.55 10.47
N ASN A 140 -14.08 -26.45 11.27
CA ASN A 140 -13.07 -27.39 10.81
C ASN A 140 -13.66 -28.35 9.77
N ASP A 141 -12.89 -28.66 8.72
CA ASP A 141 -13.35 -29.59 7.67
C ASP A 141 -14.56 -29.09 6.85
N THR A 142 -14.72 -27.78 6.76
CA THR A 142 -15.67 -27.19 5.86
C THR A 142 -15.10 -27.30 4.46
N VAL A 143 -13.87 -26.88 4.27
CA VAL A 143 -13.18 -27.04 3.01
C VAL A 143 -12.57 -28.42 2.91
N ILE A 144 -12.82 -29.09 1.76
CA ILE A 144 -12.19 -30.37 1.41
C ILE A 144 -11.22 -30.12 0.25
N TRP A 145 -9.94 -30.37 0.47
CA TRP A 145 -8.89 -29.97 -0.45
C TRP A 145 -8.65 -31.11 -1.44
N ASP A 146 -7.95 -30.79 -2.53
CA ASP A 146 -7.57 -31.81 -3.50
C ASP A 146 -8.81 -32.40 -4.15
N ARG A 147 -9.82 -31.57 -4.40
CA ARG A 147 -11.07 -31.95 -5.05
C ARG A 147 -11.33 -31.17 -6.33
N LYS A 148 -11.07 -31.75 -7.48
CA LYS A 148 -11.25 -31.10 -8.74
C LYS A 148 -12.53 -31.63 -9.29
N LEU A 149 -13.57 -30.79 -9.26
CA LEU A 149 -14.84 -31.13 -9.82
C LEU A 149 -14.67 -31.21 -11.32
N VAL A 150 -15.00 -32.39 -11.91
CA VAL A 150 -14.93 -32.59 -13.38
C VAL A 150 -16.31 -32.77 -13.99
N MET A 151 -17.23 -33.27 -13.21
CA MET A 151 -18.52 -33.56 -13.77
C MET A 151 -19.58 -33.36 -12.71
N LEU A 152 -20.75 -33.03 -13.21
CA LEU A 152 -21.88 -32.70 -12.41
C LEU A 152 -23.08 -33.36 -13.05
N GLU A 153 -23.98 -33.95 -12.27
CA GLU A 153 -25.01 -34.76 -12.84
C GLU A 153 -26.21 -34.71 -11.92
N PRO A 154 -27.38 -34.37 -12.47
CA PRO A 154 -28.59 -34.27 -11.66
C PRO A 154 -29.31 -35.60 -11.41
N GLY A 155 -29.43 -35.96 -10.14
CA GLY A 155 -30.18 -37.09 -9.73
C GLY A 155 -31.63 -36.69 -9.60
N LYS A 156 -32.31 -37.33 -8.65
CA LYS A 156 -33.73 -37.24 -8.48
C LYS A 156 -34.05 -36.05 -7.54
N LYS A 157 -33.35 -36.01 -6.40
CA LYS A 157 -33.48 -34.92 -5.43
C LYS A 157 -32.10 -34.33 -5.08
N LYS A 158 -31.04 -34.79 -5.74
CA LYS A 158 -29.70 -34.36 -5.42
C LYS A 158 -28.71 -34.41 -6.61
N TRP A 159 -27.71 -33.54 -6.52
CA TRP A 159 -26.67 -33.49 -7.51
C TRP A 159 -25.62 -34.55 -7.17
N THR A 160 -25.17 -35.28 -8.18
CA THR A 160 -23.99 -36.12 -7.98
C THR A 160 -22.75 -35.37 -8.56
N LEU A 161 -21.73 -35.28 -7.73
CA LEU A 161 -20.51 -34.55 -8.03
C LEU A 161 -19.31 -35.46 -8.18
N THR A 162 -18.68 -35.41 -9.34
CA THR A 162 -17.55 -36.24 -9.70
C THR A 162 -16.24 -35.48 -9.59
N PHE A 163 -15.30 -36.04 -8.81
CA PHE A 163 -14.01 -35.42 -8.58
C PHE A 163 -12.86 -36.28 -9.07
N GLU A 164 -11.85 -35.65 -9.69
CA GLU A 164 -10.80 -36.46 -10.32
C GLU A 164 -10.14 -37.40 -9.29
N ASN A 165 -10.16 -38.69 -9.55
CA ASN A 165 -9.54 -39.66 -8.65
C ASN A 165 -9.92 -39.55 -7.19
N LYS A 166 -11.17 -39.24 -6.89
CA LYS A 166 -11.62 -39.15 -5.48
C LYS A 166 -13.08 -39.50 -5.38
N PRO A 167 -13.54 -39.78 -4.16
CA PRO A 167 -14.93 -40.25 -4.06
C PRO A 167 -15.94 -39.21 -4.50
N SER A 168 -17.00 -39.63 -5.15
CA SER A 168 -18.02 -38.66 -5.50
C SER A 168 -18.89 -38.32 -4.31
N GLU A 169 -19.61 -37.22 -4.42
CA GLU A 169 -20.39 -36.68 -3.32
C GLU A 169 -21.69 -36.19 -3.88
N THR A 170 -22.62 -35.90 -3.01
CA THR A 170 -23.90 -35.42 -3.43
C THR A 170 -24.21 -34.15 -2.69
N ALA A 171 -25.05 -33.28 -3.29
CA ALA A 171 -25.54 -32.07 -2.64
C ALA A 171 -26.90 -31.60 -3.16
N ASP A 172 -27.67 -30.89 -2.33
CA ASP A 172 -29.03 -30.40 -2.70
C ASP A 172 -28.93 -29.18 -3.54
N LEU A 173 -27.91 -28.39 -3.30
CA LEU A 173 -27.71 -27.10 -3.99
C LEU A 173 -26.24 -26.98 -4.33
N VAL A 174 -25.91 -26.67 -5.58
CA VAL A 174 -24.53 -26.43 -5.96
C VAL A 174 -24.40 -24.99 -6.24
N ILE A 175 -23.38 -24.36 -5.66
CA ILE A 175 -23.00 -23.04 -6.00
C ILE A 175 -21.64 -23.12 -6.64
N LEU A 176 -21.55 -22.68 -7.89
CA LEU A 176 -20.29 -22.69 -8.61
C LEU A 176 -19.58 -21.39 -8.21
N ALA A 177 -18.38 -21.52 -7.64
CA ALA A 177 -17.56 -20.41 -7.26
C ALA A 177 -16.13 -20.73 -7.79
N ASN A 178 -16.03 -21.37 -8.94
CA ASN A 178 -14.76 -21.94 -9.34
C ASN A 178 -14.00 -21.17 -10.44
N GLY A 179 -14.31 -19.87 -10.51
CA GLY A 179 -13.49 -19.01 -11.34
C GLY A 179 -13.99 -18.83 -12.73
N GLY A 180 -13.27 -17.99 -13.49
CA GLY A 180 -13.72 -17.50 -14.78
C GLY A 180 -13.73 -18.53 -15.88
N MET A 181 -12.95 -19.60 -15.74
CA MET A 181 -12.84 -20.63 -16.78
C MET A 181 -13.52 -21.97 -16.35
N SER A 182 -14.48 -21.87 -15.42
CA SER A 182 -15.28 -22.99 -15.03
C SER A 182 -15.84 -23.71 -16.27
N LYS A 183 -15.67 -25.04 -16.25
CA LYS A 183 -16.06 -25.94 -17.31
C LYS A 183 -17.35 -26.61 -17.02
N VAL A 184 -18.03 -26.23 -15.94
CA VAL A 184 -19.13 -27.01 -15.50
C VAL A 184 -20.35 -26.10 -15.34
N ARG A 185 -20.54 -25.23 -16.30
CA ARG A 185 -21.62 -24.23 -16.23
C ARG A 185 -22.87 -24.58 -17.04
N LYS A 186 -22.87 -25.68 -17.78
CA LYS A 186 -23.91 -25.94 -18.78
C LYS A 186 -25.34 -25.98 -18.22
N PHE A 187 -25.51 -26.41 -16.98
CA PHE A 187 -26.85 -26.45 -16.40
C PHE A 187 -27.42 -25.07 -16.04
N VAL A 188 -26.55 -24.05 -15.89
CA VAL A 188 -27.01 -22.65 -15.73
C VAL A 188 -27.12 -21.85 -17.05
N THR A 189 -26.10 -21.95 -17.89
CA THR A 189 -26.02 -21.16 -19.12
C THR A 189 -25.07 -21.82 -20.13
N ASP A 190 -25.37 -21.57 -21.41
CA ASP A 190 -24.58 -22.03 -22.57
C ASP A 190 -23.61 -20.95 -23.02
N THR A 191 -23.73 -19.77 -22.41
CA THR A 191 -22.84 -18.67 -22.64
C THR A 191 -21.40 -19.11 -22.44
N GLU A 192 -20.52 -18.58 -23.25
CA GLU A 192 -19.13 -18.92 -23.21
C GLU A 192 -18.24 -17.75 -22.89
N VAL A 193 -17.17 -18.06 -22.24
CA VAL A 193 -16.12 -17.14 -22.14
C VAL A 193 -15.62 -16.57 -23.49
N GLU A 194 -15.35 -15.25 -23.49
CA GLU A 194 -14.80 -14.53 -24.65
C GLU A 194 -13.53 -13.77 -24.29
N GLU A 195 -12.62 -13.69 -25.25
CA GLU A 195 -11.43 -12.84 -25.21
C GLU A 195 -11.81 -11.41 -25.60
N THR A 196 -11.28 -10.40 -24.92
CA THR A 196 -11.70 -9.04 -25.18
C THR A 196 -10.77 -8.31 -26.14
N GLY A 197 -9.60 -8.86 -26.40
CA GLY A 197 -8.64 -8.22 -27.30
C GLY A 197 -7.34 -7.67 -26.68
N THR A 198 -7.26 -7.61 -25.36
CA THR A 198 -6.00 -7.29 -24.72
C THR A 198 -5.36 -8.55 -24.06
N PHE A 199 -4.15 -8.42 -23.58
CA PHE A 199 -3.39 -9.56 -23.07
C PHE A 199 -2.58 -9.04 -21.88
N ASN A 200 -2.32 -9.89 -20.88
CA ASN A 200 -1.61 -9.51 -19.66
C ASN A 200 -0.45 -10.43 -19.35
N ILE A 201 0.73 -9.85 -19.07
CA ILE A 201 1.85 -10.58 -18.58
C ILE A 201 2.11 -10.16 -17.14
N GLN A 202 2.06 -11.10 -16.19
CA GLN A 202 2.30 -10.87 -14.75
C GLN A 202 3.54 -11.56 -14.23
N ALA A 203 4.27 -10.99 -13.26
CA ALA A 203 5.45 -11.64 -12.65
C ALA A 203 5.65 -11.09 -11.25
N ASP A 204 6.36 -11.86 -10.39
CA ASP A 204 6.82 -11.44 -9.09
C ASP A 204 8.29 -11.30 -9.12
N ILE A 205 8.85 -10.27 -8.46
CA ILE A 205 10.29 -10.13 -8.17
C ILE A 205 10.47 -10.13 -6.65
N HIS A 206 11.25 -11.07 -6.12
CA HIS A 206 11.63 -11.10 -4.71
C HIS A 206 12.88 -10.24 -4.42
N GLN A 207 12.93 -9.68 -3.20
CA GLN A 207 13.96 -8.73 -2.83
C GLN A 207 14.04 -7.63 -3.88
N PRO A 208 12.90 -7.02 -4.14
CA PRO A 208 12.90 -6.01 -5.17
C PRO A 208 13.89 -4.89 -4.92
N GLU A 209 14.20 -4.62 -3.66
CA GLU A 209 15.13 -3.54 -3.34
C GLU A 209 16.58 -3.86 -3.74
N ILE A 210 16.88 -5.18 -3.82
CA ILE A 210 18.15 -5.71 -4.33
C ILE A 210 18.09 -5.94 -5.82
N ASN A 211 16.98 -6.50 -6.29
CA ASN A 211 16.92 -7.03 -7.65
C ASN A 211 16.39 -6.06 -8.67
N CYS A 212 15.52 -5.13 -8.29
CA CYS A 212 15.23 -4.01 -9.17
C CYS A 212 15.27 -2.66 -8.42
N PRO A 213 16.48 -2.27 -7.98
CA PRO A 213 16.59 -1.14 -7.09
C PRO A 213 15.93 0.12 -7.63
N GLY A 214 16.39 0.57 -8.81
CA GLY A 214 15.88 1.77 -9.45
C GLY A 214 14.36 1.81 -9.57
N PHE A 215 13.75 0.69 -10.00
CA PHE A 215 12.30 0.64 -10.09
C PHE A 215 11.64 0.60 -8.71
N PHE A 216 12.21 -0.18 -7.79
CA PHE A 216 11.70 -0.18 -6.41
C PHE A 216 11.73 1.28 -5.87
N GLN A 217 12.82 2.00 -6.14
CA GLN A 217 12.93 3.39 -5.71
C GLN A 217 11.91 4.32 -6.41
N LEU A 218 11.51 4.07 -7.64
CA LEU A 218 10.46 4.87 -8.25
C LEU A 218 9.11 4.64 -7.52
N CYS A 219 8.82 3.40 -7.19
CA CYS A 219 7.56 3.09 -6.53
C CYS A 219 7.53 3.86 -5.21
N ASN A 220 8.66 3.87 -4.52
CA ASN A 220 8.81 4.60 -3.24
C ASN A 220 7.71 4.24 -2.24
N GLY A 221 7.37 2.97 -2.17
CA GLY A 221 6.35 2.52 -1.26
C GLY A 221 4.94 2.71 -1.77
N ASN A 222 4.82 3.22 -2.98
CA ASN A 222 3.49 3.33 -3.61
C ASN A 222 3.31 2.37 -4.77
N ARG A 223 2.06 2.17 -5.16
CA ARG A 223 1.77 1.50 -6.42
C ARG A 223 2.22 2.46 -7.52
N LEU A 224 2.55 1.88 -8.67
CA LEU A 224 3.01 2.62 -9.82
C LEU A 224 2.27 2.21 -11.08
N MET A 225 1.89 3.20 -11.90
CA MET A 225 1.31 2.95 -13.22
C MET A 225 1.96 3.84 -14.22
N ALA A 226 2.27 3.31 -15.37
CA ALA A 226 2.81 4.05 -16.46
C ALA A 226 2.15 3.53 -17.76
N SER A 227 1.85 4.41 -18.69
CA SER A 227 1.41 3.97 -19.99
C SER A 227 2.07 4.71 -21.11
N HIS A 228 2.46 4.01 -22.17
CA HIS A 228 3.16 4.62 -23.29
C HIS A 228 3.05 3.80 -24.56
N GLN A 229 2.55 4.45 -25.63
CA GLN A 229 2.46 3.87 -26.97
C GLN A 229 1.81 2.49 -26.97
N GLY A 230 0.71 2.35 -26.24
CA GLY A 230 -0.05 1.15 -26.28
C GLY A 230 0.30 0.14 -25.22
N ASN A 231 1.41 0.33 -24.51
CA ASN A 231 1.83 -0.64 -23.43
C ASN A 231 1.57 -0.04 -22.09
N LEU A 232 0.89 -0.78 -21.21
CA LEU A 232 0.57 -0.34 -19.84
C LEU A 232 1.37 -1.17 -18.83
N LEU A 233 1.98 -0.55 -17.83
CA LEU A 233 2.76 -1.24 -16.78
C LEU A 233 2.14 -0.87 -15.43
N PHE A 234 1.90 -1.83 -14.56
CA PHE A 234 1.36 -1.58 -13.21
C PHE A 234 2.23 -2.31 -12.23
N ALA A 235 2.53 -1.72 -11.11
CA ALA A 235 3.34 -2.49 -10.12
C ALA A 235 2.83 -2.23 -8.72
N ASN A 236 3.02 -3.19 -7.86
CA ASN A 236 2.83 -3.01 -6.44
C ASN A 236 4.11 -3.50 -5.80
N PRO A 237 4.82 -2.64 -5.08
CA PRO A 237 6.14 -3.00 -4.63
C PRO A 237 6.18 -3.78 -3.32
N ASN A 238 5.05 -3.93 -2.70
CA ASN A 238 5.00 -4.48 -1.36
C ASN A 238 3.78 -5.42 -1.19
N ASN A 239 3.82 -6.54 -1.91
CA ASN A 239 2.91 -7.66 -1.73
C ASN A 239 3.66 -8.70 -0.84
N ASN A 240 3.49 -8.58 0.47
CA ASN A 240 4.27 -9.30 1.43
C ASN A 240 5.74 -9.40 1.00
N GLY A 241 6.33 -8.24 0.79
CA GLY A 241 7.73 -8.15 0.44
C GLY A 241 8.20 -8.58 -0.95
N ALA A 242 7.24 -8.77 -1.88
CA ALA A 242 7.50 -9.19 -3.28
C ALA A 242 6.97 -8.05 -4.10
N LEU A 243 7.62 -7.76 -5.22
CA LEU A 243 7.10 -6.79 -6.14
C LEU A 243 6.32 -7.58 -7.17
N HIS A 244 5.02 -7.30 -7.32
CA HIS A 244 4.20 -7.89 -8.35
C HIS A 244 4.00 -6.88 -9.45
N PHE A 245 4.37 -7.21 -10.67
CA PHE A 245 4.03 -6.23 -11.78
C PHE A 245 3.29 -6.81 -12.93
N GLY A 246 2.48 -5.98 -13.59
CA GLY A 246 1.76 -6.44 -14.79
C GLY A 246 2.06 -5.59 -15.98
N ILE A 247 2.18 -6.19 -17.13
CA ILE A 247 2.20 -5.44 -18.36
C ILE A 247 1.04 -5.86 -19.22
N SER A 248 0.27 -4.92 -19.68
CA SER A 248 -0.89 -5.19 -20.54
C SER A 248 -0.83 -4.46 -21.90
N PHE A 249 -1.43 -5.06 -22.94
CA PHE A 249 -1.42 -4.50 -24.32
C PHE A 249 -2.50 -5.14 -25.16
N LYS A 250 -2.90 -4.45 -26.24
CA LYS A 250 -3.74 -5.00 -27.28
C LYS A 250 -3.09 -6.26 -27.79
N THR A 251 -3.84 -7.34 -27.96
CA THR A 251 -3.22 -8.58 -28.39
C THR A 251 -2.71 -8.44 -29.82
N PRO A 252 -1.47 -8.84 -30.07
CA PRO A 252 -0.90 -8.71 -31.44
C PRO A 252 -1.65 -9.55 -32.50
N ASP A 253 -1.88 -8.97 -33.69
CA ASP A 253 -2.52 -9.72 -34.77
C ASP A 253 -1.76 -11.03 -35.15
N GLU A 254 -0.43 -11.00 -35.08
CA GLU A 254 0.39 -12.23 -35.29
C GLU A 254 -0.06 -13.46 -34.43
N TRP A 255 -0.68 -13.22 -33.27
CA TRP A 255 -0.90 -14.31 -32.30
C TRP A 255 -2.23 -15.03 -32.55
N THR A 259 0.42 -16.68 -27.57
CA THR A 259 0.63 -17.49 -28.78
C THR A 259 2.09 -17.58 -29.29
N GLN A 260 2.54 -16.68 -30.22
CA GLN A 260 3.85 -16.86 -30.97
C GLN A 260 5.00 -16.41 -30.06
N VAL A 261 4.71 -16.41 -28.76
CA VAL A 261 5.68 -16.25 -27.70
C VAL A 261 5.40 -17.40 -26.74
N ASP A 262 6.45 -18.08 -26.27
CA ASP A 262 6.27 -19.20 -25.35
C ASP A 262 6.49 -18.80 -23.90
N PHE A 263 5.45 -18.95 -23.07
CA PHE A 263 5.57 -18.50 -21.69
C PHE A 263 6.37 -19.46 -20.81
N GLN A 264 6.67 -20.63 -21.32
CA GLN A 264 7.66 -21.53 -20.70
C GLN A 264 9.14 -21.08 -20.92
N ASN A 265 9.49 -20.67 -22.16
CA ASN A 265 10.79 -20.08 -22.45
CA ASN A 265 10.81 -20.06 -22.47
C ASN A 265 10.86 -18.58 -22.03
N ARG A 266 11.45 -18.29 -20.87
CA ARG A 266 11.51 -16.89 -20.41
C ARG A 266 12.18 -16.03 -21.51
N ASN A 267 13.13 -16.62 -22.22
CA ASN A 267 13.89 -15.87 -23.24
C ASN A 267 12.97 -15.30 -24.31
N SER A 268 12.04 -16.10 -24.79
CA SER A 268 11.16 -15.61 -25.83
C SER A 268 10.28 -14.48 -25.32
N VAL A 269 9.92 -14.53 -24.04
CA VAL A 269 9.12 -13.45 -23.44
C VAL A 269 10.01 -12.23 -23.27
N VAL A 270 11.16 -12.35 -22.62
CA VAL A 270 12.09 -11.26 -22.48
C VAL A 270 12.29 -10.55 -23.84
N ASP A 271 12.68 -11.30 -24.86
CA ASP A 271 12.95 -10.70 -26.17
C ASP A 271 11.80 -9.88 -26.67
N PHE A 272 10.59 -10.42 -26.52
CA PHE A 272 9.38 -9.71 -26.90
C PHE A 272 9.20 -8.41 -26.09
N LEU A 273 9.39 -8.47 -24.79
CA LEU A 273 9.16 -7.32 -23.92
C LEU A 273 10.24 -6.23 -24.15
N LEU A 274 11.48 -6.66 -24.36
CA LEU A 274 12.56 -5.74 -24.71
C LEU A 274 12.27 -5.01 -26.02
N LYS A 275 11.80 -5.71 -27.05
CA LYS A 275 11.36 -5.01 -28.29
C LYS A 275 10.28 -4.01 -27.93
N GLU A 276 9.23 -4.46 -27.27
CA GLU A 276 8.09 -3.59 -26.97
C GLU A 276 8.49 -2.40 -26.13
N PHE A 277 9.35 -2.64 -25.13
CA PHE A 277 9.72 -1.59 -24.15
C PHE A 277 11.02 -0.87 -24.47
N SER A 278 11.47 -0.89 -25.72
CA SER A 278 12.77 -0.33 -26.05
C SER A 278 12.91 1.16 -25.74
N ASP A 279 11.86 1.93 -25.98
CA ASP A 279 11.81 3.35 -25.59
C ASP A 279 11.85 3.64 -24.07
N TRP A 280 11.58 2.64 -23.22
CA TRP A 280 11.40 2.92 -21.80
C TRP A 280 12.71 3.05 -21.08
N ASP A 281 12.67 3.70 -19.93
CA ASP A 281 13.85 3.92 -19.11
C ASP A 281 14.45 2.58 -18.66
N GLU A 282 15.77 2.58 -18.42
CA GLU A 282 16.47 1.36 -18.02
C GLU A 282 15.87 0.74 -16.76
N ARG A 283 15.36 1.54 -15.84
CA ARG A 283 14.78 0.95 -14.65
C ARG A 283 13.65 -0.02 -14.95
N TYR A 284 12.90 0.20 -16.01
CA TYR A 284 11.80 -0.69 -16.37
C TYR A 284 12.36 -1.94 -17.10
N LYS A 285 13.38 -1.73 -17.91
CA LYS A 285 14.06 -2.82 -18.58
C LYS A 285 14.61 -3.81 -17.57
N GLU A 286 15.12 -3.30 -16.46
CA GLU A 286 15.74 -4.09 -15.42
C GLU A 286 14.71 -5.03 -14.82
N LEU A 287 13.48 -4.56 -14.77
CA LEU A 287 12.34 -5.33 -14.31
C LEU A 287 12.10 -6.57 -15.16
N ILE A 288 12.15 -6.37 -16.48
CA ILE A 288 12.04 -7.49 -17.43
C ILE A 288 13.28 -8.38 -17.40
N HIS A 289 14.42 -7.82 -17.07
CA HIS A 289 15.60 -8.61 -17.09
C HIS A 289 15.70 -9.55 -15.92
N THR A 290 15.38 -9.11 -14.71
CA THR A 290 15.60 -9.94 -13.51
C THR A 290 14.45 -10.87 -13.20
N THR A 291 13.32 -10.69 -13.86
CA THR A 291 12.21 -11.66 -13.68
C THR A 291 12.55 -13.05 -14.16
N LEU A 292 12.33 -14.02 -13.30
CA LEU A 292 12.64 -15.41 -13.59
C LEU A 292 11.54 -16.06 -14.42
N SER A 293 10.30 -15.71 -14.13
CA SER A 293 9.19 -16.49 -14.65
C SER A 293 8.01 -15.59 -14.88
N PHE A 294 7.39 -15.70 -16.08
CA PHE A 294 6.25 -14.85 -16.52
C PHE A 294 4.99 -15.63 -16.76
N VAL A 295 3.84 -15.06 -16.41
CA VAL A 295 2.58 -15.69 -16.73
C VAL A 295 1.81 -14.84 -17.75
N GLY A 296 1.47 -15.44 -18.89
CA GLY A 296 0.74 -14.80 -19.95
C GLY A 296 -0.71 -15.20 -19.90
N LEU A 297 -1.62 -14.24 -20.01
CA LEU A 297 -3.08 -14.53 -19.85
C LEU A 297 -3.83 -13.45 -20.75
N ALA A 298 -4.63 -13.93 -21.70
CA ALA A 298 -5.41 -13.06 -22.52
C ALA A 298 -6.55 -12.58 -21.64
N THR A 299 -6.87 -11.29 -21.65
CA THR A 299 -8.06 -10.82 -20.91
C THR A 299 -9.29 -11.53 -21.44
N ARG A 300 -10.17 -11.92 -20.50
CA ARG A 300 -11.41 -12.58 -20.86
C ARG A 300 -12.58 -11.95 -20.15
N ILE A 301 -13.79 -12.11 -20.74
CA ILE A 301 -15.04 -11.66 -20.14
C ILE A 301 -16.04 -12.81 -20.28
N PHE A 302 -16.87 -13.02 -19.23
CA PHE A 302 -17.95 -13.95 -19.24
C PHE A 302 -19.19 -13.10 -19.23
N PRO A 303 -19.72 -12.76 -20.41
CA PRO A 303 -20.63 -11.66 -20.45
C PRO A 303 -22.00 -12.00 -19.98
N LEU A 304 -22.64 -11.06 -19.32
CA LEU A 304 -24.01 -11.20 -18.81
C LEU A 304 -24.87 -10.59 -19.88
N GLU A 305 -24.83 -11.23 -21.04
CA GLU A 305 -25.42 -10.70 -22.30
C GLU A 305 -26.83 -11.20 -22.54
N LYS A 306 -27.16 -12.30 -21.87
CA LYS A 306 -28.31 -13.14 -22.16
C LYS A 306 -28.76 -13.67 -20.83
N PRO A 307 -30.06 -13.78 -20.62
CA PRO A 307 -30.50 -14.43 -19.36
C PRO A 307 -30.01 -15.89 -19.22
N TRP A 308 -29.92 -16.36 -17.98
CA TRP A 308 -29.57 -17.75 -17.70
C TRP A 308 -30.80 -18.65 -17.85
N LYS A 309 -30.58 -19.97 -17.93
CA LYS A 309 -31.61 -20.91 -18.14
C LYS A 309 -32.68 -20.88 -17.05
N SER A 310 -33.95 -20.75 -17.42
CA SER A 310 -35.01 -20.77 -16.43
C SER A 310 -35.41 -22.20 -16.08
N LYS A 311 -35.27 -23.13 -17.03
CA LYS A 311 -35.50 -24.55 -16.70
C LYS A 311 -34.16 -25.13 -16.30
N ARG A 312 -34.07 -25.55 -15.02
CA ARG A 312 -32.91 -26.29 -14.47
C ARG A 312 -33.39 -27.47 -13.65
N PRO A 313 -32.73 -28.61 -13.77
CA PRO A 313 -33.29 -29.84 -13.17
C PRO A 313 -33.30 -29.85 -11.62
N LEU A 314 -32.28 -29.26 -11.02
CA LEU A 314 -32.16 -29.12 -9.55
C LEU A 314 -31.53 -27.75 -9.23
N PRO A 315 -31.52 -27.35 -7.96
CA PRO A 315 -30.98 -26.04 -7.64
C PRO A 315 -29.46 -25.93 -7.86
N ILE A 316 -29.07 -24.97 -8.70
CA ILE A 316 -27.68 -24.67 -9.00
C ILE A 316 -27.60 -23.19 -9.38
N THR A 317 -26.50 -22.53 -8.97
CA THR A 317 -26.22 -21.14 -9.43
C THR A 317 -24.71 -20.85 -9.51
N MET A 318 -24.37 -19.63 -9.85
CA MET A 318 -22.92 -19.25 -9.92
C MET A 318 -22.70 -17.88 -9.29
N ILE A 319 -21.53 -17.73 -8.63
CA ILE A 319 -21.12 -16.47 -8.00
C ILE A 319 -19.65 -16.13 -8.36
N GLY A 320 -19.23 -14.90 -8.12
CA GLY A 320 -17.82 -14.61 -8.36
C GLY A 320 -17.56 -14.60 -9.83
N ASP A 321 -16.32 -14.87 -10.19
CA ASP A 321 -15.87 -14.82 -11.62
C ASP A 321 -16.53 -15.89 -12.51
N ALA A 322 -16.98 -16.97 -11.92
CA ALA A 322 -17.79 -17.99 -12.68
C ALA A 322 -19.06 -17.32 -13.17
N ALA A 323 -19.56 -16.33 -12.46
CA ALA A 323 -20.81 -15.66 -12.83
C ALA A 323 -20.57 -14.51 -13.78
N HIS A 324 -19.51 -13.73 -13.55
CA HIS A 324 -19.26 -12.48 -14.28
C HIS A 324 -17.79 -12.04 -14.46
N LEU A 325 -16.90 -13.01 -14.66
CA LEU A 325 -15.53 -12.72 -15.09
C LEU A 325 -15.44 -11.50 -15.96
N MET A 326 -14.66 -10.49 -15.53
CA MET A 326 -14.55 -9.26 -16.30
C MET A 326 -13.12 -8.76 -16.28
N PRO A 327 -12.73 -7.96 -17.26
CA PRO A 327 -11.39 -7.42 -17.26
C PRO A 327 -10.98 -6.73 -15.96
N PRO A 328 -9.72 -6.90 -15.52
CA PRO A 328 -9.23 -6.35 -14.25
C PRO A 328 -8.64 -4.93 -14.34
N PHE A 329 -9.35 -4.03 -14.97
CA PHE A 329 -8.84 -2.70 -15.12
C PHE A 329 -9.74 -1.74 -14.40
N ALA A 330 -10.92 -2.16 -13.91
CA ALA A 330 -11.80 -1.20 -13.18
C ALA A 330 -11.60 -1.40 -11.71
N GLY A 331 -10.54 -2.12 -11.37
CA GLY A 331 -10.37 -2.57 -10.01
C GLY A 331 -11.46 -3.48 -9.54
N GLN A 332 -12.64 -3.44 -10.14
CA GLN A 332 -13.72 -4.38 -9.72
CA GLN A 332 -13.75 -4.39 -9.93
C GLN A 332 -13.30 -5.83 -10.10
N GLY A 333 -14.04 -6.80 -9.54
CA GLY A 333 -13.64 -8.17 -9.68
C GLY A 333 -14.10 -8.85 -8.43
N VAL A 334 -13.32 -8.78 -7.35
CA VAL A 334 -13.66 -9.54 -6.14
C VAL A 334 -14.85 -8.89 -5.41
N ASN A 335 -14.92 -7.57 -5.56
CA ASN A 335 -15.92 -6.82 -4.83
C ASN A 335 -17.33 -7.21 -5.25
N SER A 336 -17.57 -7.25 -6.56
CA SER A 336 -18.87 -7.63 -6.97
C SER A 336 -19.10 -9.08 -6.65
N GLY A 337 -18.08 -9.92 -6.73
CA GLY A 337 -18.22 -11.32 -6.24
C GLY A 337 -18.59 -11.52 -4.74
N LEU A 338 -18.08 -10.64 -3.88
CA LEU A 338 -18.39 -10.72 -2.48
C LEU A 338 -19.81 -10.18 -2.20
N VAL A 339 -20.21 -9.17 -2.96
CA VAL A 339 -21.60 -8.79 -2.97
C VAL A 339 -22.49 -9.97 -3.38
N ASP A 340 -22.10 -10.72 -4.40
CA ASP A 340 -22.89 -11.90 -4.79
C ASP A 340 -23.04 -12.77 -3.59
N ALA A 341 -21.94 -12.94 -2.87
CA ALA A 341 -21.95 -13.79 -1.67
C ALA A 341 -22.99 -13.25 -0.69
N LEU A 342 -22.96 -11.96 -0.43
CA LEU A 342 -23.80 -11.39 0.57
C LEU A 342 -25.32 -11.50 0.24
N ILE A 343 -25.68 -11.09 -1.00
CA ILE A 343 -27.05 -11.16 -1.47
C ILE A 343 -27.55 -12.59 -1.49
N LEU A 344 -26.71 -13.52 -1.96
CA LEU A 344 -27.15 -14.93 -2.03
C LEU A 344 -27.38 -15.53 -0.64
N SER A 345 -26.49 -15.27 0.31
CA SER A 345 -26.64 -15.93 1.60
C SER A 345 -27.83 -15.35 2.32
N ASP A 346 -27.94 -14.02 2.28
CA ASP A 346 -29.10 -13.36 2.79
C ASP A 346 -30.34 -14.02 2.23
N ASN A 347 -30.46 -14.05 0.92
CA ASN A 347 -31.58 -14.69 0.27
C ASN A 347 -31.78 -16.11 0.74
N LEU A 348 -30.73 -16.89 0.89
CA LEU A 348 -30.90 -18.29 1.36
C LEU A 348 -31.31 -18.43 2.83
N ALA A 349 -30.97 -17.44 3.65
CA ALA A 349 -31.16 -17.52 5.09
C ALA A 349 -32.64 -17.28 5.42
N ASP A 350 -33.06 -16.03 5.21
CA ASP A 350 -34.32 -15.50 5.75
C ASP A 350 -35.50 -16.45 5.78
N GLY A 351 -35.63 -17.24 4.69
CA GLY A 351 -36.87 -17.94 4.43
C GLY A 351 -37.96 -16.90 4.21
N LYS A 352 -37.57 -15.82 3.51
CA LYS A 352 -38.54 -14.85 3.00
C LYS A 352 -39.21 -15.44 1.75
N PHE A 353 -38.40 -16.16 0.96
CA PHE A 353 -38.82 -16.80 -0.28
C PHE A 353 -39.50 -18.15 -0.08
N ASN A 354 -40.31 -18.53 -1.05
CA ASN A 354 -41.03 -19.80 -0.99
C ASN A 354 -40.15 -21.01 -1.27
N SER A 355 -39.12 -20.82 -2.08
CA SER A 355 -38.29 -21.93 -2.53
C SER A 355 -36.86 -21.50 -2.80
N ILE A 356 -35.94 -22.45 -2.67
CA ILE A 356 -34.57 -22.20 -2.99
C ILE A 356 -34.52 -21.58 -4.41
N GLU A 357 -35.24 -22.19 -5.33
CA GLU A 357 -35.26 -21.79 -6.73
C GLU A 357 -35.63 -20.32 -6.88
N GLU A 358 -36.63 -19.85 -6.13
CA GLU A 358 -36.96 -18.42 -6.09
C GLU A 358 -35.82 -17.56 -5.48
N ALA A 359 -35.16 -18.04 -4.42
CA ALA A 359 -34.07 -17.30 -3.76
C ALA A 359 -32.92 -17.06 -4.72
N VAL A 360 -32.58 -18.10 -5.47
CA VAL A 360 -31.57 -18.03 -6.48
C VAL A 360 -32.03 -17.06 -7.56
N LYS A 361 -33.24 -17.23 -8.07
CA LYS A 361 -33.67 -16.34 -9.15
C LYS A 361 -33.49 -14.86 -8.75
N ASN A 362 -33.89 -14.54 -7.51
CA ASN A 362 -33.82 -13.14 -7.06
C ASN A 362 -32.37 -12.69 -7.00
N TYR A 363 -31.50 -13.49 -6.42
CA TYR A 363 -30.11 -13.11 -6.34
C TYR A 363 -29.63 -12.82 -7.78
N GLU A 364 -29.93 -13.73 -8.69
CA GLU A 364 -29.49 -13.56 -10.05
C GLU A 364 -30.06 -12.30 -10.71
N GLN A 365 -31.31 -11.99 -10.45
CA GLN A 365 -31.82 -10.74 -10.95
C GLN A 365 -30.96 -9.53 -10.50
N GLN A 366 -30.56 -9.49 -9.24
CA GLN A 366 -29.84 -8.32 -8.70
C GLN A 366 -28.49 -8.25 -9.32
N MET A 367 -27.90 -9.42 -9.44
CA MET A 367 -26.53 -9.56 -9.92
C MET A 367 -26.39 -9.17 -11.36
N PHE A 368 -27.36 -9.52 -12.17
CA PHE A 368 -27.37 -9.07 -13.55
C PHE A 368 -27.23 -7.55 -13.62
N ILE A 369 -27.96 -6.83 -12.76
CA ILE A 369 -27.95 -5.36 -12.83
C ILE A 369 -26.58 -4.79 -12.43
N TYR A 370 -26.03 -5.15 -11.23
CA TYR A 370 -24.79 -4.52 -10.77
C TYR A 370 -23.61 -5.08 -11.51
N GLY A 371 -23.67 -6.38 -11.81
CA GLY A 371 -22.68 -7.07 -12.62
C GLY A 371 -22.50 -6.46 -13.99
N LYS A 372 -23.59 -6.25 -14.71
CA LYS A 372 -23.52 -5.54 -16.00
C LYS A 372 -22.94 -4.16 -15.85
N GLU A 373 -23.29 -3.47 -14.77
CA GLU A 373 -22.74 -2.12 -14.46
C GLU A 373 -21.18 -2.26 -14.42
N ALA A 374 -20.72 -3.20 -13.62
CA ALA A 374 -19.29 -3.37 -13.41
C ALA A 374 -18.55 -3.72 -14.75
N GLN A 375 -19.17 -4.62 -15.52
CA GLN A 375 -18.61 -5.11 -16.78
C GLN A 375 -18.49 -3.91 -17.74
N GLU A 376 -19.50 -3.06 -17.79
CA GLU A 376 -19.46 -1.89 -18.66
C GLU A 376 -18.34 -0.98 -18.23
N GLU A 377 -18.23 -0.77 -16.92
CA GLU A 377 -17.21 0.06 -16.35
C GLU A 377 -15.82 -0.50 -16.74
N SER A 378 -15.65 -1.82 -16.65
CA SER A 378 -14.35 -2.39 -16.86
C SER A 378 -13.98 -2.49 -18.33
N THR A 379 -14.99 -2.77 -19.17
CA THR A 379 -14.85 -2.75 -20.60
C THR A 379 -14.51 -1.35 -21.13
N GLN A 380 -15.19 -0.37 -20.58
CA GLN A 380 -15.03 0.98 -21.10
C GLN A 380 -13.67 1.45 -20.67
N ASN A 381 -13.27 1.08 -19.45
CA ASN A 381 -11.94 1.45 -19.00
C ASN A 381 -10.84 0.76 -19.83
N GLU A 382 -10.97 -0.55 -20.01
CA GLU A 382 -10.14 -1.25 -20.95
C GLU A 382 -10.04 -0.55 -22.34
N ILE A 383 -11.18 -0.13 -22.94
CA ILE A 383 -11.13 0.60 -24.19
C ILE A 383 -10.33 1.90 -24.00
N GLU A 384 -10.71 2.64 -22.97
CA GLU A 384 -10.16 3.99 -22.75
C GLU A 384 -8.64 3.97 -22.64
N MET A 385 -8.15 3.00 -21.86
CA MET A 385 -6.73 2.91 -21.51
C MET A 385 -5.82 2.56 -22.68
N PHE A 386 -6.33 1.71 -23.57
CA PHE A 386 -5.57 1.26 -24.73
C PHE A 386 -5.78 2.15 -25.91
N LYS A 387 -6.72 3.10 -25.81
CA LYS A 387 -6.84 4.14 -26.83
C LYS A 387 -5.42 4.72 -26.90
N PRO A 388 -4.87 4.81 -28.13
CA PRO A 388 -3.48 5.20 -28.45
C PRO A 388 -2.81 6.25 -27.52
N ASP A 389 -3.48 7.38 -27.25
CA ASP A 389 -2.86 8.53 -26.55
C ASP A 389 -3.29 8.68 -25.08
N PHE A 390 -3.68 7.56 -24.48
CA PHE A 390 -4.11 7.55 -23.08
C PHE A 390 -3.04 8.04 -22.07
N THR A 391 -3.48 8.82 -21.07
CA THR A 391 -2.68 9.13 -19.87
C THR A 391 -3.61 9.03 -18.65
N PHE A 392 -3.05 8.53 -17.53
CA PHE A 392 -3.86 8.18 -16.32
C PHE A 392 -4.47 9.40 -15.62
N GLN A 393 -3.97 10.59 -15.92
CA GLN A 393 -4.61 11.83 -15.47
C GLN A 393 -4.73 12.81 -16.61
N LEU B 23 -25.47 22.99 -14.15
CA LEU B 23 -24.35 23.18 -13.15
C LEU B 23 -23.72 24.58 -13.31
N LEU B 24 -23.67 25.04 -14.55
CA LEU B 24 -23.48 26.47 -14.86
C LEU B 24 -24.87 27.08 -15.20
N SER B 25 -25.91 26.34 -14.82
CA SER B 25 -27.28 26.57 -15.26
C SER B 25 -27.71 28.04 -15.32
N ASP B 26 -27.56 28.80 -14.25
CA ASP B 26 -27.98 30.20 -14.30
C ASP B 26 -26.83 31.20 -14.45
N LYS B 27 -25.75 30.77 -15.11
CA LYS B 27 -24.49 31.48 -14.99
C LYS B 27 -23.85 31.69 -16.35
N ASN B 28 -22.82 32.53 -16.39
CA ASN B 28 -22.12 32.79 -17.65
C ASN B 28 -20.61 32.60 -17.46
N VAL B 29 -19.94 32.31 -18.55
CA VAL B 29 -18.51 32.00 -18.52
C VAL B 29 -17.72 32.96 -19.41
N ALA B 30 -16.57 33.40 -18.94
CA ALA B 30 -15.80 34.34 -19.70
C ALA B 30 -14.46 33.66 -19.97
N ILE B 31 -14.16 33.45 -21.26
CA ILE B 31 -12.97 32.87 -21.71
C ILE B 31 -12.13 34.02 -22.19
N ILE B 32 -10.95 34.21 -21.61
CA ILE B 32 -10.07 35.27 -21.99
C ILE B 32 -9.13 34.73 -23.00
N GLY B 33 -9.24 35.20 -24.23
CA GLY B 33 -8.41 34.66 -25.32
C GLY B 33 -9.12 33.74 -26.32
N GLY B 34 -9.04 34.13 -27.59
CA GLY B 34 -9.58 33.39 -28.73
C GLY B 34 -8.49 32.75 -29.65
N GLY B 35 -7.51 32.07 -29.06
CA GLY B 35 -6.67 31.19 -29.80
C GLY B 35 -7.39 29.87 -30.05
N PRO B 36 -6.67 28.87 -30.52
CA PRO B 36 -7.22 27.55 -30.78
C PRO B 36 -7.73 26.96 -29.53
N VAL B 37 -7.03 27.10 -28.44
CA VAL B 37 -7.52 26.49 -27.22
C VAL B 37 -8.83 27.19 -26.69
N GLY B 38 -8.84 28.51 -26.70
CA GLY B 38 -9.96 29.30 -26.17
C GLY B 38 -11.19 29.13 -27.01
N LEU B 39 -11.02 29.17 -28.32
CA LEU B 39 -12.19 28.96 -29.20
C LEU B 39 -12.74 27.57 -29.11
N THR B 40 -11.91 26.58 -28.89
CA THR B 40 -12.38 25.23 -28.84
C THR B 40 -13.12 25.08 -27.55
N MET B 41 -12.56 25.63 -26.51
CA MET B 41 -13.23 25.64 -25.20
C MET B 41 -14.62 26.16 -25.42
N ALA B 42 -14.71 27.32 -26.04
CA ALA B 42 -16.00 28.00 -26.33
C ALA B 42 -17.00 27.08 -27.06
N LYS B 43 -16.53 26.35 -28.07
CA LYS B 43 -17.40 25.44 -28.81
C LYS B 43 -17.98 24.34 -27.90
N LEU B 44 -17.09 23.67 -27.15
CA LEU B 44 -17.48 22.48 -26.39
C LEU B 44 -18.44 22.86 -25.30
N LEU B 45 -18.30 24.05 -24.77
CA LEU B 45 -19.21 24.57 -23.77
C LEU B 45 -20.50 25.02 -24.43
N GLN B 46 -20.43 25.65 -25.59
CA GLN B 46 -21.66 26.19 -26.21
C GLN B 46 -22.56 25.10 -26.72
N GLN B 47 -21.98 23.99 -27.16
CA GLN B 47 -22.78 22.84 -27.62
C GLN B 47 -23.52 22.10 -26.47
N ASN B 48 -23.14 22.37 -25.24
CA ASN B 48 -23.84 21.86 -24.08
C ASN B 48 -24.77 22.92 -23.46
N GLY B 49 -25.03 23.98 -24.21
CA GLY B 49 -26.02 24.98 -23.82
C GLY B 49 -25.51 25.94 -22.76
N ILE B 50 -24.21 26.05 -22.64
CA ILE B 50 -23.64 26.93 -21.66
C ILE B 50 -23.37 28.32 -22.25
N ASP B 51 -23.84 29.35 -21.56
CA ASP B 51 -23.66 30.75 -21.97
C ASP B 51 -22.21 31.16 -21.89
N VAL B 52 -21.55 31.43 -23.01
CA VAL B 52 -20.11 31.73 -22.94
C VAL B 52 -19.78 32.89 -23.82
N SER B 53 -18.83 33.69 -23.40
CA SER B 53 -18.27 34.68 -24.30
C SER B 53 -16.79 34.53 -24.37
N VAL B 54 -16.20 34.81 -25.55
CA VAL B 54 -14.75 34.82 -25.69
C VAL B 54 -14.30 36.27 -25.90
N TYR B 55 -13.42 36.77 -25.05
CA TYR B 55 -12.95 38.14 -25.19
C TYR B 55 -11.58 38.13 -25.82
N GLU B 56 -11.45 38.68 -27.03
CA GLU B 56 -10.18 38.59 -27.81
C GLU B 56 -9.62 39.97 -28.10
N ARG B 57 -8.35 40.09 -27.74
CA ARG B 57 -7.52 41.28 -27.91
C ARG B 57 -7.53 41.72 -29.40
N ASP B 58 -7.24 40.80 -30.32
CA ASP B 58 -7.20 41.13 -31.75
C ASP B 58 -8.43 41.97 -32.21
N ASN B 59 -8.11 42.80 -33.17
CA ASN B 59 -9.04 43.76 -33.68
C ASN B 59 -10.27 43.18 -34.36
N ASP B 60 -10.12 42.05 -35.05
CA ASP B 60 -11.24 41.46 -35.80
C ASP B 60 -10.83 40.11 -36.40
N ARG B 61 -11.83 39.34 -36.85
CA ARG B 61 -11.66 37.99 -37.44
C ARG B 61 -10.45 37.82 -38.36
N GLU B 62 -10.13 38.84 -39.13
CA GLU B 62 -9.16 38.76 -40.20
C GLU B 62 -7.74 39.18 -39.82
N ALA B 63 -7.48 39.46 -38.55
CA ALA B 63 -6.10 39.66 -38.07
C ALA B 63 -5.23 38.46 -38.47
N ARG B 64 -4.14 38.72 -39.16
CA ARG B 64 -3.14 37.68 -39.50
C ARG B 64 -2.47 37.12 -38.22
N ILE B 65 -2.45 35.80 -38.15
CA ILE B 65 -1.79 35.14 -37.06
C ILE B 65 -0.46 34.77 -37.68
N PHE B 66 0.59 35.22 -37.03
CA PHE B 66 1.92 34.85 -37.39
C PHE B 66 2.31 33.51 -36.76
N GLY B 67 3.16 32.79 -37.49
CA GLY B 67 3.63 31.50 -37.05
C GLY B 67 3.49 30.44 -38.13
N GLY B 68 4.18 29.30 -37.95
CA GLY B 68 3.98 28.11 -38.75
C GLY B 68 2.63 27.40 -38.51
N THR B 69 2.54 26.15 -38.95
CA THR B 69 1.36 25.36 -38.95
C THR B 69 1.30 24.53 -37.70
N LEU B 70 0.12 24.03 -37.39
CA LEU B 70 -0.19 23.17 -36.25
C LEU B 70 -0.52 21.80 -36.81
N ASP B 71 -0.26 20.74 -36.07
CA ASP B 71 -0.71 19.42 -36.43
C ASP B 71 -1.44 18.83 -35.24
N LEU B 72 -2.64 18.29 -35.47
CA LEU B 72 -3.44 17.74 -34.38
C LEU B 72 -3.23 16.21 -34.31
N HIS B 73 -2.95 15.68 -33.13
CA HIS B 73 -2.66 14.26 -33.00
C HIS B 73 -3.90 13.39 -32.76
N LYS B 74 -3.85 12.15 -33.24
CA LYS B 74 -4.99 11.24 -33.18
C LYS B 74 -5.58 11.01 -31.79
N GLY B 75 -4.77 10.97 -30.75
CA GLY B 75 -5.37 10.72 -29.42
C GLY B 75 -5.79 11.95 -28.58
N SER B 76 -5.44 13.14 -29.05
CA SER B 76 -5.56 14.32 -28.23
C SER B 76 -6.33 15.38 -29.00
N GLY B 77 -5.60 16.11 -29.81
CA GLY B 77 -6.18 17.20 -30.54
C GLY B 77 -7.31 16.83 -31.43
N GLN B 78 -7.17 15.68 -32.10
CA GLN B 78 -8.24 15.21 -33.02
C GLN B 78 -9.46 14.84 -32.26
N GLU B 79 -9.28 14.46 -31.00
CA GLU B 79 -10.38 14.06 -30.16
C GLU B 79 -11.23 15.30 -29.80
N ALA B 80 -10.59 16.46 -29.60
CA ALA B 80 -11.35 17.70 -29.31
C ALA B 80 -12.14 18.11 -30.50
N MET B 81 -11.52 18.07 -31.66
CA MET B 81 -12.20 18.38 -32.90
C MET B 81 -13.34 17.42 -33.14
N LYS B 82 -13.08 16.11 -32.96
CA LYS B 82 -14.09 15.12 -33.12
C LYS B 82 -15.26 15.40 -32.19
N LYS B 83 -15.02 15.78 -30.94
CA LYS B 83 -16.12 16.04 -29.97
C LYS B 83 -16.83 17.33 -30.37
N ALA B 84 -16.13 18.16 -31.16
CA ALA B 84 -16.71 19.39 -31.67
C ALA B 84 -17.49 19.21 -32.97
N GLY B 85 -17.38 18.03 -33.59
CA GLY B 85 -17.97 17.80 -34.90
C GLY B 85 -17.14 18.47 -36.02
N LEU B 86 -15.85 18.69 -35.75
CA LEU B 86 -14.96 19.40 -36.69
C LEU B 86 -13.75 18.64 -37.31
N LEU B 87 -13.70 17.33 -37.08
CA LEU B 87 -12.55 16.57 -37.51
C LEU B 87 -12.44 16.57 -39.02
N GLN B 88 -13.57 16.32 -39.68
CA GLN B 88 -13.54 16.23 -41.14
C GLN B 88 -13.08 17.56 -41.76
N THR B 89 -13.60 18.64 -41.21
CA THR B 89 -13.26 19.95 -41.73
C THR B 89 -11.78 20.19 -41.54
N TYR B 90 -11.25 19.78 -40.37
CA TYR B 90 -9.84 19.82 -40.15
C TYR B 90 -9.11 18.98 -41.21
N TYR B 91 -9.52 17.74 -41.42
CA TYR B 91 -8.89 17.00 -42.48
C TYR B 91 -8.97 17.72 -43.88
N ASP B 92 -10.13 18.30 -44.18
CA ASP B 92 -10.34 18.95 -45.43
C ASP B 92 -9.32 20.05 -45.63
N LEU B 93 -9.05 20.80 -44.60
CA LEU B 93 -8.20 21.97 -44.82
C LEU B 93 -6.73 21.66 -44.54
N ALA B 94 -6.45 20.53 -43.90
CA ALA B 94 -5.09 20.20 -43.45
C ALA B 94 -4.38 19.50 -44.58
N LEU B 95 -3.08 19.55 -44.54
CA LEU B 95 -2.23 19.08 -45.64
C LEU B 95 -1.20 18.15 -45.03
N PRO B 96 -1.26 16.88 -45.33
CA PRO B 96 -0.23 16.00 -44.73
C PRO B 96 1.14 16.23 -45.34
N MET B 97 2.21 16.10 -44.55
CA MET B 97 3.50 16.43 -45.10
C MET B 97 4.63 15.53 -44.75
N GLY B 98 5.51 15.36 -45.72
CA GLY B 98 6.69 14.57 -45.52
C GLY B 98 7.69 15.38 -44.77
N VAL B 99 8.79 14.77 -44.40
CA VAL B 99 9.90 15.41 -43.72
C VAL B 99 11.24 15.01 -44.32
N ASN B 100 12.05 16.00 -44.60
CA ASN B 100 13.38 15.78 -45.10
C ASN B 100 14.31 16.20 -44.01
N ILE B 101 15.35 15.45 -43.77
CA ILE B 101 16.40 15.91 -42.87
C ILE B 101 17.62 16.12 -43.75
N ALA B 102 18.16 17.34 -43.70
CA ALA B 102 19.33 17.74 -44.49
C ALA B 102 20.45 18.20 -43.57
N ASP B 103 21.70 18.10 -44.06
CA ASP B 103 22.83 18.70 -43.36
C ASP B 103 23.05 20.12 -43.89
N GLU B 104 24.01 20.82 -43.32
CA GLU B 104 24.35 22.14 -43.77
C GLU B 104 24.77 22.24 -45.29
N LYS B 105 24.77 21.12 -46.05
CA LYS B 105 24.45 21.11 -47.52
C LYS B 105 23.30 20.09 -48.04
N GLY B 106 23.51 18.74 -48.04
CA GLY B 106 22.66 17.66 -48.70
C GLY B 106 21.54 16.90 -47.96
N ASN B 107 20.81 15.98 -48.62
CA ASN B 107 19.67 15.26 -47.95
C ASN B 107 20.04 13.98 -47.27
N ILE B 108 19.64 13.82 -46.05
CA ILE B 108 20.06 12.65 -45.29
C ILE B 108 18.93 11.61 -45.16
N LEU B 109 17.68 12.06 -44.99
CA LEU B 109 16.53 11.18 -44.88
C LEU B 109 15.33 11.89 -45.46
N SER B 110 14.46 11.11 -46.11
CA SER B 110 13.26 11.60 -46.73
C SER B 110 12.12 10.69 -46.28
N THR B 111 11.25 11.16 -45.41
CA THR B 111 10.07 10.40 -44.96
C THR B 111 8.87 10.97 -45.66
N LYS B 112 8.47 10.38 -46.78
CA LYS B 112 7.24 10.80 -47.42
C LYS B 112 6.10 10.23 -46.61
N ASN B 113 4.89 10.76 -46.77
CA ASN B 113 3.73 10.19 -46.05
C ASN B 113 3.12 9.03 -46.82
N VAL B 114 2.93 7.91 -46.14
CA VAL B 114 2.28 6.76 -46.73
C VAL B 114 0.77 6.98 -46.55
N LYS B 115 0.00 6.46 -47.49
CA LYS B 115 -1.41 6.73 -47.55
C LYS B 115 -2.19 6.33 -46.27
N PRO B 116 -1.79 5.24 -45.57
CA PRO B 116 -2.48 4.92 -44.30
C PRO B 116 -2.03 5.76 -43.12
N GLU B 117 -1.07 6.66 -43.33
CA GLU B 117 -0.65 7.59 -42.28
C GLU B 117 -1.07 9.05 -42.51
N ASN B 118 -1.83 9.33 -43.56
CA ASN B 118 -2.07 10.72 -43.96
C ASN B 118 -3.08 11.49 -43.11
N ARG B 119 -3.97 10.79 -42.40
CA ARG B 119 -4.98 11.38 -41.53
C ARG B 119 -4.43 11.40 -40.09
N PHE B 120 -3.23 10.90 -39.97
CA PHE B 120 -2.84 10.25 -38.75
C PHE B 120 -1.88 11.21 -38.15
N ASP B 121 -2.31 11.95 -37.12
CA ASP B 121 -1.38 12.66 -36.24
C ASP B 121 -0.26 13.33 -37.10
N ASN B 122 -0.78 13.93 -38.17
CA ASN B 122 0.09 14.51 -39.17
C ASN B 122 -0.44 15.84 -39.57
N PRO B 123 -1.67 15.89 -40.11
CA PRO B 123 -1.96 16.86 -41.11
C PRO B 123 -1.74 18.29 -40.62
N GLU B 124 -0.85 19.01 -41.31
CA GLU B 124 -0.53 20.39 -41.04
C GLU B 124 -1.66 21.33 -41.46
N ILE B 125 -2.08 22.18 -40.50
CA ILE B 125 -3.05 23.21 -40.78
C ILE B 125 -2.51 24.61 -40.42
N ASN B 126 -2.89 25.54 -41.25
CA ASN B 126 -2.55 26.92 -41.08
C ASN B 126 -3.44 27.42 -39.95
N ARG B 127 -2.93 28.40 -39.20
CA ARG B 127 -3.55 28.89 -38.00
C ARG B 127 -4.76 29.73 -38.28
N ASN B 128 -4.76 30.45 -39.36
CA ASN B 128 -5.91 31.22 -39.63
C ASN B 128 -7.02 30.29 -40.04
N ASP B 129 -6.66 29.30 -40.88
CA ASP B 129 -7.64 28.30 -41.29
C ASP B 129 -8.26 27.64 -40.04
N LEU B 130 -7.43 27.27 -39.05
CA LEU B 130 -7.93 26.58 -37.88
C LEU B 130 -8.90 27.49 -37.15
N ARG B 131 -8.51 28.76 -36.95
CA ARG B 131 -9.37 29.81 -36.38
C ARG B 131 -10.64 29.97 -37.13
N ALA B 132 -10.57 30.02 -38.43
CA ALA B 132 -11.79 30.16 -39.19
C ALA B 132 -12.71 28.97 -38.92
N ILE B 133 -12.20 27.74 -38.77
CA ILE B 133 -13.04 26.57 -38.53
C ILE B 133 -13.71 26.72 -37.17
N LEU B 134 -12.91 27.07 -36.18
CA LEU B 134 -13.48 27.21 -34.86
C LEU B 134 -14.49 28.32 -34.82
N LEU B 135 -14.12 29.50 -35.30
CA LEU B 135 -15.06 30.63 -35.28
C LEU B 135 -16.38 30.36 -35.96
N ASN B 136 -16.32 29.60 -37.04
CA ASN B 136 -17.52 29.33 -37.84
C ASN B 136 -18.45 28.36 -37.11
N SER B 137 -17.90 27.55 -36.21
CA SER B 137 -18.64 26.54 -35.52
C SER B 137 -19.45 27.13 -34.35
N LEU B 138 -19.12 28.36 -33.98
CA LEU B 138 -19.78 29.03 -32.85
C LEU B 138 -20.96 29.93 -33.22
N GLU B 139 -21.87 30.10 -32.29
CA GLU B 139 -22.95 31.06 -32.51
C GLU B 139 -22.44 32.48 -32.77
N ASN B 140 -23.27 33.29 -33.38
CA ASN B 140 -22.87 34.66 -33.72
C ASN B 140 -22.65 35.46 -32.45
N ASP B 141 -21.64 36.36 -32.47
CA ASP B 141 -21.37 37.24 -31.33
C ASP B 141 -20.93 36.51 -30.03
N THR B 142 -20.36 35.30 -30.17
CA THR B 142 -19.78 34.59 -29.06
C THR B 142 -18.45 35.27 -28.74
N VAL B 143 -17.63 35.44 -29.77
CA VAL B 143 -16.37 36.16 -29.64
C VAL B 143 -16.63 37.66 -29.74
N ILE B 144 -16.08 38.42 -28.78
CA ILE B 144 -16.09 39.88 -28.78
C ILE B 144 -14.70 40.41 -29.04
N TRP B 145 -14.49 41.11 -30.14
CA TRP B 145 -13.15 41.41 -30.62
C TRP B 145 -12.71 42.75 -30.00
N ASP B 146 -11.43 43.05 -30.13
CA ASP B 146 -10.91 44.32 -29.65
C ASP B 146 -11.11 44.44 -28.12
N ARG B 147 -10.89 43.34 -27.39
CA ARG B 147 -11.06 43.31 -25.93
C ARG B 147 -9.80 42.79 -25.26
N LYS B 148 -9.02 43.71 -24.76
CA LYS B 148 -7.82 43.43 -24.09
C LYS B 148 -8.07 43.48 -22.60
N LEU B 149 -8.18 42.29 -22.01
CA LEU B 149 -8.36 42.18 -20.56
C LEU B 149 -7.09 42.64 -19.90
N VAL B 150 -7.18 43.70 -19.07
CA VAL B 150 -6.04 44.22 -18.31
C VAL B 150 -6.14 44.00 -16.79
N MET B 151 -7.36 43.89 -16.30
CA MET B 151 -7.52 43.70 -14.88
C MET B 151 -8.72 42.84 -14.60
N LEU B 152 -8.62 42.14 -13.48
CA LEU B 152 -9.58 41.18 -13.06
C LEU B 152 -9.83 41.39 -11.57
N GLU B 153 -11.07 41.30 -11.12
CA GLU B 153 -11.34 41.73 -9.79
C GLU B 153 -12.57 40.99 -9.26
N PRO B 154 -12.43 40.30 -8.15
CA PRO B 154 -13.53 39.49 -7.63
C PRO B 154 -14.57 40.28 -6.84
N GLY B 155 -15.80 40.24 -7.35
CA GLY B 155 -16.90 40.82 -6.63
C GLY B 155 -17.40 39.85 -5.57
N LYS B 156 -18.71 39.88 -5.36
CA LYS B 156 -19.34 39.14 -4.32
C LYS B 156 -19.73 37.75 -4.83
N LYS B 157 -20.40 37.71 -5.99
CA LYS B 157 -20.78 36.46 -6.68
C LYS B 157 -20.27 36.45 -8.14
N LYS B 158 -19.53 37.48 -8.54
CA LYS B 158 -19.08 37.59 -9.95
C LYS B 158 -17.77 38.33 -10.10
N TRP B 159 -17.07 37.99 -11.16
CA TRP B 159 -15.84 38.63 -11.52
C TRP B 159 -16.13 39.90 -12.29
N THR B 160 -15.43 40.99 -11.97
CA THR B 160 -15.47 42.15 -12.83
C THR B 160 -14.21 42.22 -13.67
N LEU B 161 -14.42 42.31 -15.00
CA LEU B 161 -13.39 42.27 -16.00
C LEU B 161 -13.21 43.62 -16.59
N THR B 162 -11.98 44.14 -16.56
CA THR B 162 -11.60 45.43 -17.12
C THR B 162 -10.88 45.30 -18.45
N PHE B 163 -11.36 46.01 -19.47
CA PHE B 163 -10.78 45.96 -20.82
C PHE B 163 -10.30 47.34 -21.23
N GLU B 164 -9.14 47.38 -21.90
CA GLU B 164 -8.56 48.65 -22.26
C GLU B 164 -9.51 49.50 -23.12
N ASN B 165 -9.84 50.68 -22.67
CA ASN B 165 -10.76 51.57 -23.37
C ASN B 165 -12.10 50.96 -23.82
N LYS B 166 -12.67 50.05 -23.05
CA LYS B 166 -13.95 49.41 -23.44
C LYS B 166 -14.80 49.08 -22.21
N PRO B 167 -16.08 48.82 -22.43
CA PRO B 167 -16.89 48.65 -21.22
C PRO B 167 -16.47 47.41 -20.42
N SER B 168 -16.54 47.48 -19.11
CA SER B 168 -16.22 46.32 -18.34
C SER B 168 -17.40 45.38 -18.26
N GLU B 169 -17.10 44.12 -17.96
CA GLU B 169 -18.09 43.03 -18.03
C GLU B 169 -17.93 42.20 -16.81
N THR B 170 -18.90 41.32 -16.58
CA THR B 170 -18.87 40.45 -15.43
C THR B 170 -19.09 39.02 -15.87
N ALA B 171 -18.55 38.09 -15.09
CA ALA B 171 -18.74 36.66 -15.36
C ALA B 171 -18.71 35.84 -14.08
N ASP B 172 -19.36 34.67 -14.07
CA ASP B 172 -19.40 33.78 -12.88
C ASP B 172 -18.15 32.90 -12.82
N LEU B 173 -17.59 32.61 -13.97
CA LEU B 173 -16.41 31.75 -14.10
C LEU B 173 -15.51 32.36 -15.18
N VAL B 174 -14.22 32.49 -14.88
CA VAL B 174 -13.25 32.99 -15.82
C VAL B 174 -12.31 31.85 -16.20
N ILE B 175 -12.16 31.67 -17.52
CA ILE B 175 -11.23 30.75 -18.00
C ILE B 175 -10.18 31.58 -18.78
N LEU B 176 -8.94 31.51 -18.30
CA LEU B 176 -7.86 32.19 -18.93
C LEU B 176 -7.38 31.29 -20.01
N ALA B 177 -7.41 31.80 -21.24
CA ALA B 177 -6.91 31.05 -22.41
C ALA B 177 -6.08 32.03 -23.19
N ASN B 178 -5.39 32.91 -22.46
CA ASN B 178 -4.80 34.07 -23.17
C ASN B 178 -3.30 33.96 -23.46
N GLY B 179 -2.82 32.73 -23.62
CA GLY B 179 -1.46 32.55 -24.08
C GLY B 179 -0.48 32.53 -22.92
N GLY B 180 0.78 32.34 -23.26
CA GLY B 180 1.84 31.98 -22.33
C GLY B 180 2.33 33.15 -21.51
N MET B 181 2.07 34.36 -22.00
CA MET B 181 2.53 35.59 -21.33
C MET B 181 1.39 36.27 -20.55
N SER B 182 0.34 35.54 -20.24
CA SER B 182 -0.77 36.09 -19.49
C SER B 182 -0.34 36.83 -18.25
N LYS B 183 -0.81 38.07 -18.13
CA LYS B 183 -0.47 38.95 -17.03
C LYS B 183 -1.54 38.89 -15.91
N VAL B 184 -2.52 38.00 -16.02
CA VAL B 184 -3.62 38.13 -15.13
C VAL B 184 -3.84 36.79 -14.40
N ARG B 185 -2.77 36.14 -13.94
CA ARG B 185 -2.82 34.79 -13.40
C ARG B 185 -2.80 34.74 -11.87
N LYS B 186 -2.67 35.91 -11.23
CA LYS B 186 -2.35 35.94 -9.82
C LYS B 186 -3.38 35.19 -8.92
N PHE B 187 -4.64 35.18 -9.32
CA PHE B 187 -5.65 34.54 -8.48
C PHE B 187 -5.61 33.00 -8.55
N VAL B 188 -4.93 32.45 -9.57
CA VAL B 188 -4.69 31.01 -9.66
C VAL B 188 -3.30 30.63 -9.11
N THR B 189 -2.27 31.36 -9.49
CA THR B 189 -0.91 30.98 -9.12
C THR B 189 -0.03 32.21 -9.14
N ASP B 190 1.06 32.15 -8.35
CA ASP B 190 2.09 33.18 -8.31
C ASP B 190 3.29 32.77 -9.15
N THR B 191 3.25 31.55 -9.67
CA THR B 191 4.28 31.01 -10.57
C THR B 191 4.50 31.92 -11.77
N GLU B 192 5.75 32.08 -12.14
CA GLU B 192 6.09 32.97 -13.18
C GLU B 192 6.65 32.25 -14.34
N VAL B 193 6.44 32.81 -15.50
CA VAL B 193 7.10 32.35 -16.68
C VAL B 193 8.60 32.38 -16.53
N GLU B 194 9.30 31.39 -17.08
CA GLU B 194 10.76 31.33 -17.10
C GLU B 194 11.28 31.15 -18.52
N GLU B 195 12.49 31.65 -18.76
CA GLU B 195 13.25 31.42 -19.98
C GLU B 195 14.00 30.11 -19.85
N THR B 196 14.13 29.35 -20.92
CA THR B 196 14.74 28.04 -20.78
C THR B 196 16.18 28.04 -21.17
N GLY B 197 16.61 29.04 -21.90
CA GLY B 197 18.00 29.11 -22.36
C GLY B 197 18.20 29.02 -23.85
N THR B 198 17.16 28.69 -24.59
CA THR B 198 17.25 28.77 -26.06
C THR B 198 16.46 29.99 -26.60
N PHE B 199 16.63 30.30 -27.88
CA PHE B 199 16.07 31.45 -28.50
C PHE B 199 15.65 31.13 -29.95
N ASN B 200 14.56 31.71 -30.45
CA ASN B 200 13.99 31.35 -31.77
C ASN B 200 13.83 32.55 -32.66
N ILE B 201 14.32 32.45 -33.90
CA ILE B 201 14.05 33.47 -34.89
C ILE B 201 13.15 32.90 -36.00
N GLN B 202 11.98 33.51 -36.23
CA GLN B 202 10.97 33.02 -37.20
C GLN B 202 10.73 34.04 -38.33
N ALA B 203 10.39 33.59 -39.54
CA ALA B 203 10.13 34.49 -40.66
C ALA B 203 9.33 33.77 -41.74
N ASP B 204 8.59 34.55 -42.54
CA ASP B 204 7.88 34.05 -43.71
C ASP B 204 8.57 34.58 -44.95
N ILE B 205 8.68 33.75 -45.99
CA ILE B 205 9.03 34.19 -47.32
C ILE B 205 7.83 33.89 -48.25
N HIS B 206 7.36 34.92 -48.94
CA HIS B 206 6.37 34.74 -49.97
C HIS B 206 6.98 34.41 -51.34
N GLN B 207 6.21 33.67 -52.15
CA GLN B 207 6.66 33.18 -53.44
C GLN B 207 8.01 32.46 -53.33
N PRO B 208 8.08 31.52 -52.37
CA PRO B 208 9.34 30.94 -52.03
C PRO B 208 10.01 30.35 -53.26
N GLU B 209 9.24 29.93 -54.25
CA GLU B 209 9.78 29.30 -55.43
C GLU B 209 10.53 30.29 -56.36
N ILE B 210 10.19 31.59 -56.22
CA ILE B 210 10.87 32.72 -56.88
C ILE B 210 11.93 33.24 -55.96
N ASN B 211 11.62 33.38 -54.66
CA ASN B 211 12.50 34.13 -53.76
C ASN B 211 13.55 33.30 -53.07
N CYS B 212 13.33 32.03 -52.85
CA CYS B 212 14.39 31.16 -52.39
C CYS B 212 14.34 29.80 -53.13
N PRO B 213 14.66 29.85 -54.42
CA PRO B 213 14.39 28.71 -55.29
C PRO B 213 15.13 27.45 -54.85
N GLY B 214 16.45 27.56 -54.69
CA GLY B 214 17.26 26.43 -54.23
C GLY B 214 16.75 25.85 -52.91
N PHE B 215 16.44 26.69 -51.95
CA PHE B 215 15.93 26.12 -50.69
C PHE B 215 14.57 25.49 -50.89
N PHE B 216 13.69 26.19 -51.61
CA PHE B 216 12.38 25.63 -51.92
C PHE B 216 12.57 24.19 -52.56
N GLN B 217 13.49 24.12 -53.52
CA GLN B 217 13.78 22.85 -54.18
C GLN B 217 14.35 21.75 -53.22
N LEU B 218 15.09 22.12 -52.18
CA LEU B 218 15.51 21.14 -51.19
C LEU B 218 14.31 20.60 -50.38
N CYS B 219 13.41 21.47 -49.95
CA CYS B 219 12.23 21.05 -49.23
C CYS B 219 11.51 20.01 -50.07
N ASN B 220 11.34 20.33 -51.36
CA ASN B 220 10.68 19.46 -52.33
C ASN B 220 9.32 19.05 -51.84
N GLY B 221 8.57 19.99 -51.31
CA GLY B 221 7.21 19.74 -50.89
C GLY B 221 7.18 19.10 -49.54
N ASN B 222 8.33 18.92 -48.92
CA ASN B 222 8.36 18.43 -47.51
C ASN B 222 8.86 19.46 -46.54
N ARG B 223 8.58 19.23 -45.27
CA ARG B 223 9.17 20.05 -44.22
C ARG B 223 10.62 19.68 -44.23
N LEU B 224 11.45 20.56 -43.71
CA LEU B 224 12.89 20.33 -43.69
C LEU B 224 13.39 20.66 -42.31
N MET B 225 14.37 19.87 -41.85
CA MET B 225 15.15 20.15 -40.65
C MET B 225 16.67 19.87 -40.91
N ALA B 226 17.50 20.79 -40.43
CA ALA B 226 18.92 20.64 -40.47
C ALA B 226 19.46 21.06 -39.13
N SER B 227 20.51 20.42 -38.63
CA SER B 227 21.19 20.94 -37.48
C SER B 227 22.71 20.87 -37.66
N HIS B 228 23.42 21.90 -37.19
CA HIS B 228 24.87 21.96 -37.29
C HIS B 228 25.45 22.94 -36.27
N GLN B 229 26.43 22.42 -35.53
CA GLN B 229 27.24 23.22 -34.61
C GLN B 229 26.38 24.16 -33.75
N GLY B 230 25.31 23.61 -33.21
CA GLY B 230 24.53 24.33 -32.24
C GLY B 230 23.38 25.10 -32.85
N ASN B 231 23.32 25.22 -34.19
CA ASN B 231 22.22 25.98 -34.83
C ASN B 231 21.23 25.08 -35.53
N LEU B 232 19.95 25.19 -35.20
CA LEU B 232 18.90 24.33 -35.78
C LEU B 232 18.03 25.18 -36.75
N LEU B 233 17.68 24.62 -37.91
CA LEU B 233 16.86 25.30 -38.91
C LEU B 233 15.71 24.39 -39.22
N PHE B 234 14.49 24.93 -39.22
CA PHE B 234 13.27 24.17 -39.54
C PHE B 234 12.54 24.93 -40.61
N ALA B 235 11.90 24.25 -41.55
CA ALA B 235 11.13 25.00 -42.56
C ALA B 235 9.91 24.23 -43.00
N ASN B 236 8.87 24.97 -43.30
CA ASN B 236 7.71 24.38 -43.93
C ASN B 236 7.49 25.18 -45.17
N PRO B 237 7.55 24.54 -46.33
CA PRO B 237 7.56 25.30 -47.57
C PRO B 237 6.22 25.64 -48.15
N ASN B 238 5.19 25.20 -47.47
CA ASN B 238 3.81 25.36 -47.98
C ASN B 238 2.82 25.59 -46.83
N ASN B 239 2.96 26.73 -46.20
CA ASN B 239 1.94 27.27 -45.28
C ASN B 239 1.07 28.25 -46.10
N ASN B 240 -0.03 27.76 -46.67
CA ASN B 240 -0.83 28.52 -47.62
C ASN B 240 0.06 29.34 -48.56
N GLY B 241 1.01 28.62 -49.18
CA GLY B 241 1.88 29.18 -50.22
C GLY B 241 3.00 30.08 -49.75
N ALA B 242 3.27 30.11 -48.44
CA ALA B 242 4.34 30.93 -47.88
C ALA B 242 5.29 29.92 -47.30
N LEU B 243 6.59 30.21 -47.34
CA LEU B 243 7.56 29.37 -46.65
C LEU B 243 7.78 29.95 -45.28
N HIS B 244 7.51 29.21 -44.20
CA HIS B 244 7.76 29.69 -42.85
C HIS B 244 8.99 28.96 -42.39
N PHE B 245 9.99 29.70 -41.95
CA PHE B 245 11.17 28.99 -41.33
C PHE B 245 11.53 29.47 -39.99
N GLY B 246 12.13 28.60 -39.17
CA GLY B 246 12.65 28.95 -37.85
C GLY B 246 14.10 28.56 -37.73
N ILE B 247 14.84 29.41 -37.02
CA ILE B 247 16.19 29.13 -36.58
C ILE B 247 16.32 29.21 -35.06
N SER B 248 16.74 28.14 -34.41
CA SER B 248 16.85 28.09 -32.95
C SER B 248 18.26 27.84 -32.47
N PHE B 249 18.63 28.40 -31.33
CA PHE B 249 19.99 28.26 -30.76
C PHE B 249 19.98 28.54 -29.30
N LYS B 250 20.99 28.04 -28.58
CA LYS B 250 21.29 28.40 -27.19
C LYS B 250 21.45 29.91 -27.13
N THR B 251 20.79 30.55 -26.20
CA THR B 251 20.86 32.00 -26.13
C THR B 251 22.31 32.45 -25.80
N PRO B 252 22.89 33.32 -26.66
CA PRO B 252 24.27 33.81 -26.44
C PRO B 252 24.42 34.53 -25.09
N ASP B 253 25.56 34.32 -24.42
CA ASP B 253 25.68 34.88 -23.09
C ASP B 253 25.57 36.42 -23.16
N GLU B 254 26.05 37.01 -24.27
CA GLU B 254 26.06 38.49 -24.47
C GLU B 254 24.74 39.26 -24.28
N TRP B 255 23.61 38.58 -24.52
CA TRP B 255 22.30 39.18 -24.46
C TRP B 255 21.78 39.23 -23.01
N THR B 259 18.78 40.66 -27.35
CA THR B 259 19.14 41.81 -26.53
C THR B 259 20.35 42.66 -27.01
N GLN B 260 21.32 42.08 -27.75
CA GLN B 260 22.37 42.88 -28.46
C GLN B 260 22.23 42.74 -29.97
N VAL B 261 21.04 42.31 -30.39
CA VAL B 261 20.62 42.30 -31.78
C VAL B 261 19.21 42.94 -31.77
N ASP B 262 18.95 43.82 -32.73
CA ASP B 262 17.66 44.54 -32.75
C ASP B 262 16.71 43.98 -33.79
N PHE B 263 15.59 43.45 -33.34
CA PHE B 263 14.68 42.75 -34.28
C PHE B 263 13.86 43.67 -35.14
N GLN B 264 13.93 44.97 -34.86
CA GLN B 264 13.41 46.00 -35.75
C GLN B 264 14.37 46.25 -36.93
N ASN B 265 15.67 46.36 -36.67
CA ASN B 265 16.61 46.48 -37.77
CA ASN B 265 16.66 46.50 -37.75
C ASN B 265 16.96 45.11 -38.37
N ARG B 266 16.41 44.84 -39.55
CA ARG B 266 16.69 43.58 -40.21
C ARG B 266 18.20 43.39 -40.45
N ASN B 267 18.93 44.48 -40.65
CA ASN B 267 20.36 44.38 -40.91
C ASN B 267 21.09 43.74 -39.74
N SER B 268 20.74 44.14 -38.52
CA SER B 268 21.49 43.59 -37.38
C SER B 268 21.18 42.09 -37.20
N VAL B 269 20.00 41.66 -37.62
CA VAL B 269 19.65 40.26 -37.58
C VAL B 269 20.35 39.52 -38.70
N VAL B 270 20.21 39.98 -39.92
CA VAL B 270 20.96 39.41 -41.05
C VAL B 270 22.45 39.23 -40.71
N ASP B 271 23.09 40.28 -40.23
CA ASP B 271 24.52 40.19 -39.93
C ASP B 271 24.82 39.06 -38.98
N PHE B 272 24.00 38.99 -37.92
CA PHE B 272 24.14 37.96 -36.91
C PHE B 272 23.96 36.56 -37.53
N LEU B 273 22.92 36.39 -38.31
CA LEU B 273 22.63 35.10 -38.89
C LEU B 273 23.70 34.66 -39.92
N LEU B 274 24.16 35.61 -40.72
CA LEU B 274 25.28 35.33 -41.63
C LEU B 274 26.52 34.88 -40.89
N LYS B 275 26.94 35.57 -39.82
CA LYS B 275 28.07 35.07 -39.01
C LYS B 275 27.75 33.63 -38.54
N GLU B 276 26.58 33.42 -37.90
CA GLU B 276 26.26 32.11 -37.34
C GLU B 276 26.17 31.02 -38.38
N PHE B 277 25.58 31.37 -39.53
CA PHE B 277 25.41 30.41 -40.65
C PHE B 277 26.52 30.41 -41.72
N SER B 278 27.71 30.92 -41.42
CA SER B 278 28.75 31.06 -42.45
C SER B 278 29.13 29.74 -43.10
N ASP B 279 29.27 28.67 -42.32
CA ASP B 279 29.58 27.32 -42.86
C ASP B 279 28.47 26.74 -43.80
N TRP B 280 27.24 27.22 -43.69
CA TRP B 280 26.10 26.59 -44.40
C TRP B 280 26.11 26.89 -45.89
N ASP B 281 25.49 26.00 -46.64
CA ASP B 281 25.31 26.12 -48.08
C ASP B 281 24.58 27.43 -48.44
N GLU B 282 24.85 27.90 -49.64
CA GLU B 282 24.32 29.18 -50.11
C GLU B 282 22.82 29.17 -50.19
N ARG B 283 22.21 28.02 -50.45
CA ARG B 283 20.75 28.00 -50.42
C ARG B 283 20.15 28.44 -49.07
N TYR B 284 20.83 28.16 -47.95
CA TYR B 284 20.32 28.56 -46.65
C TYR B 284 20.59 30.06 -46.46
N LYS B 285 21.75 30.51 -46.92
CA LYS B 285 22.12 31.94 -46.83
C LYS B 285 21.10 32.84 -47.54
N GLU B 286 20.62 32.34 -48.67
CA GLU B 286 19.65 33.02 -49.52
C GLU B 286 18.34 33.18 -48.74
N LEU B 287 18.04 32.22 -47.90
CA LEU B 287 16.89 32.30 -46.99
C LEU B 287 16.96 33.52 -46.09
N ILE B 288 18.14 33.73 -45.47
CA ILE B 288 18.40 34.88 -44.59
C ILE B 288 18.41 36.19 -45.38
N HIS B 289 18.84 36.10 -46.61
CA HIS B 289 19.03 37.29 -47.39
C HIS B 289 17.73 37.87 -47.89
N THR B 290 16.82 37.05 -48.35
CA THR B 290 15.59 37.55 -48.92
C THR B 290 14.48 37.80 -47.91
N THR B 291 14.62 37.36 -46.67
CA THR B 291 13.63 37.67 -45.65
C THR B 291 13.60 39.17 -45.41
N LEU B 292 12.38 39.69 -45.36
CA LEU B 292 12.16 41.08 -45.10
C LEU B 292 12.14 41.39 -43.65
N SER B 293 11.55 40.49 -42.83
CA SER B 293 11.22 40.82 -41.46
C SER B 293 11.33 39.60 -40.59
N PHE B 294 12.03 39.70 -39.45
CA PHE B 294 12.25 38.58 -38.51
C PHE B 294 11.59 38.77 -37.17
N VAL B 295 11.14 37.70 -36.55
CA VAL B 295 10.64 37.82 -35.16
C VAL B 295 11.53 37.00 -34.26
N GLY B 296 12.06 37.64 -33.21
CA GLY B 296 12.89 37.03 -32.19
C GLY B 296 12.03 36.68 -30.97
N LEU B 297 12.23 35.50 -30.41
CA LEU B 297 11.50 35.11 -29.25
C LEU B 297 12.31 34.09 -28.40
N ALA B 298 12.53 34.41 -27.14
CA ALA B 298 13.26 33.51 -26.28
C ALA B 298 12.33 32.37 -25.96
N THR B 299 12.79 31.14 -25.98
CA THR B 299 11.96 30.08 -25.50
C THR B 299 11.60 30.28 -24.03
N ARG B 300 10.33 30.01 -23.72
CA ARG B 300 9.81 30.13 -22.35
C ARG B 300 8.99 28.93 -21.91
N ILE B 301 8.94 28.70 -20.63
CA ILE B 301 8.18 27.57 -20.04
C ILE B 301 7.38 28.16 -18.85
N PHE B 302 6.12 27.77 -18.70
CA PHE B 302 5.37 28.13 -17.52
C PHE B 302 5.24 26.85 -16.71
N PRO B 303 6.14 26.65 -15.74
CA PRO B 303 6.30 25.30 -15.28
C PRO B 303 5.23 24.88 -14.30
N LEU B 304 4.84 23.63 -14.40
CA LEU B 304 3.85 23.03 -13.52
C LEU B 304 4.60 22.40 -12.35
N GLU B 305 5.35 23.25 -11.67
CA GLU B 305 6.36 22.84 -10.64
C GLU B 305 5.74 22.73 -9.29
N LYS B 306 4.62 23.43 -9.09
CA LYS B 306 4.08 23.76 -7.77
C LYS B 306 2.57 23.70 -7.96
N PRO B 307 1.84 23.18 -6.98
CA PRO B 307 0.39 23.23 -7.09
C PRO B 307 -0.12 24.67 -7.16
N TRP B 308 -1.32 24.84 -7.73
CA TRP B 308 -1.98 26.13 -7.84
C TRP B 308 -2.72 26.46 -6.54
N LYS B 309 -3.10 27.71 -6.36
CA LYS B 309 -3.73 28.15 -5.11
C LYS B 309 -5.03 27.40 -4.84
N SER B 310 -5.14 26.81 -3.67
CA SER B 310 -6.40 26.16 -3.30
C SER B 310 -7.41 27.16 -2.78
N LYS B 311 -6.97 28.29 -2.25
CA LYS B 311 -7.91 29.34 -1.85
C LYS B 311 -8.04 30.35 -3.00
N ARG B 312 -9.22 30.36 -3.64
CA ARG B 312 -9.56 31.36 -4.66
C ARG B 312 -10.92 32.00 -4.34
N PRO B 313 -11.04 33.32 -4.53
CA PRO B 313 -12.26 34.00 -4.10
C PRO B 313 -13.53 33.67 -4.92
N LEU B 314 -13.36 33.37 -6.21
CA LEU B 314 -14.45 32.94 -7.12
C LEU B 314 -13.91 31.92 -8.17
N PRO B 315 -14.78 31.28 -8.92
CA PRO B 315 -14.27 30.31 -9.86
C PRO B 315 -13.44 30.93 -11.02
N ILE B 316 -12.21 30.43 -11.17
CA ILE B 316 -11.29 30.82 -12.19
C ILE B 316 -10.33 29.63 -12.42
N THR B 317 -9.96 29.42 -13.70
CA THR B 317 -8.93 28.45 -14.07
C THR B 317 -8.20 28.88 -15.33
N MET B 318 -7.26 28.05 -15.78
CA MET B 318 -6.43 28.35 -16.98
C MET B 318 -6.30 27.08 -17.82
N ILE B 319 -6.23 27.26 -19.14
CA ILE B 319 -6.07 26.19 -20.10
C ILE B 319 -5.11 26.66 -21.24
N GLY B 320 -4.60 25.71 -22.02
CA GLY B 320 -3.66 26.05 -23.08
C GLY B 320 -2.38 26.55 -22.55
N ASP B 321 -1.75 27.47 -23.27
CA ASP B 321 -0.40 27.95 -22.93
C ASP B 321 -0.40 28.74 -21.64
N ALA B 322 -1.50 29.41 -21.32
CA ALA B 322 -1.66 30.11 -20.00
C ALA B 322 -1.41 29.09 -18.87
N ALA B 323 -1.86 27.86 -19.08
CA ALA B 323 -1.73 26.80 -18.06
C ALA B 323 -0.34 26.15 -18.08
N HIS B 324 0.23 25.94 -19.28
CA HIS B 324 1.43 25.14 -19.39
C HIS B 324 2.31 25.35 -20.60
N LEU B 325 2.41 26.59 -21.06
CA LEU B 325 3.44 27.05 -22.00
C LEU B 325 4.66 26.18 -21.88
N MET B 326 5.05 25.59 -22.98
CA MET B 326 6.30 24.80 -22.98
C MET B 326 7.07 25.00 -24.30
N PRO B 327 8.33 24.70 -24.31
CA PRO B 327 9.09 24.77 -25.56
C PRO B 327 8.48 24.01 -26.74
N PRO B 328 8.54 24.58 -27.96
CA PRO B 328 7.97 24.02 -29.18
C PRO B 328 8.89 23.09 -29.96
N PHE B 329 9.49 22.15 -29.29
CA PHE B 329 10.36 21.24 -29.95
C PHE B 329 9.80 19.84 -29.88
N ALA B 330 8.78 19.61 -29.06
CA ALA B 330 8.23 18.23 -28.94
C ALA B 330 7.04 18.09 -29.86
N GLY B 331 6.84 19.10 -30.68
CA GLY B 331 5.59 19.19 -31.40
C GLY B 331 4.41 19.42 -30.52
N GLN B 332 4.43 19.07 -29.23
CA GLN B 332 3.24 19.40 -28.43
CA GLN B 332 3.42 19.42 -28.24
C GLN B 332 3.19 20.91 -28.17
N GLY B 333 2.05 21.28 -27.58
CA GLY B 333 1.70 22.64 -27.47
C GLY B 333 0.22 22.72 -27.57
N VAL B 334 -0.33 22.69 -28.78
CA VAL B 334 -1.79 22.93 -28.96
C VAL B 334 -2.57 21.71 -28.54
N ASN B 335 -1.97 20.55 -28.76
CA ASN B 335 -2.63 19.32 -28.51
C ASN B 335 -3.00 19.16 -27.04
N SER B 336 -2.07 19.40 -26.10
CA SER B 336 -2.37 19.25 -24.73
C SER B 336 -3.29 20.31 -24.30
N GLY B 337 -3.22 21.46 -24.93
CA GLY B 337 -4.24 22.49 -24.67
C GLY B 337 -5.66 22.16 -25.07
N LEU B 338 -5.80 21.44 -26.18
CA LEU B 338 -7.12 21.10 -26.67
C LEU B 338 -7.64 19.98 -25.78
N VAL B 339 -6.74 19.12 -25.30
CA VAL B 339 -7.16 18.16 -24.31
C VAL B 339 -7.71 18.89 -23.07
N ASP B 340 -7.03 19.97 -22.64
CA ASP B 340 -7.49 20.77 -21.53
C ASP B 340 -8.88 21.21 -21.81
N ALA B 341 -9.06 21.66 -23.04
CA ALA B 341 -10.41 22.04 -23.44
C ALA B 341 -11.37 20.88 -23.16
N LEU B 342 -11.07 19.71 -23.65
CA LEU B 342 -12.03 18.62 -23.67
C LEU B 342 -12.35 18.12 -22.27
N ILE B 343 -11.30 17.99 -21.44
CA ILE B 343 -11.49 17.59 -20.07
C ILE B 343 -12.31 18.61 -19.26
N LEU B 344 -12.00 19.89 -19.46
CA LEU B 344 -12.68 20.93 -18.68
C LEU B 344 -14.15 21.03 -19.09
N SER B 345 -14.44 21.01 -20.38
CA SER B 345 -15.85 21.12 -20.76
C SER B 345 -16.62 19.94 -20.27
N ASP B 346 -16.08 18.74 -20.49
CA ASP B 346 -16.72 17.54 -20.00
C ASP B 346 -17.05 17.72 -18.52
N ASN B 347 -16.03 18.02 -17.74
CA ASN B 347 -16.23 18.24 -16.31
C ASN B 347 -17.32 19.29 -16.03
N LEU B 348 -17.37 20.37 -16.78
CA LEU B 348 -18.38 21.42 -16.53
C LEU B 348 -19.82 21.02 -16.95
N ALA B 349 -19.91 20.14 -17.95
CA ALA B 349 -21.18 19.73 -18.50
C ALA B 349 -21.92 18.79 -17.53
N ASP B 350 -21.36 17.59 -17.37
CA ASP B 350 -22.06 16.45 -16.76
C ASP B 350 -22.94 16.79 -15.56
N GLY B 351 -22.45 17.70 -14.72
CA GLY B 351 -23.02 17.86 -13.38
C GLY B 351 -22.84 16.54 -12.64
N LYS B 352 -21.67 15.91 -12.86
CA LYS B 352 -21.24 14.76 -12.07
C LYS B 352 -20.74 15.31 -10.72
N PHE B 353 -20.07 16.47 -10.79
CA PHE B 353 -19.48 17.15 -9.64
C PHE B 353 -20.46 18.02 -8.85
N ASN B 354 -20.16 18.22 -7.58
CA ASN B 354 -21.03 18.99 -6.70
C ASN B 354 -20.98 20.48 -6.92
N SER B 355 -19.82 20.96 -7.38
CA SER B 355 -19.59 22.40 -7.55
C SER B 355 -18.66 22.72 -8.68
N ILE B 356 -18.80 23.91 -9.23
CA ILE B 356 -17.87 24.35 -10.27
C ILE B 356 -16.45 24.15 -9.76
N GLU B 357 -16.22 24.63 -8.56
CA GLU B 357 -14.91 24.61 -7.92
C GLU B 357 -14.30 23.21 -7.92
N GLU B 358 -15.11 22.19 -7.60
CA GLU B 358 -14.68 20.80 -7.70
C GLU B 358 -14.38 20.35 -9.13
N ALA B 359 -15.20 20.79 -10.08
CA ALA B 359 -15.02 20.46 -11.48
C ALA B 359 -13.69 20.98 -12.04
N VAL B 360 -13.34 22.19 -11.65
CA VAL B 360 -12.09 22.80 -11.99
C VAL B 360 -10.97 22.00 -11.32
N LYS B 361 -11.12 21.70 -10.03
CA LYS B 361 -10.03 21.08 -9.32
C LYS B 361 -9.71 19.79 -10.00
N ASN B 362 -10.73 19.04 -10.40
CA ASN B 362 -10.47 17.77 -11.08
C ASN B 362 -9.77 17.97 -12.41
N TYR B 363 -10.25 18.90 -13.21
CA TYR B 363 -9.60 19.14 -14.50
C TYR B 363 -8.11 19.43 -14.27
N GLU B 364 -7.82 20.34 -13.35
CA GLU B 364 -6.47 20.69 -13.00
C GLU B 364 -5.68 19.44 -12.53
N GLN B 365 -6.21 18.62 -11.66
CA GLN B 365 -5.49 17.40 -11.28
C GLN B 365 -5.00 16.52 -12.46
N GLN B 366 -5.85 16.42 -13.50
CA GLN B 366 -5.54 15.59 -14.69
C GLN B 366 -4.44 16.26 -15.50
N MET B 367 -4.60 17.56 -15.66
CA MET B 367 -3.75 18.38 -16.51
C MET B 367 -2.34 18.47 -15.95
N PHE B 368 -2.21 18.51 -14.63
CA PHE B 368 -0.89 18.47 -14.04
C PHE B 368 -0.17 17.23 -14.54
N ILE B 369 -0.88 16.12 -14.64
CA ILE B 369 -0.22 14.87 -14.99
C ILE B 369 0.21 14.81 -16.45
N TYR B 370 -0.69 15.08 -17.39
CA TYR B 370 -0.30 14.97 -18.81
C TYR B 370 0.48 16.16 -19.27
N GLY B 371 0.20 17.33 -18.69
CA GLY B 371 1.02 18.53 -18.89
C GLY B 371 2.47 18.36 -18.48
N LYS B 372 2.71 17.90 -17.27
CA LYS B 372 4.08 17.62 -16.83
C LYS B 372 4.76 16.61 -17.74
N GLU B 373 4.00 15.64 -18.20
CA GLU B 373 4.54 14.65 -19.11
C GLU B 373 5.11 15.36 -20.36
N ALA B 374 4.26 16.18 -20.98
CA ALA B 374 4.58 16.93 -22.16
C ALA B 374 5.75 17.90 -21.91
N GLN B 375 5.77 18.57 -20.75
CA GLN B 375 6.83 19.52 -20.46
C GLN B 375 8.16 18.80 -20.42
N GLU B 376 8.19 17.64 -19.78
CA GLU B 376 9.39 16.87 -19.65
C GLU B 376 9.84 16.48 -21.03
N GLU B 377 8.90 16.03 -21.84
CA GLU B 377 9.23 15.57 -23.17
C GLU B 377 9.84 16.74 -23.96
N SER B 378 9.26 17.93 -23.79
CA SER B 378 9.68 19.05 -24.56
C SER B 378 10.95 19.65 -24.07
N THR B 379 11.13 19.66 -22.76
CA THR B 379 12.39 20.07 -22.13
C THR B 379 13.52 19.14 -22.53
N GLN B 380 13.27 17.84 -22.47
CA GLN B 380 14.35 16.86 -22.67
C GLN B 380 14.72 16.88 -24.15
N ASN B 381 13.75 17.12 -25.02
CA ASN B 381 14.08 17.25 -26.44
C ASN B 381 14.91 18.51 -26.66
N GLU B 382 14.46 19.63 -26.12
CA GLU B 382 15.25 20.81 -26.14
C GLU B 382 16.70 20.56 -25.67
N ILE B 383 16.89 19.90 -24.55
CA ILE B 383 18.24 19.60 -24.13
C ILE B 383 18.96 18.76 -25.18
N GLU B 384 18.30 17.70 -25.63
CA GLU B 384 18.88 16.73 -26.54
C GLU B 384 19.38 17.42 -27.80
N MET B 385 18.52 18.26 -28.36
CA MET B 385 18.75 18.84 -29.70
C MET B 385 19.90 19.83 -29.75
N PHE B 386 20.06 20.55 -28.65
CA PHE B 386 21.12 21.53 -28.54
C PHE B 386 22.38 20.98 -27.96
N LYS B 387 22.36 19.70 -27.56
CA LYS B 387 23.61 19.02 -27.22
C LYS B 387 24.45 19.18 -28.49
N PRO B 388 25.69 19.63 -28.32
CA PRO B 388 26.69 19.94 -29.39
C PRO B 388 26.68 19.06 -30.68
N ASP B 389 26.66 17.73 -30.53
CA ASP B 389 26.81 16.81 -31.68
C ASP B 389 25.49 16.15 -32.15
N PHE B 390 24.35 16.81 -31.86
CA PHE B 390 23.03 16.29 -32.25
C PHE B 390 22.86 16.08 -33.78
N THR B 391 22.23 14.95 -34.14
CA THR B 391 21.66 14.71 -35.49
C THR B 391 20.26 14.12 -35.32
N PHE B 392 19.34 14.55 -36.20
CA PHE B 392 17.88 14.18 -36.10
C PHE B 392 17.60 12.66 -36.26
N GLN B 393 18.52 11.91 -36.88
CA GLN B 393 18.43 10.43 -36.95
C GLN B 393 19.71 9.80 -36.45
N LEU C 23 11.95 16.63 17.59
CA LEU C 23 11.03 17.82 17.43
C LEU C 23 10.39 18.33 18.75
N LEU C 24 10.65 17.60 19.86
CA LEU C 24 10.63 18.08 21.27
C LEU C 24 12.04 17.99 21.91
N SER C 25 13.04 17.87 21.05
CA SER C 25 14.38 17.49 21.43
C SER C 25 14.90 18.13 22.74
N ASP C 26 14.91 19.46 22.84
CA ASP C 26 15.44 20.09 24.07
C ASP C 26 14.37 20.53 25.05
N LYS C 27 13.23 19.83 25.05
CA LYS C 27 12.05 20.37 25.69
C LYS C 27 11.38 19.35 26.60
N ASN C 28 10.41 19.81 27.40
CA ASN C 28 9.67 18.91 28.30
C ASN C 28 8.16 19.12 28.20
N VAL C 29 7.42 18.06 28.49
CA VAL C 29 6.01 18.05 28.22
C VAL C 29 5.27 17.86 29.51
N ALA C 30 4.19 18.59 29.70
CA ALA C 30 3.42 18.42 30.94
C ALA C 30 2.03 17.93 30.56
N ILE C 31 1.68 16.74 31.05
CA ILE C 31 0.40 16.18 30.84
C ILE C 31 -0.38 16.40 32.11
N ILE C 32 -1.47 17.14 32.06
CA ILE C 32 -2.26 17.41 33.27
C ILE C 32 -3.34 16.37 33.35
N GLY C 33 -3.22 15.47 34.31
CA GLY C 33 -4.17 14.36 34.39
C GLY C 33 -3.66 12.96 34.10
N GLY C 34 -3.77 12.08 35.10
CA GLY C 34 -3.29 10.68 34.98
C GLY C 34 -4.40 9.64 34.93
N GLY C 35 -5.44 9.95 34.14
CA GLY C 35 -6.42 8.99 33.75
C GLY C 35 -5.81 8.05 32.73
N PRO C 36 -6.62 7.18 32.15
CA PRO C 36 -6.21 6.26 31.08
C PRO C 36 -5.63 6.97 29.92
N VAL C 37 -6.27 8.08 29.54
CA VAL C 37 -5.76 8.78 28.36
C VAL C 37 -4.40 9.38 28.61
N GLY C 38 -4.29 10.12 29.69
CA GLY C 38 -3.08 10.84 30.06
C GLY C 38 -1.91 9.91 30.26
N LEU C 39 -2.13 8.84 30.99
CA LEU C 39 -1.03 7.88 31.24
C LEU C 39 -0.57 7.24 29.94
N THR C 40 -1.51 6.98 29.04
CA THR C 40 -1.19 6.33 27.80
C THR C 40 -0.34 7.29 26.97
N MET C 41 -0.79 8.55 26.93
CA MET C 41 -0.04 9.62 26.24
C MET C 41 1.38 9.60 26.76
N ALA C 42 1.53 9.61 28.08
CA ALA C 42 2.83 9.54 28.74
C ALA C 42 3.70 8.40 28.23
N LYS C 43 3.10 7.20 28.13
CA LYS C 43 3.85 6.03 27.72
C LYS C 43 4.35 6.18 26.28
N LEU C 44 3.42 6.54 25.38
CA LEU C 44 3.77 6.62 23.94
C LEU C 44 4.84 7.68 23.72
N LEU C 45 4.80 8.78 24.48
CA LEU C 45 5.80 9.80 24.40
C LEU C 45 7.10 9.30 25.01
N GLN C 46 7.03 8.66 26.15
CA GLN C 46 8.25 8.30 26.87
C GLN C 46 9.06 7.27 26.11
N GLN C 47 8.37 6.35 25.42
CA GLN C 47 9.07 5.32 24.62
C GLN C 47 9.79 5.90 23.37
N ASN C 48 9.47 7.13 22.99
CA ASN C 48 10.19 7.81 21.93
C ASN C 48 11.27 8.76 22.46
N GLY C 49 11.59 8.62 23.75
CA GLY C 49 12.67 9.41 24.34
C GLY C 49 12.31 10.84 24.70
N ILE C 50 11.01 11.12 24.83
CA ILE C 50 10.55 12.45 25.16
C ILE C 50 10.37 12.62 26.66
N ASP C 51 10.93 13.72 27.19
CA ASP C 51 10.86 14.06 28.60
C ASP C 51 9.45 14.52 28.98
N VAL C 52 8.74 13.70 29.74
CA VAL C 52 7.36 14.01 30.05
C VAL C 52 7.08 13.74 31.51
N SER C 53 6.19 14.54 32.09
CA SER C 53 5.72 14.35 33.47
C SER C 53 4.19 14.37 33.49
N VAL C 54 3.60 13.61 34.40
CA VAL C 54 2.16 13.61 34.53
C VAL C 54 1.83 14.13 35.88
N TYR C 55 1.07 15.20 35.92
CA TYR C 55 0.67 15.78 37.20
C TYR C 55 -0.74 15.32 37.53
N GLU C 56 -0.87 14.57 38.60
CA GLU C 56 -2.18 14.01 38.99
C GLU C 56 -2.65 14.41 40.38
N ARG C 57 -3.88 14.92 40.42
CA ARG C 57 -4.61 15.35 41.57
C ARG C 57 -4.66 14.32 42.67
N ASP C 58 -5.00 13.10 42.33
CA ASP C 58 -5.10 12.01 43.32
C ASP C 58 -3.83 11.89 44.19
N ASN C 59 -4.10 11.56 45.40
CA ASN C 59 -3.10 11.59 46.43
C ASN C 59 -1.97 10.58 46.21
N ASP C 60 -2.25 9.44 45.59
CA ASP C 60 -1.26 8.37 45.39
C ASP C 60 -1.79 7.22 44.52
N ARG C 61 -0.87 6.37 44.08
CA ARG C 61 -1.19 5.23 43.22
C ARG C 61 -2.44 4.46 43.61
N GLU C 62 -2.71 4.35 44.90
CA GLU C 62 -3.77 3.46 45.39
C GLU C 62 -5.14 4.14 45.58
N ALA C 63 -5.28 5.41 45.21
CA ALA C 63 -6.63 6.04 45.24
C ALA C 63 -7.62 5.22 44.43
N ARG C 64 -8.73 4.86 45.02
CA ARG C 64 -9.77 4.09 44.36
C ARG C 64 -10.39 4.95 43.29
N ILE C 65 -10.60 4.39 42.11
CA ILE C 65 -11.24 5.07 40.98
C ILE C 65 -12.64 4.54 40.93
N PHE C 66 -13.59 5.40 41.16
CA PHE C 66 -14.97 4.96 41.13
C PHE C 66 -15.49 4.92 39.69
N GLY C 67 -16.36 3.96 39.43
CA GLY C 67 -16.95 3.74 38.10
C GLY C 67 -16.95 2.27 37.78
N GLY C 68 -17.72 1.89 36.74
CA GLY C 68 -17.69 0.55 36.11
C GLY C 68 -16.41 0.28 35.30
N THR C 69 -16.47 -0.72 34.42
CA THR C 69 -15.29 -1.18 33.68
C THR C 69 -15.19 -0.52 32.31
N LEU C 70 -14.02 -0.58 31.71
CA LEU C 70 -13.77 -0.06 30.39
C LEU C 70 -13.49 -1.24 29.45
N ASP C 71 -13.88 -1.09 28.18
CA ASP C 71 -13.59 -2.12 27.19
C ASP C 71 -12.90 -1.43 26.06
N LEU C 72 -11.74 -1.94 25.67
CA LEU C 72 -10.96 -1.36 24.57
C LEU C 72 -11.25 -2.08 23.27
N HIS C 73 -11.55 -1.30 22.22
CA HIS C 73 -11.97 -1.89 20.92
C HIS C 73 -10.79 -2.16 19.98
N LYS C 74 -10.97 -3.20 19.15
CA LYS C 74 -9.93 -3.70 18.24
C LYS C 74 -9.34 -2.67 17.27
N GLY C 75 -10.11 -1.70 16.83
CA GLY C 75 -9.56 -0.70 15.91
C GLY C 75 -8.97 0.56 16.52
N SER C 76 -9.18 0.74 17.83
CA SER C 76 -8.89 2.01 18.47
C SER C 76 -8.08 1.82 19.74
N GLY C 77 -8.78 1.61 20.85
CA GLY C 77 -8.15 1.42 22.13
C GLY C 77 -7.07 0.37 22.11
N GLN C 78 -7.35 -0.81 21.53
CA GLN C 78 -6.36 -1.92 21.49
C GLN C 78 -5.15 -1.56 20.64
N GLU C 79 -5.33 -0.63 19.71
CA GLU C 79 -4.22 -0.16 18.91
C GLU C 79 -3.21 0.69 19.75
N ALA C 80 -3.73 1.45 20.72
CA ALA C 80 -2.86 2.26 21.55
C ALA C 80 -2.02 1.39 22.44
N MET C 81 -2.71 0.42 23.05
CA MET C 81 -2.09 -0.54 23.93
C MET C 81 -1.10 -1.37 23.13
N LYS C 82 -1.46 -1.75 21.92
CA LYS C 82 -0.51 -2.47 21.04
C LYS C 82 0.74 -1.64 20.77
N LYS C 83 0.56 -0.36 20.50
CA LYS C 83 1.71 0.53 20.27
C LYS C 83 2.50 0.72 21.54
N ALA C 84 1.83 0.57 22.67
CA ALA C 84 2.48 0.63 23.98
C ALA C 84 3.21 -0.69 24.38
N GLY C 85 2.96 -1.77 23.68
CA GLY C 85 3.47 -3.07 24.10
C GLY C 85 2.67 -3.65 25.26
N LEU C 86 1.45 -3.16 25.46
CA LEU C 86 0.59 -3.57 26.57
C LEU C 86 -0.67 -4.42 26.25
N LEU C 87 -0.89 -4.78 24.99
CA LEU C 87 -2.12 -5.46 24.64
C LEU C 87 -2.29 -6.80 25.40
N GLN C 88 -1.22 -7.59 25.46
CA GLN C 88 -1.34 -8.91 26.09
C GLN C 88 -1.67 -8.80 27.58
N THR C 89 -1.10 -7.77 28.24
CA THR C 89 -1.32 -7.50 29.65
C THR C 89 -2.77 -7.09 29.84
N TYR C 90 -3.26 -6.26 28.90
CA TYR C 90 -4.68 -5.87 28.90
C TYR C 90 -5.50 -7.17 28.77
N TYR C 91 -5.22 -7.97 27.78
CA TYR C 91 -5.95 -9.24 27.70
C TYR C 91 -5.86 -10.10 28.98
N ASP C 92 -4.70 -10.11 29.64
CA ASP C 92 -4.50 -10.95 30.81
C ASP C 92 -5.37 -10.54 31.99
N LEU C 93 -5.60 -9.23 32.09
CA LEU C 93 -6.32 -8.72 33.24
C LEU C 93 -7.79 -8.54 32.95
N ALA C 94 -8.14 -8.53 31.65
CA ALA C 94 -9.51 -8.19 31.20
C ALA C 94 -10.34 -9.44 31.21
N LEU C 95 -11.64 -9.25 31.31
CA LEU C 95 -12.59 -10.30 31.44
C LEU C 95 -13.66 -10.12 30.36
N PRO C 96 -13.73 -11.06 29.41
CA PRO C 96 -14.78 -10.91 28.41
C PRO C 96 -16.13 -11.20 29.03
N MET C 97 -17.18 -10.52 28.59
CA MET C 97 -18.49 -10.73 29.17
C MET C 97 -19.67 -10.79 28.25
N GLY C 98 -20.59 -11.66 28.65
CA GLY C 98 -21.84 -11.79 27.95
C GLY C 98 -22.73 -10.66 28.38
N VAL C 99 -23.86 -10.53 27.69
CA VAL C 99 -24.86 -9.54 27.99
C VAL C 99 -26.21 -10.20 28.01
N ASN C 100 -26.97 -9.87 29.03
CA ASN C 100 -28.36 -10.28 29.12
C ASN C 100 -29.16 -9.01 28.98
N ILE C 101 -30.26 -9.07 28.22
CA ILE C 101 -31.24 -8.01 28.24
C ILE C 101 -32.45 -8.56 28.95
N ALA C 102 -32.94 -7.83 29.96
CA ALA C 102 -34.08 -8.26 30.76
C ALA C 102 -35.13 -7.16 30.76
N ASP C 103 -36.38 -7.54 31.05
CA ASP C 103 -37.44 -6.55 31.23
C ASP C 103 -37.55 -6.26 32.72
N GLU C 104 -38.48 -5.38 33.07
CA GLU C 104 -38.73 -5.07 34.47
C GLU C 104 -39.18 -6.29 35.30
N LYS C 105 -39.23 -7.49 34.72
CA LYS C 105 -39.05 -8.78 35.45
C LYS C 105 -38.02 -9.85 34.84
N GLY C 106 -38.33 -10.45 33.66
CA GLY C 106 -37.57 -11.63 33.03
C GLY C 106 -36.45 -11.43 31.98
N ASN C 107 -35.83 -12.51 31.49
CA ASN C 107 -34.76 -12.39 30.45
C ASN C 107 -35.21 -12.47 29.01
N ILE C 108 -34.78 -11.52 28.21
CA ILE C 108 -35.28 -11.41 26.85
C ILE C 108 -34.26 -11.92 25.82
N LEU C 109 -32.98 -11.70 26.08
CA LEU C 109 -31.92 -12.18 25.20
C LEU C 109 -30.69 -12.42 26.04
N SER C 110 -29.89 -13.38 25.61
CA SER C 110 -28.66 -13.76 26.27
C SER C 110 -27.57 -13.94 25.19
N THR C 111 -26.65 -13.00 25.11
CA THR C 111 -25.53 -13.09 24.15
C THR C 111 -24.33 -13.50 24.96
N LYS C 112 -24.04 -14.79 25.00
CA LYS C 112 -22.79 -15.24 25.62
C LYS C 112 -21.65 -14.92 24.66
N ASN C 113 -20.41 -14.92 25.13
CA ASN C 113 -19.29 -14.66 24.23
C ASN C 113 -18.82 -15.94 23.62
N VAL C 114 -18.71 -15.93 22.30
CA VAL C 114 -18.18 -17.07 21.55
C VAL C 114 -16.67 -16.92 21.58
N LYS C 115 -15.98 -18.04 21.54
CA LYS C 115 -14.53 -18.09 21.72
C LYS C 115 -13.72 -17.26 20.69
N PRO C 116 -14.21 -17.13 19.44
CA PRO C 116 -13.49 -16.25 18.51
C PRO C 116 -13.78 -14.74 18.70
N GLU C 117 -14.67 -14.40 19.62
CA GLU C 117 -14.98 -13.01 19.90
C GLU C 117 -14.48 -12.52 21.28
N ASN C 118 -13.69 -13.36 21.98
CA ASN C 118 -13.34 -13.05 23.38
C ASN C 118 -12.18 -12.07 23.61
N ARG C 119 -11.35 -11.87 22.58
CA ARG C 119 -10.26 -10.90 22.60
C ARG C 119 -10.75 -9.61 21.93
N PHE C 120 -12.00 -9.62 21.49
CA PHE C 120 -12.41 -8.86 20.34
C PHE C 120 -13.26 -7.78 20.93
N ASP C 121 -12.74 -6.54 20.98
CA ASP C 121 -13.57 -5.36 21.21
C ASP C 121 -14.63 -5.66 22.32
N ASN C 122 -14.15 -6.37 23.31
CA ASN C 122 -14.99 -6.88 24.36
C ASN C 122 -14.39 -6.63 25.70
N PRO C 123 -13.10 -7.00 25.93
CA PRO C 123 -12.77 -7.44 27.30
C PRO C 123 -12.88 -6.31 28.34
N GLU C 124 -13.76 -6.52 29.30
CA GLU C 124 -13.97 -5.57 30.37
C GLU C 124 -12.80 -5.60 31.35
N ILE C 125 -12.30 -4.39 31.66
CA ILE C 125 -11.15 -4.24 32.55
C ILE C 125 -11.46 -3.22 33.55
N ASN C 126 -10.97 -3.46 34.74
CA ASN C 126 -11.26 -2.59 35.90
C ASN C 126 -10.33 -1.41 35.71
N ARG C 127 -10.77 -0.25 36.16
CA ARG C 127 -10.05 0.96 35.94
C ARG C 127 -8.79 1.08 36.79
N ASN C 128 -8.82 0.64 38.04
CA ASN C 128 -7.59 0.58 38.78
C ASN C 128 -6.59 -0.38 38.11
N ASP C 129 -7.05 -1.55 37.61
CA ASP C 129 -6.19 -2.49 36.88
C ASP C 129 -5.55 -1.84 35.64
N LEU C 130 -6.34 -1.11 34.88
CA LEU C 130 -5.84 -0.43 33.69
C LEU C 130 -4.79 0.61 34.09
N ARG C 131 -5.08 1.40 35.13
CA ARG C 131 -4.09 2.38 35.66
C ARG C 131 -2.84 1.66 36.07
N ALA C 132 -2.98 0.52 36.74
CA ALA C 132 -1.82 -0.18 37.26
C ALA C 132 -0.96 -0.62 36.09
N ILE C 133 -1.58 -1.00 34.97
CA ILE C 133 -0.81 -1.46 33.81
C ILE C 133 -0.06 -0.28 33.21
N LEU C 134 -0.75 0.83 33.06
CA LEU C 134 -0.13 1.99 32.42
C LEU C 134 1.00 2.48 33.32
N LEU C 135 0.74 2.63 34.61
CA LEU C 135 1.78 3.16 35.52
C LEU C 135 3.01 2.31 35.50
N ASN C 136 2.79 1.02 35.42
CA ASN C 136 3.87 0.10 35.58
C ASN C 136 4.76 0.11 34.32
N SER C 137 4.21 0.58 33.20
CA SER C 137 4.92 0.66 31.92
C SER C 137 5.78 1.91 31.83
N LEU C 138 5.58 2.88 32.73
CA LEU C 138 6.34 4.12 32.70
C LEU C 138 7.57 4.10 33.59
N GLU C 139 8.51 4.96 33.29
CA GLU C 139 9.68 5.13 34.18
C GLU C 139 9.29 5.68 35.52
N ASN C 140 10.16 5.49 36.49
CA ASN C 140 9.89 5.88 37.85
C ASN C 140 9.75 7.40 37.93
N ASP C 141 8.87 7.90 38.80
CA ASP C 141 8.72 9.34 38.98
C ASP C 141 8.32 10.13 37.75
N THR C 142 7.64 9.50 36.81
CA THR C 142 7.03 10.18 35.68
C THR C 142 5.77 10.88 36.24
N VAL C 143 4.92 10.11 36.91
CA VAL C 143 3.71 10.69 37.53
C VAL C 143 4.03 11.31 38.85
N ILE C 144 3.60 12.57 39.02
CA ILE C 144 3.75 13.31 40.29
C ILE C 144 2.37 13.41 40.96
N TRP C 145 2.21 12.80 42.11
CA TRP C 145 0.87 12.66 42.70
C TRP C 145 0.54 13.84 43.59
N ASP C 146 -0.71 13.99 43.97
CA ASP C 146 -1.13 15.10 44.82
C ASP C 146 -0.78 16.42 44.21
N ARG C 147 -0.96 16.55 42.89
CA ARG C 147 -0.77 17.82 42.17
C ARG C 147 -2.09 18.24 41.50
N LYS C 148 -2.79 19.20 42.07
CA LYS C 148 -4.00 19.71 41.50
C LYS C 148 -3.71 20.99 40.80
N LEU C 149 -3.64 20.96 39.44
CA LEU C 149 -3.40 22.16 38.66
C LEU C 149 -4.56 23.09 38.89
N VAL C 150 -4.29 24.32 39.37
CA VAL C 150 -5.33 25.32 39.50
C VAL C 150 -5.16 26.49 38.52
N MET C 151 -3.95 26.79 38.06
CA MET C 151 -3.77 27.92 37.17
C MET C 151 -2.65 27.59 36.21
N LEU C 152 -2.71 28.26 35.06
CA LEU C 152 -1.81 28.06 33.96
C LEU C 152 -1.54 29.46 33.44
N GLU C 153 -0.30 29.73 33.01
CA GLU C 153 0.11 31.05 32.71
C GLU C 153 1.29 31.01 31.71
N PRO C 154 1.14 31.69 30.59
CA PRO C 154 2.17 31.62 29.58
C PRO C 154 3.33 32.58 29.82
N GLY C 155 4.53 32.04 29.90
CA GLY C 155 5.72 32.86 30.01
C GLY C 155 6.18 33.22 28.61
N LYS C 156 7.49 33.27 28.46
CA LYS C 156 8.14 33.81 27.27
C LYS C 156 8.41 32.64 26.30
N LYS C 157 8.98 31.55 26.83
CA LYS C 157 9.20 30.30 26.08
C LYS C 157 8.64 29.08 26.87
N LYS C 158 7.95 29.32 27.97
CA LYS C 158 7.44 28.23 28.80
C LYS C 158 6.17 28.54 29.58
N TRP C 159 5.42 27.49 29.84
CA TRP C 159 4.20 27.61 30.62
C TRP C 159 4.56 27.53 32.09
N THR C 160 3.94 28.39 32.90
CA THR C 160 4.02 28.26 34.36
C THR C 160 2.76 27.63 34.95
N LEU C 161 2.98 26.55 35.67
CA LEU C 161 1.91 25.72 36.17
C LEU C 161 1.79 25.81 37.67
N THR C 162 0.62 26.23 38.13
CA THR C 162 0.37 26.49 39.55
C THR C 162 -0.40 25.38 40.19
N PHE C 163 0.14 24.76 41.24
CA PHE C 163 -0.55 23.62 41.90
C PHE C 163 -0.93 23.90 43.34
N GLU C 164 -2.12 23.46 43.76
CA GLU C 164 -2.62 23.78 45.06
C GLU C 164 -1.62 23.39 46.16
N ASN C 165 -1.19 24.37 46.94
CA ASN C 165 -0.25 24.14 48.03
C ASN C 165 0.96 23.30 47.66
N LYS C 166 1.50 23.50 46.46
CA LYS C 166 2.72 22.79 46.04
C LYS C 166 3.58 23.60 45.12
N PRO C 167 4.84 23.22 44.94
CA PRO C 167 5.65 24.11 44.12
C PRO C 167 5.14 24.19 42.70
N SER C 168 5.28 25.35 42.08
CA SER C 168 4.91 25.46 40.70
C SER C 168 6.00 24.86 39.82
N GLU C 169 5.63 24.58 38.57
CA GLU C 169 6.50 23.94 37.58
C GLU C 169 6.37 24.64 36.23
N THR C 170 7.32 24.37 35.34
CA THR C 170 7.21 24.91 34.00
C THR C 170 7.21 23.77 32.98
N ALA C 171 6.65 24.01 31.80
CA ALA C 171 6.74 23.06 30.68
C ALA C 171 6.71 23.79 29.32
N ASP C 172 7.24 23.13 28.28
CA ASP C 172 7.29 23.75 26.92
C ASP C 172 5.99 23.48 26.20
N LEU C 173 5.31 22.42 26.62
CA LEU C 173 4.08 21.95 26.00
C LEU C 173 3.18 21.42 27.08
N VAL C 174 1.94 21.86 27.07
CA VAL C 174 0.96 21.31 28.01
C VAL C 174 -0.06 20.46 27.24
N ILE C 175 -0.30 19.27 27.77
CA ILE C 175 -1.36 18.47 27.25
C ILE C 175 -2.36 18.32 28.37
N LEU C 176 -3.53 18.90 28.17
CA LEU C 176 -4.60 18.74 29.12
C LEU C 176 -5.23 17.36 28.89
N ALA C 177 -5.21 16.53 29.91
CA ALA C 177 -5.87 15.22 29.92
C ALA C 177 -6.65 15.09 31.22
N ASN C 178 -7.20 16.20 31.72
CA ASN C 178 -7.72 16.19 33.06
C ASN C 178 -9.21 16.01 33.17
N GLY C 179 -9.81 15.43 32.16
CA GLY C 179 -11.20 15.00 32.26
C GLY C 179 -12.13 16.05 31.78
N GLY C 180 -13.42 15.74 31.82
CA GLY C 180 -14.50 16.46 31.15
C GLY C 180 -14.90 17.77 31.82
N MET C 181 -14.48 17.94 33.09
CA MET C 181 -14.79 19.20 33.81
C MET C 181 -13.55 20.02 34.00
N SER C 182 -12.55 19.84 33.16
CA SER C 182 -11.35 20.67 33.22
C SER C 182 -11.70 22.16 33.25
N LYS C 183 -11.06 22.87 34.18
CA LYS C 183 -11.31 24.31 34.41
C LYS C 183 -10.21 25.12 33.76
N VAL C 184 -9.32 24.49 33.01
CA VAL C 184 -8.13 25.19 32.61
C VAL C 184 -7.97 25.13 31.12
N ARG C 185 -9.10 25.35 30.40
CA ARG C 185 -9.17 25.19 28.95
C ARG C 185 -9.11 26.48 28.18
N LYS C 186 -9.10 27.61 28.86
CA LYS C 186 -9.35 28.89 28.21
C LYS C 186 -8.37 29.21 27.08
N PHE C 187 -7.12 28.78 27.19
CA PHE C 187 -6.14 29.08 26.14
C PHE C 187 -6.34 28.28 24.84
N VAL C 188 -7.09 27.17 24.93
CA VAL C 188 -7.46 26.41 23.75
C VAL C 188 -8.83 26.85 23.20
N THR C 189 -9.82 26.97 24.06
CA THR C 189 -11.17 27.21 23.61
C THR C 189 -11.99 27.81 24.73
N ASP C 190 -12.98 28.62 24.36
CA ASP C 190 -13.94 29.23 25.27
C ASP C 190 -15.20 28.38 25.37
N THR C 191 -15.29 27.36 24.54
CA THR C 191 -16.41 26.44 24.57
C THR C 191 -16.61 25.94 25.97
N GLU C 192 -17.88 25.74 26.33
CA GLU C 192 -18.22 25.28 27.66
C GLU C 192 -18.89 23.94 27.66
N VAL C 193 -18.66 23.19 28.72
CA VAL C 193 -19.39 21.97 28.98
C VAL C 193 -20.88 22.25 29.07
N GLU C 194 -21.68 21.39 28.41
CA GLU C 194 -23.14 21.43 28.45
C GLU C 194 -23.75 20.16 29.04
N GLU C 195 -24.91 20.34 29.66
CA GLU C 195 -25.77 19.23 30.09
C GLU C 195 -26.59 18.77 28.91
N THR C 196 -26.85 17.47 28.76
CA THR C 196 -27.59 16.98 27.58
C THR C 196 -29.05 16.73 27.87
N GLY C 197 -29.43 16.66 29.15
CA GLY C 197 -30.84 16.40 29.52
C GLY C 197 -31.13 15.05 30.17
N THR C 198 -30.13 14.17 30.27
CA THR C 198 -30.30 12.95 31.03
C THR C 198 -29.44 13.01 32.29
N PHE C 199 -29.62 12.05 33.20
CA PHE C 199 -28.98 12.04 34.51
C PHE C 199 -28.64 10.60 34.89
N ASN C 200 -27.53 10.36 35.56
CA ASN C 200 -27.10 9.01 35.89
C ASN C 200 -26.90 8.87 37.36
N ILE C 201 -27.40 7.79 37.94
CA ILE C 201 -27.06 7.41 39.32
C ILE C 201 -26.24 6.13 39.33
N GLN C 202 -25.03 6.12 39.88
CA GLN C 202 -24.16 4.92 39.91
C GLN C 202 -23.88 4.46 41.35
N ALA C 203 -23.70 3.16 41.57
CA ALA C 203 -23.34 2.64 42.85
C ALA C 203 -22.65 1.29 42.71
N ASP C 204 -21.91 0.89 43.74
CA ASP C 204 -21.31 -0.41 43.88
C ASP C 204 -21.98 -1.16 45.06
N ILE C 205 -22.16 -2.47 44.87
CA ILE C 205 -22.56 -3.38 45.92
C ILE C 205 -21.43 -4.41 46.09
N HIS C 206 -20.93 -4.55 47.30
CA HIS C 206 -19.97 -5.62 47.59
C HIS C 206 -20.60 -6.87 48.11
N GLN C 207 -20.01 -8.03 47.76
CA GLN C 207 -20.61 -9.35 47.98
C GLN C 207 -21.99 -9.37 47.38
N PRO C 208 -22.05 -9.08 46.09
CA PRO C 208 -23.38 -9.03 45.48
C PRO C 208 -24.16 -10.33 45.68
N GLU C 209 -23.46 -11.47 45.73
CA GLU C 209 -24.11 -12.77 45.82
C GLU C 209 -24.77 -12.96 47.18
N ILE C 210 -24.27 -12.22 48.17
CA ILE C 210 -24.91 -12.15 49.50
C ILE C 210 -25.94 -11.04 49.63
N ASN C 211 -25.59 -9.89 49.09
CA ASN C 211 -26.36 -8.69 49.33
C ASN C 211 -27.45 -8.40 48.30
N CYS C 212 -27.28 -8.82 47.04
CA CYS C 212 -28.41 -8.80 46.12
C CYS C 212 -28.49 -10.13 45.36
N PRO C 213 -28.80 -11.20 46.08
CA PRO C 213 -28.72 -12.53 45.48
C PRO C 213 -29.53 -12.62 44.20
N GLY C 214 -30.83 -12.30 44.28
CA GLY C 214 -31.73 -12.47 43.12
C GLY C 214 -31.18 -11.71 41.91
N PHE C 215 -30.75 -10.47 42.11
CA PHE C 215 -30.26 -9.70 40.98
C PHE C 215 -28.91 -10.23 40.50
N PHE C 216 -28.06 -10.64 41.44
CA PHE C 216 -26.83 -11.26 41.07
C PHE C 216 -27.15 -12.48 40.20
N GLN C 217 -28.12 -13.29 40.61
CA GLN C 217 -28.55 -14.46 39.84
C GLN C 217 -29.20 -14.16 38.46
N LEU C 218 -29.87 -13.04 38.29
CA LEU C 218 -30.32 -12.63 36.94
C LEU C 218 -29.14 -12.32 36.02
N CYS C 219 -28.12 -11.68 36.56
CA CYS C 219 -26.98 -11.32 35.76
C CYS C 219 -26.33 -12.62 35.25
N ASN C 220 -26.26 -13.61 36.13
CA ASN C 220 -25.72 -14.89 35.80
C ASN C 220 -24.37 -14.73 35.13
N GLY C 221 -23.50 -13.92 35.72
CA GLY C 221 -22.16 -13.74 35.17
C GLY C 221 -22.09 -12.88 33.93
N ASN C 222 -23.22 -12.36 33.45
CA ASN C 222 -23.21 -11.44 32.33
C ASN C 222 -23.56 -10.07 32.80
N ARG C 223 -23.25 -9.11 31.96
CA ARG C 223 -23.76 -7.74 32.14
C ARG C 223 -25.24 -7.82 31.92
N LEU C 224 -25.97 -6.86 32.47
CA LEU C 224 -27.42 -6.82 32.37
C LEU C 224 -27.86 -5.42 32.02
N MET C 225 -28.84 -5.33 31.11
CA MET C 225 -29.54 -4.07 30.75
C MET C 225 -31.05 -4.29 30.76
N ALA C 226 -31.77 -3.35 31.32
CA ALA C 226 -33.21 -3.38 31.28
C ALA C 226 -33.65 -1.97 30.97
N SER C 227 -34.76 -1.81 30.25
CA SER C 227 -35.35 -0.50 30.14
C SER C 227 -36.86 -0.54 30.24
N HIS C 228 -37.46 0.42 30.95
CA HIS C 228 -38.89 0.47 31.17
C HIS C 228 -39.35 1.86 31.54
N GLN C 229 -40.31 2.35 30.76
CA GLN C 229 -41.03 3.62 31.02
C GLN C 229 -40.07 4.75 31.37
N GLY C 230 -39.00 4.87 30.58
CA GLY C 230 -38.11 6.01 30.66
C GLY C 230 -36.89 5.79 31.52
N ASN C 231 -36.87 4.71 32.33
CA ASN C 231 -35.76 4.44 33.28
C ASN C 231 -34.91 3.30 32.76
N LEU C 232 -33.63 3.54 32.55
CA LEU C 232 -32.71 2.52 32.08
C LEU C 232 -31.83 2.02 33.29
N LEU C 233 -31.61 0.70 33.38
CA LEU C 233 -30.72 0.09 34.39
C LEU C 233 -29.65 -0.72 33.67
N PHE C 234 -28.41 -0.55 34.09
CA PHE C 234 -27.29 -1.33 33.54
C PHE C 234 -26.51 -1.87 34.69
N ALA C 235 -25.98 -3.08 34.57
CA ALA C 235 -25.21 -3.61 35.67
C ALA C 235 -24.08 -4.49 35.18
N ASN C 236 -23.02 -4.53 35.95
CA ASN C 236 -21.92 -5.42 35.68
C ASN C 236 -21.64 -6.10 36.98
N PRO C 237 -21.91 -7.40 37.05
CA PRO C 237 -21.90 -8.10 38.34
C PRO C 237 -20.52 -8.52 38.84
N ASN C 238 -19.49 -8.34 37.99
CA ASN C 238 -18.14 -8.80 38.29
C ASN C 238 -17.08 -7.75 37.86
N ASN C 239 -17.13 -6.59 38.51
CA ASN C 239 -16.02 -5.62 38.52
C ASN C 239 -15.07 -5.91 39.75
N ASN C 240 -14.08 -6.73 39.54
CA ASN C 240 -13.28 -7.25 40.62
C ASN C 240 -14.12 -7.56 41.84
N GLY C 241 -15.13 -8.40 41.63
CA GLY C 241 -15.96 -8.93 42.72
C GLY C 241 -16.97 -7.98 43.37
N ALA C 242 -17.24 -6.86 42.69
CA ALA C 242 -18.22 -5.85 43.12
C ALA C 242 -19.24 -5.66 42.00
N LEU C 243 -20.50 -5.47 42.38
CA LEU C 243 -21.49 -5.24 41.38
C LEU C 243 -21.55 -3.76 41.20
N HIS C 244 -21.32 -3.27 39.98
CA HIS C 244 -21.46 -1.85 39.67
C HIS C 244 -22.72 -1.66 38.87
N PHE C 245 -23.63 -0.83 39.34
CA PHE C 245 -24.85 -0.57 38.52
C PHE C 245 -25.14 0.88 38.24
N GLY C 246 -25.79 1.12 37.10
CA GLY C 246 -26.20 2.47 36.74
C GLY C 246 -27.67 2.57 36.47
N ILE C 247 -28.27 3.67 36.91
CA ILE C 247 -29.64 3.99 36.52
C ILE C 247 -29.69 5.36 35.84
N SER C 248 -30.26 5.44 34.65
CA SER C 248 -30.24 6.64 33.86
C SER C 248 -31.64 7.04 33.39
N PHE C 249 -31.92 8.33 33.37
CA PHE C 249 -33.24 8.85 33.05
C PHE C 249 -33.14 10.29 32.57
N LYS C 250 -34.14 10.72 31.78
CA LYS C 250 -34.33 12.15 31.43
C LYS C 250 -34.35 12.93 32.73
N THR C 251 -33.60 14.03 32.79
CA THR C 251 -33.56 14.81 34.02
C THR C 251 -34.95 15.37 34.30
N PRO C 252 -35.48 15.15 35.52
CA PRO C 252 -36.82 15.66 35.88
C PRO C 252 -36.88 17.16 35.76
N ASP C 253 -37.90 17.64 35.06
CA ASP C 253 -38.08 19.09 34.85
C ASP C 253 -37.98 19.85 36.20
N GLU C 254 -38.43 19.22 37.30
CA GLU C 254 -38.56 19.88 38.61
C GLU C 254 -37.41 19.63 39.57
N TRP C 255 -36.16 19.74 39.07
CA TRP C 255 -34.93 19.54 39.88
C TRP C 255 -34.05 20.79 39.84
N GLN C 260 -33.32 18.47 43.58
CA GLN C 260 -34.26 18.33 44.70
C GLN C 260 -34.20 16.92 45.31
N VAL C 261 -33.07 16.23 45.09
CA VAL C 261 -32.72 14.99 45.76
C VAL C 261 -31.28 15.20 46.24
N ASP C 262 -30.98 14.78 47.47
CA ASP C 262 -29.63 14.99 48.05
C ASP C 262 -28.81 13.71 48.03
N PHE C 263 -27.71 13.73 47.27
CA PHE C 263 -26.91 12.52 47.10
C PHE C 263 -26.03 12.20 48.30
N GLN C 264 -25.94 13.14 49.25
CA GLN C 264 -25.38 12.83 50.56
C GLN C 264 -26.34 12.02 51.43
N ASN C 265 -27.63 12.37 51.45
CA ASN C 265 -28.65 11.59 52.18
C ASN C 265 -29.14 10.40 51.33
N ARG C 266 -28.66 9.20 51.64
CA ARG C 266 -29.06 8.04 50.86
C ARG C 266 -30.58 7.86 50.89
N ASN C 267 -31.22 8.24 52.00
CA ASN C 267 -32.68 8.10 52.12
C ASN C 267 -33.42 8.85 51.04
N SER C 268 -33.00 10.08 50.74
CA SER C 268 -33.71 10.86 49.72
C SER C 268 -33.56 10.24 48.35
N VAL C 269 -32.42 9.57 48.09
CA VAL C 269 -32.19 8.89 46.81
C VAL C 269 -32.96 7.60 46.74
N VAL C 270 -32.88 6.78 47.77
CA VAL C 270 -33.69 5.57 47.85
C VAL C 270 -35.19 5.88 47.61
N ASP C 271 -35.74 6.84 48.37
CA ASP C 271 -37.18 7.18 48.22
C ASP C 271 -37.51 7.50 46.78
N PHE C 272 -36.68 8.34 46.17
CA PHE C 272 -36.84 8.70 44.77
C PHE C 272 -36.77 7.48 43.84
N LEU C 273 -35.82 6.60 44.08
CA LEU C 273 -35.65 5.45 43.18
C LEU C 273 -36.79 4.48 43.37
N LEU C 274 -37.23 4.29 44.61
CA LEU C 274 -38.37 3.41 44.87
C LEU C 274 -39.63 3.91 44.17
N LYS C 275 -39.91 5.22 44.23
CA LYS C 275 -41.07 5.77 43.48
C LYS C 275 -40.91 5.46 41.99
N GLU C 276 -39.76 5.82 41.42
CA GLU C 276 -39.50 5.60 40.00
C GLU C 276 -39.56 4.13 39.61
N PHE C 277 -39.01 3.29 40.48
CA PHE C 277 -38.93 1.84 40.20
C PHE C 277 -40.05 0.98 40.78
N SER C 278 -41.20 1.58 41.10
CA SER C 278 -42.26 0.85 41.79
C SER C 278 -42.82 -0.35 40.99
N ASP C 279 -43.00 -0.19 39.68
CA ASP C 279 -43.40 -1.29 38.80
C ASP C 279 -42.37 -2.46 38.70
N TRP C 280 -41.12 -2.22 39.03
CA TRP C 280 -40.06 -3.23 38.76
C TRP C 280 -40.04 -4.38 39.77
N ASP C 281 -39.58 -5.54 39.31
CA ASP C 281 -39.52 -6.75 40.14
C ASP C 281 -38.71 -6.46 41.38
N GLU C 282 -38.97 -7.23 42.43
CA GLU C 282 -38.35 -7.07 43.75
C GLU C 282 -36.84 -7.24 43.72
N ARG C 283 -36.33 -8.08 42.83
CA ARG C 283 -34.89 -8.19 42.68
C ARG C 283 -34.17 -6.87 42.35
N TYR C 284 -34.84 -5.98 41.60
CA TYR C 284 -34.24 -4.69 41.31
C TYR C 284 -34.38 -3.78 42.55
N LYS C 285 -35.52 -3.85 43.22
CA LYS C 285 -35.77 -3.05 44.44
C LYS C 285 -34.73 -3.32 45.54
N GLU C 286 -34.31 -4.56 45.59
CA GLU C 286 -33.34 -5.03 46.53
C GLU C 286 -31.99 -4.36 46.21
N LEU C 287 -31.74 -4.16 44.94
CA LEU C 287 -30.53 -3.43 44.51
C LEU C 287 -30.50 -2.01 45.11
N ILE C 288 -31.62 -1.32 45.04
CA ILE C 288 -31.71 0.03 45.57
C ILE C 288 -31.66 0.00 47.09
N HIS C 289 -32.16 -1.07 47.69
CA HIS C 289 -32.27 -1.11 49.14
C HIS C 289 -30.96 -1.34 49.88
N THR C 290 -30.09 -2.21 49.35
CA THR C 290 -28.85 -2.58 50.01
C THR C 290 -27.71 -1.65 49.64
N THR C 291 -27.88 -0.82 48.62
CA THR C 291 -26.84 0.14 48.30
C THR C 291 -26.62 1.13 49.43
N LEU C 292 -25.36 1.30 49.81
CA LEU C 292 -25.01 2.17 50.91
C LEU C 292 -24.86 3.60 50.44
N SER C 293 -24.34 3.78 49.23
CA SER C 293 -23.94 5.11 48.79
C SER C 293 -24.12 5.26 47.29
N PHE C 294 -24.80 6.34 46.85
CA PHE C 294 -25.07 6.65 45.43
C PHE C 294 -24.36 7.88 44.88
N VAL C 295 -23.92 7.85 43.62
CA VAL C 295 -23.35 9.04 42.97
C VAL C 295 -24.28 9.53 41.87
N GLY C 296 -24.69 10.79 41.96
CA GLY C 296 -25.57 11.42 40.99
C GLY C 296 -24.75 12.26 40.04
N LEU C 297 -24.97 12.12 38.75
CA LEU C 297 -24.15 12.86 37.78
C LEU C 297 -24.97 13.11 36.50
N ALA C 298 -25.19 14.38 36.17
CA ALA C 298 -25.93 14.75 34.98
C ALA C 298 -25.05 14.41 33.79
N THR C 299 -25.64 13.85 32.75
CA THR C 299 -24.86 13.64 31.54
C THR C 299 -24.42 14.98 30.91
N ARG C 300 -23.17 15.02 30.47
CA ARG C 300 -22.58 16.21 29.91
C ARG C 300 -21.84 15.90 28.64
N ILE C 301 -21.75 16.91 27.79
CA ILE C 301 -21.02 16.87 26.55
C ILE C 301 -20.17 18.14 26.43
N PHE C 302 -18.94 17.97 25.96
CA PHE C 302 -18.08 19.08 25.62
C PHE C 302 -18.01 19.16 24.09
N PRO C 303 -18.93 19.91 23.48
CA PRO C 303 -19.14 19.70 22.07
C PRO C 303 -18.04 20.28 21.16
N LEU C 304 -17.73 19.53 20.11
CA LEU C 304 -16.75 19.93 19.11
C LEU C 304 -17.52 20.67 18.02
N GLU C 305 -18.20 21.73 18.44
CA GLU C 305 -19.21 22.48 17.64
C GLU C 305 -18.55 23.58 16.86
N LYS C 306 -17.37 23.99 17.31
CA LYS C 306 -16.72 25.23 16.91
C LYS C 306 -15.22 24.93 16.90
N PRO C 307 -14.50 25.46 15.90
CA PRO C 307 -13.04 25.25 15.94
C PRO C 307 -12.38 25.82 17.21
N TRP C 308 -11.21 25.29 17.55
CA TRP C 308 -10.46 25.82 18.70
C TRP C 308 -9.63 27.03 18.30
N LYS C 309 -9.10 27.76 19.28
CA LYS C 309 -8.38 29.01 18.99
C LYS C 309 -7.14 28.79 18.12
N SER C 310 -7.02 29.50 17.02
CA SER C 310 -5.81 29.37 16.22
C SER C 310 -4.67 30.22 16.79
N LYS C 311 -4.99 31.33 17.47
CA LYS C 311 -3.94 32.12 18.12
C LYS C 311 -3.81 31.66 19.56
N ARG C 312 -2.71 30.95 19.86
CA ARG C 312 -2.36 30.53 21.23
C ARG C 312 -0.94 30.96 21.57
N PRO C 313 -0.70 31.42 22.81
CA PRO C 313 0.59 32.05 23.11
C PRO C 313 1.77 31.10 23.16
N LEU C 314 1.52 29.86 23.60
CA LEU C 314 2.52 28.77 23.64
C LEU C 314 1.85 27.41 23.33
N PRO C 315 2.66 26.37 23.04
CA PRO C 315 2.04 25.10 22.70
C PRO C 315 1.22 24.48 23.84
N ILE C 316 -0.07 24.22 23.54
CA ILE C 316 -1.00 23.61 24.46
C ILE C 316 -2.05 22.92 23.58
N THR C 317 -2.51 21.74 24.03
CA THR C 317 -3.65 21.06 23.40
C THR C 317 -4.40 20.24 24.45
N MET C 318 -5.42 19.49 24.03
CA MET C 318 -6.23 18.67 24.93
C MET C 318 -6.57 17.28 24.28
N ILE C 319 -6.62 16.24 25.10
CA ILE C 319 -6.96 14.88 24.66
C ILE C 319 -7.94 14.28 25.65
N GLY C 320 -8.55 13.16 25.24
CA GLY C 320 -9.48 12.48 26.13
C GLY C 320 -10.72 13.28 26.38
N ASP C 321 -11.34 13.13 27.56
CA ASP C 321 -12.61 13.79 27.85
C ASP C 321 -12.45 15.31 27.91
N ALA C 322 -11.26 15.80 28.26
CA ALA C 322 -11.03 17.25 28.22
C ALA C 322 -11.33 17.72 26.78
N ALA C 323 -11.00 16.87 25.80
CA ALA C 323 -11.12 17.27 24.42
C ALA C 323 -12.57 17.07 23.89
N HIS C 324 -13.24 15.99 24.30
CA HIS C 324 -14.53 15.62 23.74
C HIS C 324 -15.48 14.77 24.62
N LEU C 325 -15.48 15.06 25.90
CA LEU C 325 -16.48 14.52 26.82
C LEU C 325 -17.77 14.31 26.07
N MET C 326 -18.26 13.05 26.09
CA MET C 326 -19.53 12.72 25.48
C MET C 326 -20.32 11.70 26.31
N PRO C 327 -21.64 11.64 26.11
CA PRO C 327 -22.44 10.73 26.90
C PRO C 327 -21.95 9.27 26.81
N PRO C 328 -22.00 8.52 27.94
CA PRO C 328 -21.52 7.16 28.02
C PRO C 328 -22.58 6.11 27.66
N PHE C 329 -23.21 6.28 26.51
CA PHE C 329 -24.20 5.31 26.09
C PHE C 329 -23.80 4.67 24.77
N ALA C 330 -22.75 5.18 24.12
CA ALA C 330 -22.30 4.54 22.85
C ALA C 330 -21.13 3.63 23.14
N GLY C 331 -20.90 3.37 24.42
CA GLY C 331 -19.69 2.67 24.81
C GLY C 331 -18.44 3.48 24.57
N GLN C 332 -18.45 4.36 23.56
CA GLN C 332 -17.31 5.28 23.33
C GLN C 332 -16.99 6.15 24.57
N GLY C 333 -15.79 6.70 24.49
CA GLY C 333 -15.29 7.48 25.58
C GLY C 333 -13.79 7.29 25.59
N VAL C 334 -13.32 6.22 26.24
CA VAL C 334 -11.89 6.03 26.43
C VAL C 334 -11.22 5.72 25.08
N ASN C 335 -11.94 4.99 24.26
CA ASN C 335 -11.39 4.51 23.02
C ASN C 335 -10.97 5.68 22.13
N SER C 336 -11.85 6.64 21.93
CA SER C 336 -11.47 7.77 21.12
C SER C 336 -10.38 8.56 21.80
N GLY C 337 -10.40 8.62 23.12
CA GLY C 337 -9.30 9.23 23.88
C GLY C 337 -7.93 8.61 23.61
N LEU C 338 -7.93 7.27 23.57
CA LEU C 338 -6.69 6.54 23.44
C LEU C 338 -6.18 6.77 22.03
N VAL C 339 -7.10 6.83 21.08
CA VAL C 339 -6.74 7.23 19.72
C VAL C 339 -6.12 8.66 19.69
N ASP C 340 -6.69 9.61 20.42
CA ASP C 340 -6.09 10.94 20.47
C ASP C 340 -4.67 10.75 20.88
N ALA C 341 -4.47 9.91 21.91
CA ALA C 341 -3.13 9.62 22.42
C ALA C 341 -2.23 9.21 21.24
N LEU C 342 -2.67 8.22 20.49
CA LEU C 342 -1.82 7.57 19.52
C LEU C 342 -1.43 8.54 18.37
N ILE C 343 -2.45 9.26 17.87
CA ILE C 343 -2.26 10.24 16.83
C ILE C 343 -1.36 11.39 17.27
N LEU C 344 -1.56 11.87 18.48
CA LEU C 344 -0.74 12.99 18.97
C LEU C 344 0.69 12.56 19.21
N SER C 345 0.92 11.38 19.79
CA SER C 345 2.30 10.97 20.05
C SER C 345 3.03 10.71 18.74
N ASP C 346 2.38 9.98 17.86
CA ASP C 346 2.93 9.78 16.54
C ASP C 346 3.33 11.13 15.95
N ASN C 347 2.38 12.05 15.92
CA ASN C 347 2.64 13.39 15.37
C ASN C 347 3.81 14.07 16.05
N LEU C 348 3.91 13.95 17.36
CA LEU C 348 5.03 14.59 18.09
C LEU C 348 6.39 13.92 17.86
N ALA C 349 6.39 12.63 17.55
CA ALA C 349 7.63 11.85 17.42
C ALA C 349 8.29 12.16 16.10
N ASP C 350 7.64 11.72 15.04
CA ASP C 350 8.28 11.61 13.72
C ASP C 350 9.24 12.75 13.35
N GLY C 351 8.88 13.97 13.75
CA GLY C 351 9.52 15.14 13.18
C GLY C 351 9.26 15.15 11.68
N LYS C 352 8.02 14.76 11.32
CA LYS C 352 7.52 14.94 9.95
C LYS C 352 7.11 16.42 9.79
N PHE C 353 6.59 16.98 10.88
CA PHE C 353 6.11 18.36 10.92
C PHE C 353 7.21 19.37 11.21
N ASN C 354 6.98 20.61 10.75
CA ASN C 354 7.94 21.70 10.93
C ASN C 354 8.00 22.24 12.36
N SER C 355 6.87 22.17 13.05
CA SER C 355 6.73 22.76 14.40
C SER C 355 5.77 22.01 15.29
N ILE C 356 6.00 22.09 16.60
CA ILE C 356 5.07 21.50 17.54
C ILE C 356 3.64 21.97 17.26
N GLU C 357 3.53 23.26 17.00
CA GLU C 357 2.26 23.91 16.73
C GLU C 357 1.52 23.28 15.55
N GLU C 358 2.25 22.97 14.47
CA GLU C 358 1.68 22.20 13.33
C GLU C 358 1.28 20.76 13.74
N ALA C 359 2.13 20.07 14.49
CA ALA C 359 1.87 18.69 14.94
C ALA C 359 0.58 18.62 15.68
N VAL C 360 0.35 19.61 16.56
CA VAL C 360 -0.88 19.74 17.33
C VAL C 360 -2.04 20.00 16.37
N LYS C 361 -1.87 20.98 15.48
CA LYS C 361 -2.97 21.40 14.62
C LYS C 361 -3.47 20.20 13.84
N ASN C 362 -2.54 19.38 13.34
CA ASN C 362 -2.90 18.17 12.58
C ASN C 362 -3.63 17.12 13.41
N TYR C 363 -3.12 16.87 14.62
CA TYR C 363 -3.80 15.98 15.54
C TYR C 363 -5.21 16.49 15.68
N GLU C 364 -5.36 17.77 15.95
CA GLU C 364 -6.68 18.33 16.21
C GLU C 364 -7.61 18.21 15.03
N GLN C 365 -7.10 18.46 13.84
CA GLN C 365 -7.88 18.25 12.65
C GLN C 365 -8.45 16.82 12.51
N GLN C 366 -7.66 15.80 12.86
CA GLN C 366 -8.14 14.39 12.75
C GLN C 366 -9.20 14.10 13.81
N MET C 367 -8.92 14.58 15.01
CA MET C 367 -9.76 14.32 16.18
C MET C 367 -11.14 14.93 15.99
N PHE C 368 -11.19 16.16 15.45
CA PHE C 368 -12.48 16.80 15.16
C PHE C 368 -13.37 15.89 14.31
N ILE C 369 -12.77 15.20 13.35
CA ILE C 369 -13.55 14.29 12.50
C ILE C 369 -14.05 13.03 13.18
N TYR C 370 -13.18 12.28 13.86
CA TYR C 370 -13.64 11.01 14.49
C TYR C 370 -14.41 11.31 15.74
N GLY C 371 -13.99 12.39 16.40
CA GLY C 371 -14.63 12.84 17.66
C GLY C 371 -16.06 13.22 17.43
N LYS C 372 -16.29 14.05 16.42
CA LYS C 372 -17.66 14.41 16.06
C LYS C 372 -18.50 13.22 15.68
N GLU C 373 -17.88 12.27 14.98
CA GLU C 373 -18.52 10.98 14.61
C GLU C 373 -19.04 10.28 15.87
N ALA C 374 -18.17 10.13 16.86
CA ALA C 374 -18.51 9.47 18.11
C ALA C 374 -19.61 10.22 18.89
N GLN C 375 -19.47 11.54 18.95
CA GLN C 375 -20.40 12.36 19.70
C GLN C 375 -21.79 12.19 19.12
N GLU C 376 -21.87 12.22 17.79
CA GLU C 376 -23.14 12.00 17.11
C GLU C 376 -23.71 10.64 17.50
N GLU C 377 -22.85 9.63 17.46
CA GLU C 377 -23.27 8.27 17.74
C GLU C 377 -23.79 8.17 19.19
N SER C 378 -23.13 8.88 20.09
CA SER C 378 -23.51 8.77 21.49
C SER C 378 -24.74 9.62 21.77
N THR C 379 -24.80 10.80 21.16
CA THR C 379 -25.97 11.65 21.28
C THR C 379 -27.20 10.92 20.73
N GLN C 380 -27.03 10.32 19.57
CA GLN C 380 -28.18 9.76 18.89
C GLN C 380 -28.64 8.55 19.65
N ASN C 381 -27.69 7.81 20.23
CA ASN C 381 -28.07 6.68 21.04
C ASN C 381 -28.80 7.14 22.28
N GLU C 382 -28.26 8.16 22.94
CA GLU C 382 -28.93 8.81 24.06
C GLU C 382 -30.36 9.19 23.70
N ILE C 383 -30.55 9.86 22.56
CA ILE C 383 -31.92 10.20 22.11
C ILE C 383 -32.79 8.95 21.92
N GLU C 384 -32.23 7.98 21.22
CA GLU C 384 -32.92 6.73 20.92
C GLU C 384 -33.40 6.03 22.19
N MET C 385 -32.48 5.87 23.16
CA MET C 385 -32.72 5.04 24.34
C MET C 385 -33.76 5.58 25.29
N PHE C 386 -33.83 6.90 25.37
CA PHE C 386 -34.82 7.56 26.20
C PHE C 386 -36.11 7.88 25.49
N LYS C 387 -36.17 7.64 24.18
CA LYS C 387 -37.44 7.68 23.49
C LYS C 387 -38.34 6.75 24.31
N PRO C 388 -39.54 7.22 24.65
CA PRO C 388 -40.51 6.53 25.51
C PRO C 388 -40.59 4.99 25.40
N ASP C 389 -40.70 4.45 24.18
CA ASP C 389 -41.00 3.01 23.98
C ASP C 389 -39.77 2.16 23.56
N PHE C 390 -38.59 2.61 23.96
CA PHE C 390 -37.34 1.90 23.64
C PHE C 390 -37.23 0.47 24.22
N THR C 391 -36.69 -0.44 23.40
CA THR C 391 -36.25 -1.76 23.84
C THR C 391 -34.91 -2.05 23.18
N PHE C 392 -34.00 -2.68 23.92
CA PHE C 392 -32.60 -2.90 23.48
C PHE C 392 -32.44 -3.80 22.23
N GLN C 393 -33.47 -4.59 21.92
CA GLN C 393 -33.49 -5.38 20.68
C GLN C 393 -34.81 -5.18 19.92
N LEU D 23 48.20 -17.48 -7.76
CA LEU D 23 48.24 -18.96 -7.64
C LEU D 23 47.29 -19.66 -8.61
N LEU D 24 46.15 -19.02 -8.90
CA LEU D 24 45.13 -19.65 -9.74
C LEU D 24 45.12 -19.09 -11.18
N SER D 25 46.18 -18.35 -11.51
CA SER D 25 46.24 -17.54 -12.70
C SER D 25 45.63 -18.19 -13.96
N ASP D 26 46.11 -19.38 -14.36
CA ASP D 26 45.58 -20.00 -15.59
C ASP D 26 44.55 -21.10 -15.33
N LYS D 27 43.81 -20.98 -14.23
CA LYS D 27 43.07 -22.12 -13.72
C LYS D 27 41.62 -21.74 -13.38
N ASN D 28 40.80 -22.75 -13.11
CA ASN D 28 39.41 -22.50 -12.73
C ASN D 28 39.03 -23.27 -11.47
N VAL D 29 38.08 -22.72 -10.74
CA VAL D 29 37.72 -23.26 -9.45
C VAL D 29 36.30 -23.71 -9.49
N ALA D 30 36.01 -24.86 -8.88
CA ALA D 30 34.62 -25.36 -8.82
C ALA D 30 34.16 -25.41 -7.36
N ILE D 31 33.15 -24.60 -7.05
CA ILE D 31 32.61 -24.61 -5.73
C ILE D 31 31.40 -25.48 -5.83
N ILE D 32 31.30 -26.51 -5.01
CA ILE D 32 30.14 -27.38 -5.04
C ILE D 32 29.15 -26.94 -3.96
N GLY D 33 28.05 -26.39 -4.38
CA GLY D 33 27.10 -25.87 -3.42
C GLY D 33 27.04 -24.37 -3.34
N GLY D 34 25.81 -23.88 -3.51
CA GLY D 34 25.50 -22.44 -3.46
C GLY D 34 24.67 -22.06 -2.26
N GLY D 35 25.12 -22.48 -1.08
CA GLY D 35 24.57 -22.00 0.18
C GLY D 35 25.26 -20.66 0.49
N PRO D 36 25.03 -20.11 1.67
CA PRO D 36 25.68 -18.89 2.10
C PRO D 36 27.12 -19.00 2.04
N VAL D 37 27.66 -20.12 2.49
CA VAL D 37 29.11 -20.24 2.49
C VAL D 37 29.71 -20.27 1.11
N GLY D 38 29.18 -21.10 0.26
CA GLY D 38 29.65 -21.28 -1.12
C GLY D 38 29.50 -20.05 -2.00
N LEU D 39 28.37 -19.38 -1.89
CA LEU D 39 28.21 -18.15 -2.68
C LEU D 39 29.18 -17.04 -2.21
N THR D 40 29.48 -17.01 -0.92
CA THR D 40 30.32 -15.98 -0.38
C THR D 40 31.72 -16.26 -0.89
N MET D 41 32.11 -17.54 -0.82
CA MET D 41 33.39 -17.99 -1.38
C MET D 41 33.53 -17.45 -2.79
N ALA D 42 32.54 -17.71 -3.61
CA ALA D 42 32.48 -17.29 -5.00
C ALA D 42 32.71 -15.82 -5.18
N LYS D 43 32.08 -15.02 -4.30
CA LYS D 43 32.21 -13.56 -4.41
C LYS D 43 33.60 -13.12 -4.11
N LEU D 44 34.15 -13.62 -2.99
CA LEU D 44 35.50 -13.19 -2.56
C LEU D 44 36.55 -13.59 -3.61
N LEU D 45 36.37 -14.75 -4.24
CA LEU D 45 37.27 -15.22 -5.28
C LEU D 45 37.04 -14.44 -6.55
N GLN D 46 35.80 -14.16 -6.90
CA GLN D 46 35.54 -13.49 -8.16
C GLN D 46 36.06 -12.06 -8.15
N GLN D 47 35.98 -11.40 -6.99
CA GLN D 47 36.47 -10.00 -6.89
C GLN D 47 37.97 -9.86 -7.00
N ASN D 48 38.68 -10.97 -6.84
CA ASN D 48 40.14 -10.99 -7.07
C ASN D 48 40.52 -11.51 -8.46
N GLY D 49 39.54 -11.59 -9.36
CA GLY D 49 39.79 -11.96 -10.76
C GLY D 49 39.97 -13.45 -10.98
N ILE D 50 39.47 -14.26 -10.07
CA ILE D 50 39.60 -15.70 -10.20
C ILE D 50 38.36 -16.30 -10.87
N ASP D 51 38.60 -17.17 -11.87
CA ASP D 51 37.56 -17.85 -12.63
C ASP D 51 36.86 -18.92 -11.80
N VAL D 52 35.61 -18.71 -11.44
CA VAL D 52 34.97 -19.64 -10.55
C VAL D 52 33.57 -19.90 -11.04
N SER D 53 33.09 -21.11 -10.79
CA SER D 53 31.71 -21.49 -11.01
C SER D 53 31.09 -22.14 -9.75
N VAL D 54 29.84 -21.88 -9.48
CA VAL D 54 29.20 -22.54 -8.36
C VAL D 54 28.22 -23.52 -8.96
N TYR D 55 28.34 -24.79 -8.65
CA TYR D 55 27.36 -25.77 -9.13
C TYR D 55 26.33 -26.09 -8.03
N GLU D 56 25.09 -25.71 -8.25
CA GLU D 56 24.01 -25.83 -7.26
C GLU D 56 22.89 -26.77 -7.72
N ARG D 57 22.62 -27.75 -6.86
CA ARG D 57 21.55 -28.72 -6.93
C ARG D 57 20.20 -28.07 -7.19
N ASP D 58 19.87 -27.04 -6.42
CA ASP D 58 18.54 -26.44 -6.59
C ASP D 58 18.26 -26.04 -8.03
N ASN D 59 17.01 -26.16 -8.35
CA ASN D 59 16.55 -26.01 -9.71
C ASN D 59 16.73 -24.60 -10.26
N ASP D 60 16.63 -23.57 -9.42
CA ASP D 60 16.75 -22.19 -9.88
C ASP D 60 16.79 -21.22 -8.70
N ARG D 61 17.13 -19.98 -9.02
CA ARG D 61 17.23 -18.88 -8.03
C ARG D 61 16.10 -18.83 -7.02
N GLU D 62 14.87 -19.16 -7.43
CA GLU D 62 13.70 -18.93 -6.58
C GLU D 62 13.29 -20.09 -5.69
N ALA D 63 14.05 -21.20 -5.70
CA ALA D 63 13.77 -22.34 -4.79
C ALA D 63 13.73 -21.87 -3.36
N ARG D 64 12.63 -22.14 -2.66
CA ARG D 64 12.45 -21.75 -1.27
C ARG D 64 13.44 -22.49 -0.41
N ILE D 65 14.15 -21.77 0.45
CA ILE D 65 15.11 -22.40 1.39
C ILE D 65 14.38 -22.53 2.73
N PHE D 66 14.25 -23.74 3.21
CA PHE D 66 13.54 -23.94 4.46
C PHE D 66 14.50 -23.73 5.61
N GLY D 67 13.96 -23.19 6.69
CA GLY D 67 14.71 -22.92 7.89
C GLY D 67 14.34 -21.57 8.46
N GLY D 68 14.78 -21.32 9.71
CA GLY D 68 14.79 -19.99 10.32
C GLY D 68 15.82 -19.01 9.73
N THR D 69 16.06 -17.94 10.49
CA THR D 69 16.91 -16.84 10.05
C THR D 69 18.32 -17.07 10.50
N LEU D 70 19.26 -16.37 9.89
CA LEU D 70 20.67 -16.38 10.24
C LEU D 70 21.03 -15.00 10.81
N ASP D 71 21.98 -14.96 11.76
CA ASP D 71 22.46 -13.69 12.24
C ASP D 71 23.96 -13.73 12.07
N LEU D 72 24.52 -12.68 11.47
CA LEU D 72 25.96 -12.58 11.23
C LEU D 72 26.66 -11.77 12.32
N HIS D 73 27.72 -12.31 12.89
CA HIS D 73 28.35 -11.65 14.05
C HIS D 73 29.45 -10.67 13.60
N LYS D 74 29.64 -9.65 14.43
CA LYS D 74 30.57 -8.54 14.17
C LYS D 74 32.01 -8.97 13.93
N GLY D 75 32.48 -10.03 14.56
CA GLY D 75 33.88 -10.43 14.34
C GLY D 75 34.16 -11.44 13.26
N SER D 76 33.10 -12.02 12.72
CA SER D 76 33.20 -13.16 11.83
C SER D 76 32.37 -12.93 10.57
N GLY D 77 31.10 -13.30 10.63
CA GLY D 77 30.22 -13.23 9.49
C GLY D 77 30.25 -11.87 8.84
N GLN D 78 30.13 -10.81 9.66
CA GLN D 78 30.03 -9.42 9.15
C GLN D 78 31.30 -9.04 8.46
N GLU D 79 32.40 -9.69 8.86
CA GLU D 79 33.69 -9.40 8.26
C GLU D 79 33.73 -9.90 6.81
N ALA D 80 33.10 -11.05 6.56
CA ALA D 80 33.08 -11.62 5.21
C ALA D 80 32.26 -10.74 4.27
N MET D 81 31.10 -10.35 4.79
CA MET D 81 30.23 -9.41 4.08
C MET D 81 30.91 -8.08 3.86
N LYS D 82 31.62 -7.58 4.86
CA LYS D 82 32.39 -6.34 4.71
C LYS D 82 33.45 -6.49 3.63
N LYS D 83 34.15 -7.61 3.58
CA LYS D 83 35.18 -7.82 2.56
C LYS D 83 34.53 -7.96 1.20
N ALA D 84 33.28 -8.41 1.20
CA ALA D 84 32.53 -8.51 -0.03
C ALA D 84 31.90 -7.16 -0.47
N GLY D 85 31.92 -6.13 0.38
CA GLY D 85 31.20 -4.91 0.07
C GLY D 85 29.68 -5.01 0.24
N LEU D 86 29.26 -6.01 1.03
CA LEU D 86 27.88 -6.31 1.27
C LEU D 86 27.29 -6.05 2.69
N LEU D 87 28.05 -5.43 3.57
CA LEU D 87 27.59 -5.31 4.95
C LEU D 87 26.35 -4.42 5.05
N GLN D 88 26.36 -3.29 4.36
CA GLN D 88 25.24 -2.34 4.45
C GLN D 88 23.96 -3.00 3.92
N THR D 89 24.11 -3.78 2.84
CA THR D 89 22.98 -4.46 2.24
C THR D 89 22.42 -5.48 3.23
N TYR D 90 23.32 -6.19 3.93
CA TYR D 90 22.92 -7.09 4.99
C TYR D 90 22.18 -6.32 6.09
N TYR D 91 22.72 -5.19 6.53
CA TYR D 91 22.00 -4.39 7.51
C TYR D 91 20.62 -3.96 6.97
N ASP D 92 20.54 -3.57 5.70
CA ASP D 92 19.30 -3.06 5.13
C ASP D 92 18.22 -4.09 5.16
N LEU D 93 18.59 -5.35 4.94
CA LEU D 93 17.57 -6.39 4.82
C LEU D 93 17.34 -7.13 6.13
N ALA D 94 18.25 -6.91 7.10
CA ALA D 94 18.24 -7.68 8.34
C ALA D 94 17.38 -6.94 9.32
N LEU D 95 16.86 -7.68 10.29
CA LEU D 95 15.93 -7.17 11.28
C LEU D 95 16.47 -7.50 12.70
N PRO D 96 16.86 -6.49 13.45
CA PRO D 96 17.32 -6.84 14.77
C PRO D 96 16.17 -7.33 15.65
N MET D 97 16.43 -8.25 16.56
CA MET D 97 15.35 -8.76 17.41
C MET D 97 15.64 -8.97 18.85
N GLY D 98 14.58 -8.73 19.62
CA GLY D 98 14.61 -8.93 21.05
C GLY D 98 14.34 -10.37 21.30
N VAL D 99 14.58 -10.80 22.53
CA VAL D 99 14.38 -12.16 22.96
C VAL D 99 13.56 -12.16 24.22
N ASN D 100 12.56 -13.00 24.24
CA ASN D 100 11.80 -13.26 25.43
C ASN D 100 12.13 -14.67 25.82
N ILE D 101 12.30 -14.91 27.11
CA ILE D 101 12.36 -16.27 27.64
C ILE D 101 11.06 -16.46 28.42
N ALA D 102 10.33 -17.54 28.13
CA ALA D 102 9.08 -17.85 28.81
C ALA D 102 9.12 -19.26 29.40
N ASP D 103 8.27 -19.53 30.37
CA ASP D 103 8.11 -20.89 30.87
C ASP D 103 6.97 -21.56 30.15
N GLU D 104 6.71 -22.81 30.50
CA GLU D 104 5.61 -23.54 29.91
C GLU D 104 4.23 -22.87 30.13
N LYS D 105 4.18 -21.69 30.78
CA LYS D 105 3.10 -20.67 30.56
C LYS D 105 3.52 -19.14 30.35
N GLY D 106 4.13 -18.47 31.35
CA GLY D 106 4.43 -16.96 31.35
C GLY D 106 5.83 -16.39 30.96
N ASN D 107 6.02 -15.07 30.98
CA ASN D 107 7.33 -14.46 30.59
C ASN D 107 8.32 -14.26 31.71
N ILE D 108 9.55 -14.69 31.49
CA ILE D 108 10.54 -14.67 32.55
C ILE D 108 11.55 -13.53 32.37
N LEU D 109 11.95 -13.26 31.13
CA LEU D 109 12.90 -12.21 30.81
C LEU D 109 12.56 -11.67 29.45
N SER D 110 12.79 -10.37 29.26
CA SER D 110 12.54 -9.69 28.01
C SER D 110 13.77 -8.81 27.70
N THR D 111 14.59 -9.22 26.75
CA THR D 111 15.76 -8.43 26.35
C THR D 111 15.37 -7.77 25.05
N LYS D 112 14.91 -6.52 25.11
CA LYS D 112 14.69 -5.74 23.88
C LYS D 112 16.05 -5.27 23.37
N ASN D 113 16.15 -4.91 22.09
CA ASN D 113 17.44 -4.44 21.59
C ASN D 113 17.58 -2.96 21.87
N VAL D 114 18.72 -2.59 22.45
CA VAL D 114 19.06 -1.19 22.67
C VAL D 114 19.68 -0.69 21.35
N LYS D 115 19.49 0.59 21.10
CA LYS D 115 19.89 1.19 19.83
C LYS D 115 21.40 1.07 19.48
N PRO D 116 22.31 1.07 20.49
CA PRO D 116 23.73 0.83 20.16
C PRO D 116 24.10 -0.65 19.95
N GLU D 117 23.13 -1.56 20.10
CA GLU D 117 23.37 -2.98 19.84
C GLU D 117 22.63 -3.51 18.61
N ASN D 118 21.99 -2.62 17.84
CA ASN D 118 21.12 -3.10 16.74
C ASN D 118 21.80 -3.57 15.44
N ARG D 119 23.04 -3.15 15.22
CA ARG D 119 23.82 -3.54 14.05
C ARG D 119 24.72 -4.70 14.47
N PHE D 120 24.60 -5.06 15.73
CA PHE D 120 25.73 -5.61 16.47
C PHE D 120 25.35 -7.08 16.60
N ASP D 121 26.05 -7.94 15.85
CA ASP D 121 26.05 -9.37 16.10
C ASP D 121 24.63 -9.83 16.47
N ASN D 122 23.69 -9.25 15.74
CA ASN D 122 22.28 -9.44 16.02
C ASN D 122 21.49 -9.72 14.79
N PRO D 123 21.62 -8.88 13.73
CA PRO D 123 20.45 -8.70 12.85
C PRO D 123 20.09 -9.98 12.14
N GLU D 124 18.86 -10.45 12.40
CA GLU D 124 18.29 -11.64 11.78
C GLU D 124 17.94 -11.36 10.33
N ILE D 125 18.42 -12.26 9.46
CA ILE D 125 18.16 -12.17 8.03
C ILE D 125 17.60 -13.50 7.52
N ASN D 126 16.72 -13.37 6.54
CA ASN D 126 16.05 -14.51 5.96
C ASN D 126 17.06 -15.08 4.99
N ARG D 127 17.03 -16.40 4.84
CA ARG D 127 18.00 -17.10 4.06
C ARG D 127 17.87 -16.87 2.56
N ASN D 128 16.64 -16.75 2.03
CA ASN D 128 16.49 -16.38 0.65
C ASN D 128 17.04 -14.97 0.46
N ASP D 129 16.70 -14.05 1.35
CA ASP D 129 17.25 -12.66 1.27
C ASP D 129 18.78 -12.66 1.26
N LEU D 130 19.40 -13.47 2.12
CA LEU D 130 20.85 -13.56 2.11
C LEU D 130 21.40 -14.09 0.79
N ARG D 131 20.79 -15.17 0.28
CA ARG D 131 21.12 -15.73 -1.05
C ARG D 131 20.94 -14.69 -2.16
N ALA D 132 19.85 -13.93 -2.08
CA ALA D 132 19.58 -12.91 -3.11
C ALA D 132 20.68 -11.89 -3.08
N ILE D 133 21.18 -11.56 -1.88
CA ILE D 133 22.27 -10.55 -1.81
C ILE D 133 23.55 -11.10 -2.44
N LEU D 134 23.87 -12.34 -2.10
CA LEU D 134 25.09 -12.94 -2.56
C LEU D 134 25.06 -13.14 -4.07
N LEU D 135 23.96 -13.70 -4.58
CA LEU D 135 23.82 -13.92 -6.02
C LEU D 135 23.93 -12.65 -6.82
N ASN D 136 23.35 -11.60 -6.27
CA ASN D 136 23.28 -10.36 -7.00
C ASN D 136 24.68 -9.70 -7.10
N SER D 137 25.56 -10.09 -6.17
CA SER D 137 26.89 -9.51 -6.11
C SER D 137 27.84 -10.17 -7.10
N LEU D 138 27.44 -11.32 -7.65
CA LEU D 138 28.30 -12.10 -8.56
C LEU D 138 28.04 -11.76 -10.00
N GLU D 139 28.98 -12.07 -10.86
CA GLU D 139 28.78 -11.92 -12.30
C GLU D 139 27.77 -12.90 -12.81
N ASN D 140 27.20 -12.62 -13.97
CA ASN D 140 26.12 -13.42 -14.52
C ASN D 140 26.65 -14.83 -14.86
N ASP D 141 25.83 -15.86 -14.68
CA ASP D 141 26.26 -17.22 -15.01
C ASP D 141 27.51 -17.75 -14.26
N THR D 142 27.77 -17.23 -13.06
CA THR D 142 28.72 -17.79 -12.14
C THR D 142 28.06 -19.05 -11.55
N VAL D 143 26.84 -18.94 -11.04
CA VAL D 143 26.11 -20.12 -10.52
C VAL D 143 25.44 -20.89 -11.62
N ILE D 144 25.65 -22.21 -11.67
CA ILE D 144 24.94 -23.10 -12.64
C ILE D 144 23.92 -23.95 -11.87
N TRP D 145 22.63 -23.79 -12.20
CA TRP D 145 21.58 -24.32 -11.38
C TRP D 145 21.27 -25.72 -11.89
N ASP D 146 20.52 -26.48 -11.10
CA ASP D 146 20.12 -27.81 -11.46
C ASP D 146 21.36 -28.65 -11.74
N ARG D 147 22.36 -28.55 -10.87
CA ARG D 147 23.58 -29.39 -10.97
C ARG D 147 23.86 -30.17 -9.72
N LYS D 148 23.53 -31.44 -9.70
CA LYS D 148 23.70 -32.26 -8.54
C LYS D 148 24.93 -33.08 -8.75
N LEU D 149 26.03 -32.70 -8.07
CA LEU D 149 27.30 -33.41 -8.17
C LEU D 149 27.07 -34.76 -7.52
N VAL D 150 27.24 -35.83 -8.30
CA VAL D 150 27.15 -37.20 -7.77
C VAL D 150 28.50 -37.93 -7.69
N MET D 151 29.47 -37.53 -8.54
CA MET D 151 30.75 -38.22 -8.57
C MET D 151 31.87 -37.26 -8.94
N LEU D 152 33.03 -37.56 -8.36
CA LEU D 152 34.19 -36.72 -8.48
C LEU D 152 35.32 -37.67 -8.80
N GLU D 153 36.21 -37.27 -9.68
CA GLU D 153 37.19 -38.21 -10.18
C GLU D 153 38.41 -37.43 -10.65
N PRO D 154 39.59 -37.80 -10.14
CA PRO D 154 40.77 -37.04 -10.42
C PRO D 154 41.40 -37.47 -11.72
N GLY D 155 41.61 -36.52 -12.61
CA GLY D 155 42.34 -36.73 -13.84
C GLY D 155 43.84 -36.56 -13.62
N LYS D 156 44.49 -36.00 -14.63
CA LYS D 156 45.94 -35.87 -14.68
C LYS D 156 46.39 -34.51 -14.14
N LYS D 157 45.71 -33.44 -14.60
CA LYS D 157 45.87 -32.07 -14.07
C LYS D 157 44.49 -31.44 -13.69
N LYS D 158 43.40 -32.22 -13.75
CA LYS D 158 42.08 -31.67 -13.51
C LYS D 158 41.07 -32.66 -12.93
N TRP D 159 40.12 -32.12 -12.18
CA TRP D 159 39.06 -32.94 -11.62
C TRP D 159 38.00 -33.09 -12.69
N THR D 160 37.46 -34.31 -12.83
CA THR D 160 36.23 -34.51 -13.59
C THR D 160 34.98 -34.63 -12.68
N LEU D 161 34.05 -33.75 -12.94
CA LEU D 161 32.85 -33.63 -12.13
C LEU D 161 31.63 -34.19 -12.86
N THR D 162 30.95 -35.15 -12.25
CA THR D 162 29.77 -35.83 -12.81
C THR D 162 28.49 -35.27 -12.20
N PHE D 163 27.55 -34.83 -13.06
CA PHE D 163 26.28 -34.26 -12.56
C PHE D 163 25.08 -35.01 -13.10
N GLU D 164 24.07 -35.23 -12.22
CA GLU D 164 22.94 -36.08 -12.54
C GLU D 164 22.28 -35.60 -13.83
N ASN D 165 22.22 -36.47 -14.80
CA ASN D 165 21.58 -36.14 -16.07
C ASN D 165 22.02 -34.80 -16.66
N LYS D 166 23.30 -34.44 -16.50
CA LYS D 166 23.82 -33.18 -17.10
C LYS D 166 25.27 -33.31 -17.54
N PRO D 167 25.72 -32.43 -18.41
CA PRO D 167 27.08 -32.63 -18.90
C PRO D 167 28.11 -32.54 -17.83
N SER D 168 29.14 -33.36 -17.92
CA SER D 168 30.18 -33.30 -16.91
C SER D 168 31.12 -32.12 -17.21
N GLU D 169 31.88 -31.70 -16.19
CA GLU D 169 32.73 -30.52 -16.25
C GLU D 169 34.05 -30.86 -15.61
N THR D 170 35.02 -29.97 -15.80
CA THR D 170 36.30 -30.13 -15.16
C THR D 170 36.69 -28.88 -14.37
N ALA D 171 37.53 -29.05 -13.36
CA ALA D 171 38.05 -27.90 -12.60
C ALA D 171 39.44 -28.22 -12.03
N ASP D 172 40.26 -27.18 -11.81
CA ASP D 172 41.66 -27.36 -11.28
C ASP D 172 41.61 -27.49 -9.77
N LEU D 173 40.57 -26.93 -9.15
CA LEU D 173 40.43 -26.93 -7.70
C LEU D 173 38.96 -27.09 -7.41
N VAL D 174 38.65 -28.00 -6.49
CA VAL D 174 37.27 -28.18 -6.08
C VAL D 174 37.16 -27.73 -4.65
N ILE D 175 36.13 -26.92 -4.38
CA ILE D 175 35.82 -26.55 -3.06
C ILE D 175 34.43 -27.08 -2.75
N LEU D 176 34.38 -27.96 -1.78
CA LEU D 176 33.12 -28.56 -1.39
C LEU D 176 32.51 -27.61 -0.39
N ALA D 177 31.37 -27.06 -0.75
CA ALA D 177 30.55 -26.21 0.14
C ALA D 177 29.11 -26.77 0.11
N ASN D 178 28.98 -28.09 0.03
CA ASN D 178 27.71 -28.62 -0.25
C ASN D 178 26.96 -29.16 0.95
N GLY D 179 27.28 -28.66 2.14
CA GLY D 179 26.43 -28.89 3.33
C GLY D 179 26.93 -30.05 4.12
N GLY D 180 26.24 -30.33 5.22
CA GLY D 180 26.69 -31.27 6.23
C GLY D 180 26.65 -32.74 5.86
N MET D 181 25.82 -33.08 4.88
CA MET D 181 25.65 -34.46 4.46
C MET D 181 26.29 -34.67 3.11
N SER D 182 27.26 -33.86 2.76
CA SER D 182 28.00 -34.12 1.54
C SER D 182 28.50 -35.56 1.44
N LYS D 183 28.30 -36.15 0.26
CA LYS D 183 28.60 -37.56 -0.04
C LYS D 183 29.86 -37.62 -0.86
N VAL D 184 30.54 -36.50 -1.03
CA VAL D 184 31.64 -36.57 -1.94
C VAL D 184 32.93 -36.06 -1.24
N ARG D 185 33.13 -36.52 0.00
CA ARG D 185 34.24 -36.07 0.83
C ARG D 185 35.44 -36.97 0.82
N LYS D 186 35.34 -38.14 0.20
CA LYS D 186 36.35 -39.17 0.42
C LYS D 186 37.79 -38.72 0.10
N PHE D 187 37.98 -37.85 -0.87
CA PHE D 187 39.32 -37.48 -1.20
C PHE D 187 39.98 -36.58 -0.13
N VAL D 188 39.15 -35.95 0.71
CA VAL D 188 39.68 -35.14 1.81
C VAL D 188 39.78 -35.94 3.11
N THR D 189 38.75 -36.69 3.44
CA THR D 189 38.69 -37.37 4.71
C THR D 189 37.66 -38.48 4.64
N ASP D 190 37.91 -39.50 5.46
CA ASP D 190 37.08 -40.70 5.63
C ASP D 190 36.15 -40.51 6.84
N THR D 191 36.38 -39.42 7.57
CA THR D 191 35.56 -39.08 8.69
C THR D 191 34.10 -39.05 8.29
N GLU D 192 33.25 -39.52 9.21
CA GLU D 192 31.86 -39.62 8.92
C GLU D 192 31.03 -38.77 9.82
N VAL D 193 29.95 -38.28 9.25
CA VAL D 193 28.92 -37.60 10.03
C VAL D 193 28.40 -38.50 11.12
N GLU D 194 28.28 -37.94 12.34
CA GLU D 194 27.73 -38.60 13.51
C GLU D 194 26.47 -37.87 14.05
N GLU D 195 25.58 -38.66 14.66
CA GLU D 195 24.44 -38.15 15.39
C GLU D 195 24.93 -37.79 16.78
N THR D 196 24.36 -36.79 17.43
CA THR D 196 24.85 -36.39 18.75
C THR D 196 23.91 -36.84 19.86
N GLY D 197 22.70 -37.27 19.52
CA GLY D 197 21.74 -37.70 20.53
C GLY D 197 20.52 -36.81 20.78
N THR D 198 20.48 -35.62 20.16
CA THR D 198 19.26 -34.80 20.19
C THR D 198 18.64 -34.77 18.81
N PHE D 199 17.42 -34.25 18.72
CA PHE D 199 16.58 -34.32 17.53
C PHE D 199 15.85 -32.98 17.44
N ASN D 200 15.53 -32.53 16.23
CA ASN D 200 14.85 -31.27 16.03
C ASN D 200 13.67 -31.42 15.11
N ILE D 201 12.54 -30.80 15.48
CA ILE D 201 11.39 -30.67 14.62
C ILE D 201 11.16 -29.18 14.30
N GLN D 202 11.18 -28.82 13.03
CA GLN D 202 10.97 -27.43 12.60
C GLN D 202 9.68 -27.26 11.73
N ALA D 203 9.03 -26.09 11.80
CA ALA D 203 7.88 -25.82 10.97
C ALA D 203 7.75 -24.34 10.83
N ASP D 204 6.98 -23.94 9.82
CA ASP D 204 6.57 -22.60 9.58
C ASP D 204 5.06 -22.51 9.74
N ILE D 205 4.59 -21.41 10.32
CA ILE D 205 3.16 -21.02 10.33
C ILE D 205 3.07 -19.69 9.59
N HIS D 206 2.21 -19.63 8.58
CA HIS D 206 1.87 -18.38 7.92
C HIS D 206 0.65 -17.70 8.51
N GLN D 207 0.66 -16.36 8.46
CA GLN D 207 -0.32 -15.52 9.15
C GLN D 207 -0.38 -15.91 10.61
N PRO D 208 0.77 -15.87 11.25
CA PRO D 208 0.78 -16.34 12.63
C PRO D 208 -0.24 -15.59 13.48
N GLU D 209 -0.44 -14.33 13.16
CA GLU D 209 -1.30 -13.48 13.98
C GLU D 209 -2.76 -13.90 13.86
N ILE D 210 -3.10 -14.57 12.76
CA ILE D 210 -4.39 -15.24 12.59
C ILE D 210 -4.41 -16.66 13.10
N ASN D 211 -3.35 -17.39 12.79
CA ASN D 211 -3.34 -18.84 13.00
C ASN D 211 -2.79 -19.30 14.36
N CYS D 212 -1.90 -18.53 14.98
CA CYS D 212 -1.55 -18.82 16.35
C CYS D 212 -1.53 -17.49 17.14
N PRO D 213 -2.70 -16.87 17.29
CA PRO D 213 -2.75 -15.54 17.86
C PRO D 213 -2.02 -15.49 19.21
N GLY D 214 -2.45 -16.33 20.16
CA GLY D 214 -1.90 -16.30 21.54
C GLY D 214 -0.39 -16.43 21.55
N PHE D 215 0.12 -17.37 20.78
CA PHE D 215 1.56 -17.57 20.76
C PHE D 215 2.19 -16.41 20.04
N PHE D 216 1.61 -15.95 18.93
CA PHE D 216 2.14 -14.77 18.30
C PHE D 216 2.26 -13.63 19.32
N GLN D 217 1.20 -13.43 20.11
CA GLN D 217 1.16 -12.38 21.14
C GLN D 217 2.15 -12.56 22.31
N LEU D 218 2.52 -13.78 22.65
CA LEU D 218 3.61 -13.99 23.60
C LEU D 218 4.89 -13.51 22.99
N CYS D 219 5.14 -13.82 21.71
CA CYS D 219 6.41 -13.44 21.11
C CYS D 219 6.54 -11.91 21.20
N ASN D 220 5.43 -11.25 20.90
CA ASN D 220 5.34 -9.79 20.98
C ASN D 220 6.46 -9.15 20.17
N GLY D 221 6.72 -9.69 18.99
CA GLY D 221 7.75 -9.13 18.13
C GLY D 221 9.15 -9.53 18.51
N ASN D 222 9.30 -10.36 19.52
CA ASN D 222 10.61 -10.90 19.84
C ASN D 222 10.72 -12.37 19.51
N ARG D 223 11.95 -12.87 19.46
CA ARG D 223 12.16 -14.31 19.46
C ARG D 223 11.69 -14.82 20.80
N LEU D 224 11.39 -16.10 20.90
CA LEU D 224 10.94 -16.71 22.15
C LEU D 224 11.66 -18.00 22.37
N MET D 225 12.02 -18.27 23.63
CA MET D 225 12.57 -19.57 24.05
C MET D 225 11.93 -20.02 25.35
N ALA D 226 11.58 -21.29 25.41
CA ALA D 226 11.05 -21.88 26.62
C ALA D 226 11.68 -23.23 26.75
N SER D 227 11.94 -23.67 27.99
CA SER D 227 12.37 -25.05 28.19
C SER D 227 11.71 -25.65 29.40
N HIS D 228 11.30 -26.93 29.28
CA HIS D 228 10.59 -27.62 30.35
C HIS D 228 10.64 -29.12 30.19
N GLN D 229 11.16 -29.76 31.25
CA GLN D 229 11.22 -31.22 31.39
C GLN D 229 11.80 -31.89 30.15
N GLY D 230 12.91 -31.35 29.66
CA GLY D 230 13.65 -31.97 28.57
C GLY D 230 13.29 -31.46 27.19
N ASN D 231 12.16 -30.74 27.05
CA ASN D 231 11.70 -30.26 25.72
C ASN D 231 11.97 -28.78 25.56
N LEU D 232 12.68 -28.40 24.50
CA LEU D 232 13.03 -27.01 24.24
C LEU D 232 12.25 -26.46 23.04
N LEU D 233 11.68 -25.27 23.15
CA LEU D 233 10.95 -24.63 22.06
C LEU D 233 11.57 -23.28 21.74
N PHE D 234 11.80 -22.99 20.47
CA PHE D 234 12.34 -21.72 20.03
C PHE D 234 11.44 -21.22 18.90
N ALA D 235 11.20 -19.92 18.83
CA ALA D 235 10.35 -19.43 17.78
C ALA D 235 10.82 -18.05 17.39
N ASN D 236 10.62 -17.73 16.13
CA ASN D 236 10.91 -16.42 15.61
C ASN D 236 9.64 -16.07 14.86
N PRO D 237 8.96 -15.06 15.36
CA PRO D 237 7.62 -14.73 14.83
C PRO D 237 7.58 -13.88 13.56
N ASN D 238 8.74 -13.47 13.06
CA ASN D 238 8.81 -12.56 11.93
C ASN D 238 10.02 -12.89 11.04
N ASN D 239 9.94 -14.06 10.40
CA ASN D 239 10.80 -14.46 9.27
C ASN D 239 10.06 -14.15 7.95
N ASN D 240 10.26 -12.95 7.45
CA ASN D 240 9.41 -12.42 6.34
C ASN D 240 7.96 -12.78 6.50
N GLY D 241 7.40 -12.42 7.65
CA GLY D 241 5.98 -12.61 7.94
C GLY D 241 5.48 -14.02 8.21
N ALA D 242 6.39 -14.93 8.52
CA ALA D 242 6.06 -16.34 8.80
C ALA D 242 6.64 -16.63 10.16
N LEU D 243 5.94 -17.41 10.96
CA LEU D 243 6.48 -17.84 12.25
C LEU D 243 7.29 -19.10 12.03
N HIS D 244 8.58 -19.09 12.35
CA HIS D 244 9.36 -20.31 12.25
C HIS D 244 9.60 -20.82 13.64
N PHE D 245 9.21 -22.07 13.93
CA PHE D 245 9.51 -22.61 15.27
C PHE D 245 10.23 -23.96 15.28
N GLY D 246 11.01 -24.17 16.34
CA GLY D 246 11.72 -25.40 16.51
C GLY D 246 11.45 -26.03 17.87
N ILE D 247 11.29 -27.36 17.87
CA ILE D 247 11.24 -28.13 19.10
C ILE D 247 12.36 -29.18 19.13
N SER D 248 13.16 -29.14 20.19
CA SER D 248 14.29 -30.01 20.30
C SER D 248 14.24 -30.84 21.59
N PHE D 249 14.76 -32.06 21.50
CA PHE D 249 14.74 -33.00 22.63
C PHE D 249 15.77 -34.09 22.42
N LYS D 250 16.21 -34.70 23.52
CA LYS D 250 17.03 -35.93 23.49
C LYS D 250 16.31 -36.99 22.67
N THR D 251 17.01 -37.62 21.74
CA THR D 251 16.34 -38.60 20.91
C THR D 251 15.80 -39.73 21.78
N PRO D 252 14.50 -40.06 21.60
CA PRO D 252 13.92 -41.18 22.36
C PRO D 252 14.61 -42.50 22.09
N ASP D 253 14.95 -43.22 23.17
CA ASP D 253 15.61 -44.55 23.09
C ASP D 253 14.65 -45.62 22.58
N GLN D 260 10.11 -44.05 14.82
CA GLN D 260 8.76 -44.59 15.08
C GLN D 260 7.70 -43.46 15.10
N VAL D 261 8.04 -42.36 14.44
CA VAL D 261 7.10 -41.30 14.11
C VAL D 261 7.34 -41.02 12.63
N ASP D 262 6.28 -40.85 11.85
CA ASP D 262 6.41 -40.57 10.40
C ASP D 262 6.22 -39.11 10.07
N PHE D 263 7.26 -38.48 9.54
CA PHE D 263 7.21 -37.04 9.25
C PHE D 263 6.42 -36.67 8.00
N GLN D 264 6.06 -37.67 7.21
CA GLN D 264 5.06 -37.49 6.16
C GLN D 264 3.66 -37.38 6.74
N ASN D 265 3.31 -38.26 7.68
CA ASN D 265 2.00 -38.21 8.34
C ASN D 265 2.00 -37.16 9.46
N ARG D 266 1.40 -35.99 9.19
CA ARG D 266 1.36 -34.95 10.22
C ARG D 266 0.67 -35.45 11.49
N ASN D 267 -0.32 -36.33 11.36
CA ASN D 267 -1.03 -36.86 12.54
C ASN D 267 -0.10 -37.55 13.52
N SER D 268 0.84 -38.35 13.03
CA SER D 268 1.71 -39.09 13.93
C SER D 268 2.64 -38.16 14.65
N VAL D 269 2.99 -37.03 14.02
CA VAL D 269 3.86 -36.03 14.66
C VAL D 269 3.07 -35.19 15.67
N VAL D 270 1.92 -34.68 15.27
CA VAL D 270 1.02 -34.00 16.20
C VAL D 270 0.77 -34.83 17.46
N ASP D 271 0.35 -36.09 17.29
CA ASP D 271 0.07 -36.96 18.46
C ASP D 271 1.25 -37.04 19.42
N PHE D 272 2.43 -37.28 18.86
CA PHE D 272 3.67 -37.35 19.63
C PHE D 272 3.94 -36.02 20.35
N LEU D 273 3.80 -34.90 19.66
CA LEU D 273 4.08 -33.59 20.25
C LEU D 273 3.07 -33.23 21.34
N LEU D 274 1.80 -33.56 21.13
CA LEU D 274 0.77 -33.35 22.15
C LEU D 274 1.04 -34.18 23.40
N LYS D 275 1.42 -35.45 23.26
CA LYS D 275 1.87 -36.22 24.44
C LYS D 275 3.01 -35.44 25.12
N GLU D 276 4.08 -35.17 24.37
CA GLU D 276 5.26 -34.52 24.95
C GLU D 276 4.93 -33.18 25.61
N PHE D 277 4.06 -32.42 24.96
CA PHE D 277 3.74 -31.06 25.40
C PHE D 277 2.47 -30.92 26.25
N SER D 278 1.98 -32.02 26.83
CA SER D 278 0.69 -32.00 27.52
C SER D 278 0.64 -31.01 28.70
N ASP D 279 1.74 -30.88 29.45
CA ASP D 279 1.84 -29.89 30.52
C ASP D 279 1.83 -28.42 30.05
N TRP D 280 2.13 -28.16 28.79
CA TRP D 280 2.32 -26.77 28.35
C TRP D 280 1.00 -26.02 28.18
N ASP D 281 1.09 -24.71 28.28
CA ASP D 281 -0.07 -23.81 28.06
C ASP D 281 -0.66 -24.04 26.68
N GLU D 282 -1.95 -23.73 26.53
CA GLU D 282 -2.71 -23.97 25.32
C GLU D 282 -2.15 -23.18 24.11
N ARG D 283 -1.58 -22.01 24.37
CA ARG D 283 -0.98 -21.26 23.28
C ARG D 283 0.12 -22.04 22.54
N TYR D 284 0.86 -22.90 23.25
CA TYR D 284 1.88 -23.69 22.59
C TYR D 284 1.22 -24.88 21.86
N LYS D 285 0.20 -25.47 22.46
CA LYS D 285 -0.55 -26.56 21.82
C LYS D 285 -1.16 -26.13 20.47
N GLU D 286 -1.57 -24.89 20.40
CA GLU D 286 -2.19 -24.30 19.24
C GLU D 286 -1.16 -24.20 18.11
N LEU D 287 0.08 -23.97 18.50
CA LEU D 287 1.20 -24.01 17.58
C LEU D 287 1.28 -25.37 16.89
N ILE D 288 1.25 -26.44 17.68
CA ILE D 288 1.35 -27.80 17.11
C ILE D 288 0.13 -28.14 16.30
N HIS D 289 -1.01 -27.56 16.67
CA HIS D 289 -2.27 -27.93 16.04
C HIS D 289 -2.41 -27.35 14.65
N THR D 290 -2.02 -26.08 14.47
CA THR D 290 -2.25 -25.38 13.20
C THR D 290 -1.15 -25.60 12.19
N THR D 291 -0.01 -26.15 12.63
CA THR D 291 1.05 -26.49 11.71
C THR D 291 0.60 -27.55 10.70
N LEU D 292 0.84 -27.26 9.42
CA LEU D 292 0.44 -28.16 8.36
C LEU D 292 1.51 -29.22 8.17
N SER D 293 2.78 -28.84 8.29
CA SER D 293 3.86 -29.72 7.85
C SER D 293 5.08 -29.56 8.75
N PHE D 294 5.66 -30.68 9.20
CA PHE D 294 6.84 -30.72 10.10
C PHE D 294 8.08 -31.35 9.47
N VAL D 295 9.25 -30.83 9.82
CA VAL D 295 10.48 -31.45 9.36
C VAL D 295 11.24 -31.99 10.54
N GLY D 296 11.59 -33.27 10.47
CA GLY D 296 12.30 -33.94 11.52
C GLY D 296 13.75 -34.09 11.11
N LEU D 297 14.66 -33.77 12.01
CA LEU D 297 16.07 -33.84 11.71
C LEU D 297 16.90 -34.10 12.96
N ALA D 298 17.61 -35.23 12.98
CA ALA D 298 18.47 -35.57 14.09
C ALA D 298 19.64 -34.58 14.11
N THR D 299 20.03 -34.08 15.27
CA THR D 299 21.23 -33.27 15.30
C THR D 299 22.48 -34.09 14.94
N ARG D 300 23.32 -33.50 14.10
CA ARG D 300 24.50 -34.15 13.58
C ARG D 300 25.72 -33.27 13.70
N ILE D 301 26.88 -33.92 13.84
CA ILE D 301 28.16 -33.26 13.90
C ILE D 301 29.08 -33.96 12.89
N PHE D 302 29.90 -33.18 12.17
CA PHE D 302 31.00 -33.69 11.42
C PHE D 302 32.31 -33.34 12.15
N PRO D 303 32.77 -34.24 12.99
CA PRO D 303 33.77 -33.80 13.95
C PRO D 303 35.16 -33.58 13.37
N LEU D 304 35.82 -32.54 13.87
CA LEU D 304 37.17 -32.22 13.47
C LEU D 304 38.11 -32.95 14.45
N GLU D 305 37.95 -34.26 14.51
CA GLU D 305 38.53 -35.12 15.56
C GLU D 305 39.89 -35.60 15.16
N LYS D 306 40.15 -35.58 13.85
CA LYS D 306 41.25 -36.29 13.20
C LYS D 306 41.72 -35.41 12.05
N PRO D 307 43.04 -35.31 11.85
CA PRO D 307 43.49 -34.54 10.68
C PRO D 307 42.96 -35.09 9.34
N TRP D 308 42.86 -34.22 8.35
CA TRP D 308 42.43 -34.63 7.00
C TRP D 308 43.62 -35.22 6.24
N LYS D 309 43.33 -35.90 5.14
CA LYS D 309 44.35 -36.61 4.36
C LYS D 309 45.43 -35.68 3.83
N SER D 310 46.68 -35.97 4.13
CA SER D 310 47.74 -35.15 3.59
C SER D 310 47.99 -35.53 2.14
N LYS D 311 47.84 -36.81 1.78
CA LYS D 311 48.10 -37.23 0.39
C LYS D 311 46.80 -37.14 -0.37
N ARG D 312 46.65 -36.12 -1.25
CA ARG D 312 45.48 -35.95 -2.14
C ARG D 312 45.96 -35.82 -3.59
N PRO D 313 45.23 -36.42 -4.53
CA PRO D 313 45.73 -36.49 -5.91
C PRO D 313 45.75 -35.17 -6.66
N LEU D 314 44.79 -34.30 -6.35
CA LEU D 314 44.68 -32.95 -6.90
C LEU D 314 44.09 -31.97 -5.87
N PRO D 315 44.19 -30.66 -6.14
CA PRO D 315 43.66 -29.71 -5.15
C PRO D 315 42.16 -29.78 -4.88
N ILE D 316 41.83 -30.03 -3.62
CA ILE D 316 40.45 -30.14 -3.15
C ILE D 316 40.40 -29.78 -1.67
N THR D 317 39.35 -29.03 -1.27
CA THR D 317 39.13 -28.79 0.18
C THR D 317 37.66 -28.67 0.48
N MET D 318 37.32 -28.32 1.72
CA MET D 318 35.93 -28.17 2.14
C MET D 318 35.77 -26.93 3.06
N ILE D 319 34.63 -26.26 2.97
CA ILE D 319 34.31 -25.11 3.82
C ILE D 319 32.86 -25.26 4.28
N GLY D 320 32.46 -24.46 5.25
CA GLY D 320 31.07 -24.45 5.70
C GLY D 320 30.74 -25.75 6.40
N ASP D 321 29.49 -26.17 6.35
CA ASP D 321 29.03 -27.32 7.08
C ASP D 321 29.64 -28.63 6.60
N ALA D 322 30.06 -28.64 5.33
CA ALA D 322 30.84 -29.76 4.75
C ALA D 322 32.07 -29.96 5.56
N ALA D 323 32.65 -28.88 6.02
CA ALA D 323 33.88 -28.94 6.76
C ALA D 323 33.62 -29.22 8.25
N HIS D 324 32.58 -28.64 8.84
CA HIS D 324 32.41 -28.72 10.31
C HIS D 324 30.99 -28.61 10.82
N LEU D 325 30.04 -29.14 10.08
CA LEU D 325 28.68 -29.28 10.57
C LEU D 325 28.71 -29.44 12.08
N MET D 326 27.99 -28.60 12.80
CA MET D 326 27.89 -28.74 14.24
C MET D 326 26.48 -28.36 14.72
N PRO D 327 26.08 -28.81 15.92
CA PRO D 327 24.74 -28.54 16.42
C PRO D 327 24.38 -27.04 16.42
N PRO D 328 23.12 -26.71 16.11
CA PRO D 328 22.69 -25.35 16.01
C PRO D 328 22.12 -24.79 17.31
N PHE D 329 22.89 -24.91 18.38
CA PHE D 329 22.44 -24.37 19.64
C PHE D 329 23.37 -23.26 20.11
N ALA D 330 24.55 -23.14 19.50
CA ALA D 330 25.52 -22.09 19.95
C ALA D 330 25.36 -20.88 19.04
N GLY D 331 24.29 -20.88 18.25
CA GLY D 331 24.15 -19.85 17.24
C GLY D 331 25.19 -19.95 16.13
N GLN D 332 26.35 -20.51 16.44
CA GLN D 332 27.40 -20.81 15.46
C GLN D 332 26.88 -21.70 14.32
N GLY D 333 27.62 -21.65 13.22
CA GLY D 333 27.21 -22.35 12.04
C GLY D 333 27.68 -21.57 10.85
N VAL D 334 26.86 -20.63 10.39
CA VAL D 334 27.18 -19.89 9.18
C VAL D 334 28.40 -18.96 9.45
N ASN D 335 28.50 -18.47 10.67
CA ASN D 335 29.55 -17.51 10.94
C ASN D 335 30.92 -18.15 10.74
N SER D 336 31.14 -19.33 11.29
CA SER D 336 32.44 -19.93 11.11
C SER D 336 32.63 -20.32 9.69
N GLY D 337 31.55 -20.71 9.02
CA GLY D 337 31.60 -20.99 7.56
C GLY D 337 32.05 -19.80 6.73
N LEU D 338 31.60 -18.61 7.13
CA LEU D 338 31.88 -17.43 6.36
C LEU D 338 33.29 -17.03 6.59
N VAL D 339 33.76 -17.22 7.81
CA VAL D 339 35.16 -17.07 8.10
C VAL D 339 35.99 -18.02 7.22
N ASP D 340 35.57 -19.29 7.07
CA ASP D 340 36.33 -20.21 6.25
C ASP D 340 36.43 -19.58 4.91
N ALA D 341 35.33 -18.98 4.46
CA ALA D 341 35.34 -18.34 3.16
C ALA D 341 36.48 -17.30 3.14
N LEU D 342 36.51 -16.45 4.14
CA LEU D 342 37.36 -15.29 4.09
C LEU D 342 38.83 -15.67 4.12
N ILE D 343 39.17 -16.63 4.99
CA ILE D 343 40.53 -17.14 5.12
C ILE D 343 41.01 -17.84 3.86
N LEU D 344 40.13 -18.63 3.27
CA LEU D 344 40.52 -19.38 2.08
C LEU D 344 40.71 -18.45 0.89
N SER D 345 39.83 -17.48 0.69
CA SER D 345 39.98 -16.61 -0.47
C SER D 345 41.19 -15.75 -0.34
N ASP D 346 41.35 -15.16 0.84
CA ASP D 346 42.57 -14.45 1.14
C ASP D 346 43.76 -15.33 0.76
N ASN D 347 43.83 -16.53 1.33
CA ASN D 347 44.97 -17.42 1.06
C ASN D 347 45.17 -17.68 -0.42
N LEU D 348 44.07 -17.88 -1.15
CA LEU D 348 44.18 -18.14 -2.59
C LEU D 348 44.57 -16.91 -3.43
N ALA D 349 44.30 -15.71 -2.91
CA ALA D 349 44.55 -14.49 -3.66
C ALA D 349 46.01 -14.14 -3.62
N ASP D 350 46.47 -13.75 -2.44
CA ASP D 350 47.75 -13.08 -2.27
C ASP D 350 48.91 -13.58 -3.14
N GLY D 351 48.96 -14.89 -3.35
CA GLY D 351 50.17 -15.51 -3.89
C GLY D 351 51.31 -15.25 -2.90
N LYS D 352 50.95 -15.34 -1.62
CA LYS D 352 51.96 -15.37 -0.55
C LYS D 352 52.56 -16.77 -0.51
N PHE D 353 51.69 -17.77 -0.75
CA PHE D 353 52.07 -19.19 -0.72
C PHE D 353 52.70 -19.67 -2.02
N ASN D 354 53.49 -20.73 -1.93
CA ASN D 354 54.17 -21.31 -3.10
C ASN D 354 53.25 -22.12 -4.00
N SER D 355 52.21 -22.73 -3.42
CA SER D 355 51.33 -23.64 -4.15
C SER D 355 49.91 -23.62 -3.61
N ILE D 356 48.95 -23.91 -4.48
CA ILE D 356 47.54 -24.02 -4.07
C ILE D 356 47.40 -24.94 -2.88
N GLU D 357 48.10 -26.07 -2.98
CA GLU D 357 48.14 -27.10 -1.94
C GLU D 357 48.60 -26.54 -0.56
N GLU D 358 49.63 -25.70 -0.55
CA GLU D 358 50.03 -24.99 0.68
C GLU D 358 48.95 -24.01 1.17
N ALA D 359 48.33 -23.27 0.25
CA ALA D 359 47.30 -22.29 0.59
C ALA D 359 46.16 -22.97 1.30
N VAL D 360 45.75 -24.12 0.77
CA VAL D 360 44.68 -24.93 1.36
C VAL D 360 45.16 -25.39 2.76
N LYS D 361 46.37 -25.95 2.81
CA LYS D 361 46.81 -26.56 4.05
C LYS D 361 46.73 -25.52 5.16
N ASN D 362 47.17 -24.29 4.86
CA ASN D 362 47.15 -23.23 5.86
C ASN D 362 45.74 -22.86 6.30
N TYR D 363 44.84 -22.72 5.32
CA TYR D 363 43.45 -22.43 5.64
C TYR D 363 42.95 -23.52 6.58
N GLU D 364 43.19 -24.77 6.24
CA GLU D 364 42.74 -25.87 7.06
C GLU D 364 43.36 -25.84 8.46
N GLN D 365 44.64 -25.55 8.55
CA GLN D 365 45.23 -25.41 9.89
C GLN D 365 44.48 -24.41 10.81
N GLN D 366 44.07 -23.25 10.24
CA GLN D 366 43.40 -22.20 11.03
C GLN D 366 42.00 -22.66 11.43
N MET D 367 41.34 -23.30 10.46
CA MET D 367 39.93 -23.70 10.61
C MET D 367 39.81 -24.82 11.66
N PHE D 368 40.73 -25.76 11.65
CA PHE D 368 40.75 -26.76 12.72
C PHE D 368 40.73 -26.11 14.12
N ILE D 369 41.48 -25.01 14.31
CA ILE D 369 41.48 -24.35 15.61
C ILE D 369 40.14 -23.65 15.95
N TYR D 370 39.64 -22.76 15.08
CA TYR D 370 38.43 -22.02 15.47
C TYR D 370 37.21 -22.89 15.37
N GLY D 371 37.25 -23.80 14.39
CA GLY D 371 36.19 -24.80 14.20
C GLY D 371 35.99 -25.72 15.39
N LYS D 372 37.08 -26.27 15.90
CA LYS D 372 37.00 -27.06 17.12
C LYS D 372 36.45 -26.24 18.27
N GLU D 373 36.87 -24.97 18.34
CA GLU D 373 36.42 -24.06 19.42
C GLU D 373 34.91 -23.98 19.41
N ALA D 374 34.36 -23.71 18.23
CA ALA D 374 32.92 -23.61 18.01
C ALA D 374 32.21 -24.95 18.33
N GLN D 375 32.78 -26.05 17.87
CA GLN D 375 32.14 -27.36 18.04
C GLN D 375 32.00 -27.64 19.50
N GLU D 376 33.05 -27.36 20.26
CA GLU D 376 33.04 -27.54 21.70
C GLU D 376 31.92 -26.70 22.30
N GLU D 377 31.86 -25.44 21.88
CA GLU D 377 30.90 -24.48 22.42
C GLU D 377 29.47 -24.98 22.12
N SER D 378 29.26 -25.52 20.94
CA SER D 378 27.94 -25.94 20.56
C SER D 378 27.60 -27.27 21.23
N THR D 379 28.58 -28.17 21.31
CA THR D 379 28.39 -29.44 21.98
C THR D 379 28.03 -29.18 23.42
N GLN D 380 28.82 -28.32 24.06
CA GLN D 380 28.71 -28.15 25.49
C GLN D 380 27.40 -27.45 25.79
N ASN D 381 26.98 -26.55 24.91
CA ASN D 381 25.67 -25.94 25.07
C ASN D 381 24.54 -26.94 24.87
N GLU D 382 24.66 -27.77 23.86
CA GLU D 382 23.75 -28.90 23.69
C GLU D 382 23.68 -29.74 24.97
N ILE D 383 24.82 -30.13 25.52
CA ILE D 383 24.79 -30.90 26.77
C ILE D 383 24.07 -30.11 27.87
N GLU D 384 24.46 -28.86 28.01
CA GLU D 384 23.92 -27.99 29.07
C GLU D 384 22.40 -27.89 29.01
N MET D 385 21.89 -27.61 27.81
CA MET D 385 20.49 -27.27 27.61
C MET D 385 19.52 -28.42 27.84
N PHE D 386 19.97 -29.62 27.52
CA PHE D 386 19.19 -30.82 27.75
C PHE D 386 19.46 -31.48 29.10
N LYS D 387 20.40 -30.94 29.87
CA LYS D 387 20.51 -31.36 31.25
C LYS D 387 19.12 -31.13 31.83
N PRO D 388 18.58 -32.13 32.55
CA PRO D 388 17.20 -32.17 33.05
C PRO D 388 16.59 -30.84 33.55
N ASP D 389 17.32 -30.10 34.40
CA ASP D 389 16.75 -28.93 35.10
C ASP D 389 17.21 -27.58 34.50
N PHE D 390 17.52 -27.56 33.22
CA PHE D 390 17.97 -26.34 32.54
C PHE D 390 16.93 -25.19 32.53
N THR D 391 17.43 -23.97 32.74
CA THR D 391 16.69 -22.73 32.47
C THR D 391 17.64 -21.76 31.75
N PHE D 392 17.11 -21.01 30.78
CA PHE D 392 17.91 -20.11 29.93
C PHE D 392 18.60 -18.95 30.67
N GLN D 393 18.12 -18.61 31.87
CA GLN D 393 18.81 -17.62 32.72
C GLN D 393 19.00 -18.14 34.14
PA FAD E . -10.98 -17.42 -8.09
O1A FAD E . -10.50 -17.67 -9.48
O2A FAD E . -10.32 -16.32 -7.36
O5B FAD E . -11.29 -18.70 -7.19
C5B FAD E . -11.63 -19.90 -7.87
C4B FAD E . -11.28 -21.10 -6.99
O4B FAD E . -11.85 -22.29 -7.45
C3B FAD E . -9.78 -21.35 -6.96
O3B FAD E . -9.51 -21.73 -5.61
C2B FAD E . -9.56 -22.56 -7.85
O2B FAD E . -8.49 -23.29 -7.28
C1B FAD E . -10.87 -23.25 -7.67
N9A FAD E . -11.26 -24.10 -8.78
C8A FAD E . -11.14 -23.92 -10.14
N7A FAD E . -11.66 -25.03 -10.72
C5A FAD E . -12.10 -25.86 -9.76
C6A FAD E . -12.65 -27.10 -9.77
N6A FAD E . -12.94 -27.69 -10.92
N1A FAD E . -12.94 -27.72 -8.58
C2A FAD E . -12.67 -27.13 -7.37
N3A FAD E . -12.11 -25.89 -7.36
C4A FAD E . -11.81 -25.30 -8.55
N1 FAD E . -10.05 -8.26 -9.00
C2 FAD E . -10.08 -7.18 -8.15
O2 FAD E . -11.11 -6.96 -7.50
N3 FAD E . -8.98 -6.32 -8.06
C4 FAD E . -7.85 -6.58 -8.81
O4 FAD E . -6.88 -5.80 -8.76
C4X FAD E . -7.79 -7.70 -9.64
N5 FAD E . -6.64 -8.00 -10.40
C5X FAD E . -6.64 -9.14 -11.23
C6 FAD E . -5.52 -9.44 -12.02
C7 FAD E . -5.50 -10.57 -12.84
C7M FAD E . -4.32 -10.93 -13.68
C8 FAD E . -6.60 -11.40 -12.88
C8M FAD E . -6.55 -12.59 -13.79
C9 FAD E . -7.74 -11.10 -12.12
C9A FAD E . -7.78 -9.98 -11.28
N10 FAD E . -8.89 -9.65 -10.52
C10 FAD E . -8.91 -8.52 -9.72
C1' FAD E . -10.11 -10.48 -10.46
C2' FAD E . -10.03 -11.22 -9.09
O2' FAD E . -8.77 -11.76 -8.88
C3' FAD E . -11.08 -12.30 -9.00
O3' FAD E . -12.23 -11.56 -9.34
C4' FAD E . -11.30 -13.03 -7.67
O4' FAD E . -10.15 -13.82 -7.22
C5' FAD E . -12.50 -13.88 -8.04
O5' FAD E . -12.84 -14.72 -7.01
P FAD E . -13.40 -16.10 -7.37
O1P FAD E . -13.11 -16.72 -6.02
O2P FAD E . -14.79 -15.98 -7.82
O3P FAD E . -12.45 -16.80 -8.45
O12 I7T F . -5.58 -3.34 -9.13
C12 I7T F . -5.34 -3.23 -10.42
C1B I7T F . -5.96 -2.25 -11.08
C11 I7T F . -6.87 -1.27 -10.42
O11 I7T F . -7.13 -1.35 -9.20
C1A I7T F . -7.48 -0.13 -11.18
C10 I7T F . -8.58 0.59 -10.67
O10 I7T F . -9.04 0.28 -9.47
C9 I7T F . -9.19 1.63 -11.41
C8 I7T F . -8.68 1.93 -12.66
C7 I7T F . -7.58 1.24 -13.16
C61 I7T F . -6.99 0.17 -12.44
C6 I7T F . -5.79 -0.65 -12.97
C5 I7T F . -4.38 -2.76 -12.93
C1C I7T F . -4.37 -4.25 -11.03
C1 I7T F . -2.93 -3.91 -10.58
O1 I7T F . -2.67 -3.03 -9.77
O1C I7T F . -4.70 -5.51 -10.46
C41 I7T F . -4.36 -4.25 -12.56
C4 I7T F . -3.16 -4.98 -13.24
N4 I7T F . -3.44 -6.19 -14.08
C42 I7T F . -3.94 -5.81 -15.39
C43 I7T F . -4.39 -7.12 -13.45
C3 I7T F . -1.98 -5.25 -12.33
O3 I7T F . -0.99 -6.01 -12.83
C2 I7T F . -1.85 -4.69 -11.10
C21 I7T F . -0.64 -4.85 -10.23
C5A I7T F . -5.72 -2.12 -12.54
O21 I7T F . 0.25 -5.69 -10.44
I7 I7T F . -7.00 1.65 -14.93
N21 I7T F . -0.49 -4.02 -9.21
S SO4 G . -8.29 -37.55 0.36
O1 SO4 G . -8.50 -38.97 0.04
O2 SO4 G . -9.28 -36.78 -0.38
O3 SO4 G . -8.58 -37.30 1.76
O4 SO4 G . -6.95 -37.10 -0.04
S SO4 H . -7.92 -22.09 -14.68
O1 SO4 H . -8.46 -23.44 -14.47
O2 SO4 H . -8.75 -21.08 -14.03
O3 SO4 H . -6.59 -22.03 -14.09
O4 SO4 H . -7.91 -21.80 -16.12
S SO4 I . 3.08 -24.05 -3.80
O1 SO4 I . 3.45 -25.46 -3.79
O2 SO4 I . 1.71 -23.95 -4.29
O3 SO4 I . 3.21 -23.49 -2.44
O4 SO4 I . 3.98 -23.32 -4.68
PA FAD J . -2.42 31.38 -28.12
O1A FAD J . -1.27 32.12 -27.68
O2A FAD J . -2.28 30.73 -29.44
O5B FAD J . -3.79 32.27 -28.05
C5B FAD J . -3.96 33.23 -27.05
C4B FAD J . -4.99 34.19 -27.54
O4B FAD J . -5.39 35.05 -26.52
C3B FAD J . -4.51 35.06 -28.72
O3B FAD J . -5.56 35.35 -29.67
C2B FAD J . -4.22 36.36 -28.06
O2B FAD J . -4.42 37.34 -28.98
C1B FAD J . -5.28 36.39 -26.92
N9A FAD J . -4.87 37.27 -25.83
C8A FAD J . -3.58 37.49 -25.30
N7A FAD J . -3.67 38.43 -24.30
C5A FAD J . -4.99 38.78 -24.22
C6A FAD J . -5.68 39.67 -23.38
N6A FAD J . -5.13 40.23 -22.29
N1A FAD J . -7.03 39.80 -23.55
C2A FAD J . -7.70 39.08 -24.53
N3A FAD J . -7.03 38.20 -25.33
C4A FAD J . -5.71 38.05 -25.16
N1 FAD J . 2.43 24.05 -30.90
C2 FAD J . 2.16 22.87 -31.56
O2 FAD J . 1.30 22.08 -31.14
N3 FAD J . 2.88 22.58 -32.68
C4 FAD J . 3.86 23.43 -33.14
O4 FAD J . 4.50 23.13 -34.12
C4X FAD J . 4.15 24.62 -32.53
N5 FAD J . 5.13 25.48 -33.03
C5X FAD J . 5.38 26.66 -32.33
C6 FAD J . 6.38 27.55 -32.75
C7 FAD J . 6.63 28.75 -32.09
C7M FAD J . 7.69 29.70 -32.57
C8 FAD J . 5.86 29.05 -30.97
C8M FAD J . 6.04 30.32 -30.18
C9 FAD J . 4.88 28.16 -30.51
C9A FAD J . 4.62 26.97 -31.18
N10 FAD J . 3.62 26.10 -30.72
C10 FAD J . 3.40 24.91 -31.39
C1' FAD J . 2.73 26.35 -29.54
C2' FAD J . 1.34 26.73 -30.10
O2' FAD J . 1.56 27.56 -31.22
C3' FAD J . 0.37 27.32 -29.06
O3' FAD J . 0.38 26.41 -27.99
C4' FAD J . -1.07 27.35 -29.55
O4' FAD J . -1.33 28.51 -30.34
C5' FAD J . -2.06 27.10 -28.37
O5' FAD J . -2.09 28.12 -27.50
P FAD J . -3.36 28.96 -26.90
O1P FAD J . -4.53 29.00 -27.77
O2P FAD J . -3.65 28.42 -25.53
O3P FAD J . -2.83 30.43 -26.77
O12 I7T K . 6.38 22.05 -35.48
C12 I7T K . 7.62 22.18 -35.05
C1B I7T K . 8.32 21.15 -34.51
C11 I7T K . 7.71 19.80 -34.36
O11 I7T K . 6.51 19.64 -34.73
C1A I7T K . 8.52 18.62 -33.85
C10 I7T K . 7.95 17.41 -33.40
O10 I7T K . 6.64 17.23 -33.46
C9 I7T K . 8.72 16.37 -32.90
C8 I7T K . 10.10 16.51 -32.83
C7 I7T K . 10.67 17.70 -33.26
C61 I7T K . 9.90 18.77 -33.75
C6 I7T K . 10.58 20.09 -34.23
C5 I7T K . 10.36 22.59 -34.71
C1C I7T K . 8.18 23.56 -35.28
C1 I7T K . 8.44 23.73 -36.77
O1 I7T K . 8.24 22.84 -37.58
O1C I7T K . 7.18 24.44 -34.86
C41 I7T K . 9.49 23.83 -34.55
C4 I7T K . 10.21 25.13 -35.01
N4 I7T K . 10.22 26.27 -34.06
C42 I7T K . 11.37 26.28 -33.17
C43 I7T K . 9.06 26.17 -33.20
C3 I7T K . 9.85 25.63 -36.38
O3 I7T K . 10.46 26.78 -36.76
C2 I7T K . 9.02 24.96 -37.23
C21 I7T K . 8.74 25.37 -38.64
C5A I7T K . 9.73 21.37 -34.04
O21 I7T K . 9.20 26.37 -39.15
I7 I7T K . 12.55 17.87 -33.11
N21 I7T K . 8.03 24.57 -39.42
S SO4 L . -16.76 47.94 -29.75
O1 SO4 L . -15.46 47.29 -29.98
O2 SO4 L . -17.46 47.40 -28.58
O3 SO4 L . -16.57 49.37 -29.51
O4 SO4 L . -17.64 47.77 -30.90
S SO4 M . 2.17 38.06 -26.06
O1 SO4 M . 3.60 38.04 -25.71
O2 SO4 M . 1.74 36.67 -26.34
O3 SO4 M . 1.44 38.61 -24.92
O4 SO4 M . 1.89 38.91 -27.22
S SO4 N . -3.27 42.46 -40.07
O1 SO4 N . -1.97 42.84 -40.61
O2 SO4 N . -3.91 41.56 -41.04
O3 SO4 N . -3.11 41.76 -38.78
O4 SO4 N . -4.07 43.67 -39.83
PA FAD O . -10.48 10.88 33.24
O1A FAD O . -11.60 11.70 33.72
O2A FAD O . -10.76 9.42 33.02
O5B FAD O . -9.13 11.19 33.96
C5B FAD O . -8.78 12.56 34.28
C4B FAD O . -7.66 12.60 35.29
O4B FAD O . -7.16 13.90 35.64
C3B FAD O . -8.10 11.96 36.62
O3B FAD O . -7.02 11.22 37.18
C2B FAD O . -8.36 13.13 37.52
O2B FAD O . -8.07 12.84 38.87
C1B FAD O . -7.32 14.09 37.01
N9A FAD O . -7.66 15.46 37.28
C8A FAD O . -8.86 16.13 37.33
N7A FAD O . -8.58 17.46 37.66
C5A FAD O . -7.23 17.59 37.83
C6A FAD O . -6.33 18.65 38.10
N6A FAD O . -6.68 19.88 38.46
N1A FAD O . -4.99 18.42 38.14
C2A FAD O . -4.50 17.17 37.94
N3A FAD O . -5.37 16.14 37.67
C4A FAD O . -6.68 16.34 37.60
N1 FAD O . -16.11 5.31 28.39
C2 FAD O . -15.87 4.12 27.76
O2 FAD O . -14.99 4.13 26.90
N3 FAD O . -16.57 2.96 28.10
C4 FAD O . -17.53 3.05 29.12
O4 FAD O . -18.18 2.05 29.44
C4X FAD O . -17.78 4.30 29.78
N5 FAD O . -18.72 4.45 30.79
C5X FAD O . -18.91 5.69 31.40
C6 FAD O . -19.89 5.82 32.41
C7 FAD O . -20.11 7.03 33.04
C7M FAD O . -21.14 7.17 34.11
C8 FAD O . -19.38 8.15 32.67
C8M FAD O . -19.67 9.46 33.39
C9 FAD O . -18.39 8.06 31.65
C9A FAD O . -18.15 6.83 31.00
N10 FAD O . -17.22 6.69 29.98
C10 FAD O . -17.05 5.44 29.39
C1' FAD O . -16.30 7.80 29.53
C2' FAD O . -14.87 7.42 30.04
O2' FAD O . -14.81 6.99 31.39
C3' FAD O . -13.80 8.48 29.77
O3' FAD O . -13.75 8.77 28.37
C4' FAD O . -12.36 8.11 30.15
O4' FAD O . -12.07 7.63 31.51
C5' FAD O . -11.77 9.50 29.94
O5' FAD O . -10.45 9.46 30.15
P FAD O . -9.71 10.76 30.48
O1P FAD O . -8.36 10.18 30.84
O2P FAD O . -9.52 11.60 29.24
O3P FAD O . -10.32 11.53 31.73
O12 I7T P . -20.21 0.41 29.53
C12 I7T P . -21.39 1.03 29.44
C1B I7T P . -22.06 1.11 28.26
C11 I7T P . -21.54 0.56 26.98
O11 I7T P . -20.42 -0.02 26.90
C1A I7T P . -22.45 0.39 25.80
C10 I7T P . -21.94 0.00 24.54
O10 I7T P . -20.63 -0.22 24.40
C9 I7T P . -22.78 -0.15 23.42
C8 I7T P . -24.15 0.07 23.54
C7 I7T P . -24.68 0.43 24.78
C61 I7T P . -23.83 0.61 25.92
C6 I7T P . -24.36 1.01 27.31
C5 I7T P . -24.01 2.03 29.58
C1C I7T P . -21.91 1.58 30.77
C1 I7T P . -22.29 0.44 31.70
O1 I7T P . -22.03 -0.71 31.38
O1C I7T P . -20.78 2.31 31.26
C41 I7T P . -23.06 2.56 30.66
C4 I7T P . -23.87 2.84 31.97
N4 I7T P . -24.06 4.29 32.37
C42 I7T P . -25.11 4.51 33.42
C43 I7T P . -24.54 5.08 31.20
C3 I7T P . -23.58 1.89 33.12
O3 I7T P . -24.16 2.16 34.30
C2 I7T P . -22.91 0.74 32.99
C21 I7T P . -22.76 -0.24 34.12
C5A I7T P . -23.38 1.80 28.20
O21 I7T P . -23.48 -0.16 35.12
I7 I7T P . -26.58 0.71 24.78
N21 I7T P . -21.90 -1.25 34.05
S SO4 Q . 5.45 16.18 47.85
O1 SO4 Q . 6.19 16.24 46.59
O2 SO4 Q . 5.94 15.03 48.61
O3 SO4 Q . 5.75 17.40 48.63
O4 SO4 Q . 4.00 16.12 47.60
S SO4 R . -14.21 16.34 38.34
O1 SO4 R . -14.22 15.96 39.75
O2 SO4 R . -15.06 15.44 37.55
O3 SO4 R . -14.77 17.69 38.25
O4 SO4 R . -12.84 16.30 37.82
S SO4 S . -9.31 5.63 48.80
O1 SO4 S . -8.59 4.55 48.11
O2 SO4 S . -10.63 5.16 49.26
O3 SO4 S . -8.59 5.95 50.04
O4 SO4 S . -9.40 6.81 47.92
PA FAD T . 24.30 -25.31 3.27
O1A FAD T . 23.62 -26.56 3.76
O2A FAD T . 23.59 -24.07 3.70
O5B FAD T . 24.71 -25.22 1.75
C5B FAD T . 24.58 -26.34 0.92
C4B FAD T . 24.25 -25.98 -0.50
O4B FAD T . 24.83 -26.91 -1.39
C3B FAD T . 22.74 -25.91 -0.79
O3B FAD T . 22.47 -24.88 -1.73
C2B FAD T . 22.53 -27.28 -1.42
O2B FAD T . 21.47 -27.23 -2.29
C1B FAD T . 23.82 -27.51 -2.17
N9A FAD T . 24.04 -28.92 -2.42
C8A FAD T . 23.73 -30.03 -1.62
N7A FAD T . 24.07 -31.15 -2.35
C5A FAD T . 24.56 -30.75 -3.56
C6A FAD T . 25.09 -31.43 -4.65
N6A FAD T . 25.14 -32.76 -4.65
N1A FAD T . 25.55 -30.71 -5.76
C2A FAD T . 25.52 -29.34 -5.80
N3A FAD T . 24.96 -28.67 -4.72
C4A FAD T . 24.52 -29.37 -3.62
N1 FAD T . 23.68 -21.59 11.74
C2 FAD T . 23.78 -20.29 12.21
O2 FAD T . 24.86 -19.73 11.95
N3 FAD T . 22.73 -19.69 12.95
C4 FAD T . 21.57 -20.45 13.22
O4 FAD T . 20.61 -20.03 13.87
C4X FAD T . 21.46 -21.78 12.74
N5 FAD T . 20.30 -22.53 12.95
C5X FAD T . 20.24 -23.81 12.43
C6 FAD T . 19.10 -24.60 12.66
C7 FAD T . 19.02 -25.89 12.15
C7M FAD T . 17.81 -26.77 12.38
C8 FAD T . 20.09 -26.40 11.41
C8M FAD T . 20.02 -27.81 10.85
C9 FAD T . 21.24 -25.62 11.17
C9A FAD T . 21.33 -24.34 11.68
N10 FAD T . 22.48 -23.57 11.48
C10 FAD T . 22.53 -22.31 12.00
C1' FAD T . 23.66 -23.98 10.65
C2' FAD T . 23.40 -23.22 9.31
O2' FAD T . 22.09 -23.38 8.77
C3' FAD T . 24.39 -23.67 8.30
O3' FAD T . 25.63 -23.63 8.92
C4' FAD T . 24.60 -22.79 7.10
O4' FAD T . 23.48 -22.67 6.19
C5' FAD T . 25.74 -23.61 6.54
O5' FAD T . 26.02 -23.13 5.32
P FAD T . 26.69 -24.05 4.24
O1P FAD T . 26.86 -23.21 2.96
O2P FAD T . 28.01 -24.58 4.65
O3P FAD T . 25.70 -25.29 4.08
O12 I7T U . 19.24 -19.30 15.78
C12 I7T U . 18.98 -20.24 16.67
C1B I7T U . 19.66 -20.28 17.84
C11 I7T U . 20.70 -19.28 18.19
O11 I7T U . 21.04 -18.37 17.38
C1A I7T U . 21.20 -19.18 19.63
C10 I7T U . 22.26 -18.31 19.95
O10 I7T U . 22.82 -17.52 19.02
C9 I7T U . 22.76 -18.26 21.26
C8 I7T U . 22.21 -19.05 22.28
C7 I7T U . 21.16 -19.91 21.98
C61 I7T U . 20.65 -19.98 20.65
C6 I7T U . 19.48 -20.92 20.29
C5 I7T U . 18.04 -22.10 18.60
C1C I7T U . 17.87 -21.21 16.29
C1 I7T U . 16.49 -20.54 16.38
O1 I7T U . 16.29 -19.37 16.62
O1C I7T U . 18.14 -21.62 14.96
C41 I7T U . 17.84 -22.48 17.12
C4 I7T U . 16.57 -23.37 16.93
N4 I7T U . 16.79 -24.69 16.26
C42 I7T U . 15.78 -25.67 16.71
C43 I7T U . 18.08 -25.30 16.63
C3 I7T U . 15.34 -22.66 16.36
O3 I7T U . 14.23 -23.38 16.14
C2 I7T U . 15.31 -21.33 16.15
C21 I7T U . 14.09 -20.65 15.66
C5A I7T U . 19.37 -21.38 18.83
O21 I7T U . 13.01 -21.12 16.00
I7 I7T U . 20.51 -20.93 23.49
N21 I7T U . 14.11 -19.55 14.90
S SO4 V . 20.84 -26.77 -18.57
O1 SO4 V . 20.98 -27.97 -19.39
O2 SO4 V . 20.15 -27.16 -17.32
O3 SO4 V . 22.15 -26.20 -18.27
O4 SO4 V . 20.08 -25.82 -19.36
S SO4 W . 20.44 -33.28 2.09
O1 SO4 W . 21.06 -32.04 1.61
O2 SO4 W . 20.71 -34.34 1.12
O3 SO4 W . 21.05 -33.63 3.37
O4 SO4 W . 18.99 -33.12 2.21
S SO4 X . 9.81 -24.27 -4.31
O1 SO4 X . 11.12 -24.89 -4.51
O2 SO4 X . 9.26 -24.56 -2.97
O3 SO4 X . 9.89 -22.82 -4.49
O4 SO4 X . 8.84 -24.73 -5.31
#